data_8SI1
#
_entry.id   8SI1
#
_cell.length_a   105.550
_cell.length_b   155.313
_cell.length_c   286.360
_cell.angle_alpha   90.000
_cell.angle_beta   90.000
_cell.angle_gamma   90.000
#
_symmetry.space_group_name_H-M   'C 2 2 21'
#
loop_
_entity.id
_entity.type
_entity.pdbx_description
1 polymer '16A8 Light Chain'
2 polymer '16A8 Heavy Chain'
3 polymer Conglutin
#
loop_
_entity_poly.entity_id
_entity_poly.type
_entity_poly.pdbx_seq_one_letter_code
_entity_poly.pdbx_strand_id
1 'polypeptide(L)'
;SYVLTQPPSMSVAPGTTASIPCGANNIAKKRVHWYRQKPGQAPVVVVSDDEDRSSVIPDRFSGSKSGDTATLTISRVEAG
DEGDYYCQVWDSKTDHVVFGGGTKVTVLRTVAAPSVFIFPPSDEQLKSGTASVVCLLNNFYPREAKVQWKVDNALQSGNS
QESVTEQDSKDSTYSLSSTLTLSKADYEKHKVYACEVTHQGLSSPVTKSFNRGEC
;
L,A,C
2 'polypeptide(L)'
;QVQLVQSGPDVRKPGATVKVSCQTSGYRFTDYEMNWVRQAPGQGLEWIGLINPHSGDTAYAQKFQGRVTMTSDTSDSTVY
LELSGLTPDDTAVYYCARSQGTFEVYYFVSWGQGSLVTVSSASTKGPSVFPLAPSSKSTSGGTAALGCLVKDYFPEPVTV
SWNSGALTSGVHTFPAVLQSSGLYSLSSVVTVPSSSLGTQTYICNVNHKPSNTKVDKKVEPKSC
;
H,B,D
3 'polypeptide(L)'
;MSCERQVDRVNLKPCEQHIMQRIMGEQEQYDSYDIRSTRSSDQQQRCCDELNEMENTQGCMCEALQQIMENQCDRLQDRQ
MVQQFKRELMSLPQQCNFRAPQRCDLDVSGGRCSGSHHHHHH
;
E,G,F
#
# COMPACT_ATOMS: atom_id res chain seq x y z
N SER A 1 -42.35 -3.03 10.53
CA SER A 1 -41.68 -4.09 9.80
C SER A 1 -40.44 -3.55 9.08
N TYR A 2 -39.43 -3.14 9.86
CA TYR A 2 -38.19 -2.63 9.30
C TYR A 2 -37.27 -3.79 8.96
N VAL A 3 -36.98 -3.96 7.68
CA VAL A 3 -36.22 -5.10 7.19
C VAL A 3 -34.78 -4.67 6.90
N LEU A 4 -33.82 -5.42 7.43
CA LEU A 4 -32.40 -5.22 7.15
C LEU A 4 -31.92 -6.38 6.30
N THR A 5 -31.40 -6.08 5.11
CA THR A 5 -31.00 -7.09 4.16
C THR A 5 -29.47 -7.23 4.16
N GLN A 6 -29.00 -8.47 4.30
CA GLN A 6 -27.58 -8.77 4.33
C GLN A 6 -27.28 -9.90 3.35
N PRO A 7 -26.10 -9.92 2.75
CA PRO A 7 -25.72 -11.04 1.88
C PRO A 7 -25.67 -12.34 2.64
N PRO A 8 -26.18 -13.44 2.08
CA PRO A 8 -26.16 -14.72 2.80
C PRO A 8 -24.76 -15.21 3.14
N SER A 9 -23.78 -15.00 2.25
CA SER A 9 -22.44 -15.52 2.47
C SER A 9 -21.44 -14.64 1.73
N MET A 10 -20.18 -14.72 2.19
CA MET A 10 -19.09 -13.98 1.58
C MET A 10 -17.80 -14.78 1.74
N SER A 11 -16.98 -14.77 0.68
CA SER A 11 -15.66 -15.39 0.70
C SER A 11 -14.63 -14.30 0.43
N VAL A 12 -13.63 -14.19 1.30
CA VAL A 12 -12.62 -13.14 1.24
C VAL A 12 -11.23 -13.79 1.25
N ALA A 13 -10.37 -13.35 0.35
CA ALA A 13 -9.00 -13.85 0.30
C ALA A 13 -8.24 -13.37 1.53
N PRO A 14 -7.33 -14.17 2.07
CA PRO A 14 -6.57 -13.75 3.25
C PRO A 14 -5.71 -12.53 2.95
N GLY A 15 -5.63 -11.63 3.93
CA GLY A 15 -4.82 -10.44 3.81
C GLY A 15 -5.47 -9.28 3.08
N THR A 16 -6.66 -9.47 2.52
CA THR A 16 -7.36 -8.43 1.79
C THR A 16 -8.38 -7.75 2.69
N THR A 17 -9.09 -6.78 2.13
CA THR A 17 -10.13 -6.05 2.84
C THR A 17 -11.50 -6.63 2.50
N ALA A 18 -12.36 -6.72 3.51
CA ALA A 18 -13.70 -7.26 3.38
C ALA A 18 -14.73 -6.16 3.59
N SER A 19 -15.83 -6.22 2.86
CA SER A 19 -16.92 -5.27 3.00
C SER A 19 -18.24 -6.02 3.02
N ILE A 20 -18.94 -5.96 4.15
CA ILE A 20 -20.22 -6.63 4.33
C ILE A 20 -21.32 -5.57 4.29
N PRO A 21 -22.13 -5.53 3.24
CA PRO A 21 -23.20 -4.54 3.18
C PRO A 21 -24.35 -4.86 4.12
N CYS A 22 -25.08 -3.82 4.50
CA CYS A 22 -26.29 -3.94 5.31
C CYS A 22 -27.28 -2.88 4.80
N GLY A 23 -28.26 -3.32 4.04
CA GLY A 23 -29.13 -2.37 3.36
C GLY A 23 -30.54 -2.28 3.90
N ALA A 24 -30.92 -1.09 4.36
CA ALA A 24 -32.28 -0.76 4.75
C ALA A 24 -32.65 0.59 4.15
N ASN A 25 -33.91 0.99 4.32
CA ASN A 25 -34.37 2.27 3.84
C ASN A 25 -33.86 3.37 4.78
N ASN A 26 -32.98 4.23 4.26
CA ASN A 26 -32.44 5.37 5.01
C ASN A 26 -31.72 4.93 6.29
N ILE A 27 -30.92 3.87 6.17
CA ILE A 27 -30.17 3.37 7.32
C ILE A 27 -29.14 4.36 7.82
N ALA A 28 -28.75 5.33 7.01
CA ALA A 28 -27.78 6.33 7.45
C ALA A 28 -28.31 7.14 8.61
N LYS A 29 -29.60 7.49 8.58
CA LYS A 29 -30.21 8.23 9.69
C LYS A 29 -30.24 7.43 10.97
N LYS A 30 -30.18 6.10 10.89
CA LYS A 30 -30.17 5.26 12.08
C LYS A 30 -28.75 4.92 12.51
N ARG A 31 -28.63 4.31 13.68
CA ARG A 31 -27.34 3.88 14.22
C ARG A 31 -27.16 2.39 13.93
N VAL A 32 -26.05 2.05 13.29
CA VAL A 32 -25.78 0.68 12.84
C VAL A 32 -24.66 0.10 13.69
N HIS A 33 -24.92 -1.09 14.25
CA HIS A 33 -23.93 -1.82 15.04
C HIS A 33 -23.75 -3.22 14.45
N TRP A 34 -22.51 -3.70 14.44
CA TRP A 34 -22.17 -4.98 13.84
C TRP A 34 -21.74 -5.97 14.91
N TYR A 35 -22.26 -7.19 14.83
CA TYR A 35 -21.93 -8.27 15.75
C TYR A 35 -21.33 -9.43 14.98
N ARG A 36 -20.30 -10.05 15.54
CA ARG A 36 -19.67 -11.24 14.97
C ARG A 36 -19.95 -12.41 15.91
N GLN A 37 -20.54 -13.47 15.36
CA GLN A 37 -20.91 -14.65 16.15
C GLN A 37 -20.13 -15.85 15.63
N LYS A 38 -19.20 -16.34 16.44
CA LYS A 38 -18.56 -17.61 16.14
C LYS A 38 -19.55 -18.76 16.37
N PRO A 39 -19.43 -19.85 15.61
CA PRO A 39 -20.35 -20.98 15.78
C PRO A 39 -20.26 -21.54 17.19
N GLY A 40 -21.44 -21.82 17.77
CA GLY A 40 -21.52 -22.34 19.12
C GLY A 40 -21.26 -21.34 20.22
N GLN A 41 -21.23 -20.05 19.91
CA GLN A 41 -20.94 -19.02 20.90
C GLN A 41 -21.93 -17.87 20.74
N ALA A 42 -22.07 -17.09 21.81
CA ALA A 42 -22.89 -15.90 21.76
C ALA A 42 -22.24 -14.86 20.86
N PRO A 43 -23.03 -14.05 20.16
CA PRO A 43 -22.45 -13.02 19.28
C PRO A 43 -21.67 -11.98 20.08
N VAL A 44 -20.64 -11.43 19.44
CA VAL A 44 -19.77 -10.44 20.04
C VAL A 44 -19.75 -9.20 19.15
N VAL A 45 -19.93 -8.03 19.76
CA VAL A 45 -19.92 -6.78 19.01
C VAL A 45 -18.51 -6.46 18.56
N VAL A 46 -18.36 -6.10 17.28
CA VAL A 46 -17.07 -5.74 16.72
C VAL A 46 -16.95 -4.23 16.52
N VAL A 47 -18.03 -3.58 16.11
CA VAL A 47 -18.07 -2.13 15.97
C VAL A 47 -19.39 -1.63 16.55
N SER A 48 -19.34 -0.44 17.14
CA SER A 48 -20.52 0.18 17.73
C SER A 48 -20.49 1.67 17.46
N ASP A 49 -21.66 2.31 17.63
CA ASP A 49 -21.80 3.74 17.34
C ASP A 49 -21.72 4.51 18.65
N ASP A 50 -20.48 4.64 19.15
CA ASP A 50 -20.17 5.38 20.36
C ASP A 50 -20.96 4.86 21.56
N ILE A 57 -9.10 2.46 21.16
CA ILE A 57 -8.07 1.80 20.37
C ILE A 57 -8.63 1.33 19.03
N PRO A 58 -7.93 1.63 17.95
CA PRO A 58 -8.41 1.22 16.62
C PRO A 58 -8.17 -0.27 16.38
N ASP A 59 -9.12 -0.89 15.68
CA ASP A 59 -9.04 -2.30 15.33
C ASP A 59 -9.30 -2.45 13.82
N ARG A 60 -9.19 -3.69 13.34
CA ARG A 60 -9.40 -3.97 11.93
C ARG A 60 -10.86 -3.77 11.51
N PHE A 61 -11.79 -3.78 12.47
CA PHE A 61 -13.21 -3.65 12.18
C PHE A 61 -13.63 -2.19 12.27
N SER A 62 -14.36 -1.72 11.24
CA SER A 62 -14.82 -0.35 11.21
C SER A 62 -16.14 -0.27 10.46
N GLY A 63 -16.85 0.82 10.69
CA GLY A 63 -18.15 1.04 10.07
C GLY A 63 -18.24 2.43 9.46
N SER A 64 -18.80 2.49 8.26
CA SER A 64 -18.94 3.76 7.54
C SER A 64 -20.35 4.33 7.64
N LYS A 65 -21.36 3.56 7.22
CA LYS A 65 -22.76 3.95 7.37
C LYS A 65 -23.08 5.18 6.52
N SER A 66 -22.91 5.06 5.20
CA SER A 66 -23.18 6.17 4.28
C SER A 66 -24.28 5.76 3.31
N GLY A 67 -25.31 6.59 3.21
CA GLY A 67 -26.40 6.33 2.29
C GLY A 67 -27.34 5.23 2.76
N ASP A 68 -28.00 4.61 1.79
CA ASP A 68 -28.99 3.58 2.08
C ASP A 68 -28.38 2.32 2.66
N THR A 69 -27.09 2.07 2.45
CA THR A 69 -26.44 0.85 2.90
C THR A 69 -25.31 1.18 3.86
N ALA A 70 -25.16 0.34 4.88
CA ALA A 70 -24.07 0.43 5.84
C ALA A 70 -23.14 -0.76 5.65
N THR A 71 -21.84 -0.49 5.55
CA THR A 71 -20.86 -1.51 5.22
C THR A 71 -19.86 -1.65 6.36
N LEU A 72 -19.59 -2.89 6.76
CA LEU A 72 -18.57 -3.20 7.75
C LEU A 72 -17.29 -3.64 7.05
N THR A 73 -16.18 -3.01 7.38
CA THR A 73 -14.89 -3.26 6.75
C THR A 73 -13.96 -3.95 7.73
N ILE A 74 -13.36 -5.06 7.31
CA ILE A 74 -12.36 -5.77 8.10
C ILE A 74 -11.04 -5.66 7.38
N SER A 75 -10.13 -4.85 7.92
CA SER A 75 -8.83 -4.64 7.30
C SER A 75 -7.93 -5.84 7.55
N ARG A 76 -7.19 -6.24 6.52
CA ARG A 76 -6.27 -7.38 6.60
C ARG A 76 -6.97 -8.62 7.16
N VAL A 77 -7.84 -9.18 6.32
CA VAL A 77 -8.60 -10.36 6.71
C VAL A 77 -7.66 -11.50 7.06
N GLU A 78 -7.81 -12.05 8.25
CA GLU A 78 -6.99 -13.15 8.74
C GLU A 78 -7.87 -14.38 8.97
N ALA A 79 -7.22 -15.49 9.34
CA ALA A 79 -7.93 -16.75 9.52
C ALA A 79 -8.96 -16.66 10.65
N GLY A 80 -8.70 -15.84 11.66
CA GLY A 80 -9.59 -15.72 12.80
C GLY A 80 -10.83 -14.90 12.58
N ASP A 81 -10.97 -14.28 11.40
CA ASP A 81 -12.12 -13.44 11.10
C ASP A 81 -13.32 -14.21 10.58
N GLU A 82 -13.20 -15.53 10.43
CA GLU A 82 -14.32 -16.34 9.96
C GLU A 82 -15.45 -16.35 10.97
N GLY A 83 -16.68 -16.44 10.47
CA GLY A 83 -17.85 -16.50 11.31
C GLY A 83 -19.01 -15.78 10.65
N ASP A 84 -20.10 -15.66 11.41
CA ASP A 84 -21.30 -14.97 10.95
C ASP A 84 -21.32 -13.55 11.50
N TYR A 85 -21.58 -12.58 10.63
CA TYR A 85 -21.62 -11.18 11.00
C TYR A 85 -23.03 -10.65 10.84
N TYR A 86 -23.52 -9.97 11.87
CA TYR A 86 -24.89 -9.44 11.90
C TYR A 86 -24.86 -7.93 12.09
N CYS A 87 -25.70 -7.23 11.34
CA CYS A 87 -25.92 -5.80 11.53
C CYS A 87 -27.26 -5.59 12.22
N GLN A 88 -27.28 -4.74 13.25
CA GLN A 88 -28.49 -4.48 14.01
C GLN A 88 -28.65 -2.97 14.21
N VAL A 89 -29.90 -2.51 14.17
CA VAL A 89 -30.24 -1.13 14.44
C VAL A 89 -31.48 -1.11 15.33
N TRP A 90 -31.74 0.05 15.94
CA TRP A 90 -32.93 0.27 16.74
C TRP A 90 -33.89 1.17 15.97
N ASP A 91 -35.00 0.60 15.50
CA ASP A 91 -35.98 1.39 14.79
C ASP A 91 -36.73 2.31 15.77
N SER A 92 -36.93 3.56 15.34
CA SER A 92 -37.66 4.51 16.17
C SER A 92 -39.15 4.55 15.84
N LYS A 93 -39.51 4.37 14.56
CA LYS A 93 -40.91 4.43 14.16
C LYS A 93 -41.74 3.26 14.67
N THR A 94 -41.10 2.22 15.20
CA THR A 94 -41.83 1.09 15.76
C THR A 94 -41.26 0.60 17.08
N ASP A 95 -40.23 1.25 17.62
CA ASP A 95 -39.61 0.87 18.88
C ASP A 95 -39.20 -0.61 18.87
N HIS A 96 -38.56 -1.00 17.77
CA HIS A 96 -38.18 -2.38 17.53
C HIS A 96 -36.69 -2.48 17.29
N VAL A 97 -36.06 -3.54 17.82
CA VAL A 97 -34.68 -3.88 17.50
C VAL A 97 -34.72 -4.96 16.43
N VAL A 98 -34.06 -4.69 15.31
CA VAL A 98 -34.09 -5.58 14.15
C VAL A 98 -32.67 -6.03 13.84
N PHE A 99 -32.52 -7.32 13.53
CA PHE A 99 -31.24 -7.91 13.17
C PHE A 99 -31.25 -8.28 11.69
N GLY A 100 -30.11 -8.10 11.03
CA GLY A 100 -29.99 -8.48 9.64
C GLY A 100 -29.78 -9.98 9.48
N GLY A 101 -29.80 -10.41 8.22
CA GLY A 101 -29.57 -11.81 7.93
C GLY A 101 -28.14 -12.24 8.20
N GLY A 102 -27.97 -13.55 8.39
CA GLY A 102 -26.65 -14.08 8.65
C GLY A 102 -25.76 -14.00 7.42
N THR A 103 -24.54 -13.50 7.61
CA THR A 103 -23.53 -13.44 6.55
C THR A 103 -22.36 -14.31 6.97
N LYS A 104 -22.26 -15.50 6.37
CA LYS A 104 -21.18 -16.42 6.70
C LYS A 104 -19.93 -15.99 5.94
N VAL A 105 -18.88 -15.64 6.69
CA VAL A 105 -17.62 -15.18 6.12
C VAL A 105 -16.65 -16.34 6.15
N THR A 106 -16.13 -16.71 4.98
CA THR A 106 -15.18 -17.81 4.85
C THR A 106 -13.85 -17.25 4.33
N VAL A 107 -12.77 -17.59 5.01
CA VAL A 107 -11.43 -17.15 4.62
C VAL A 107 -10.86 -18.15 3.62
N LEU A 108 -10.44 -17.65 2.46
CA LEU A 108 -9.89 -18.52 1.43
C LEU A 108 -8.56 -19.12 1.88
N ARG A 109 -8.29 -20.33 1.42
CA ARG A 109 -7.12 -21.08 1.85
C ARG A 109 -6.62 -21.93 0.69
N THR A 110 -5.36 -22.35 0.78
CA THR A 110 -4.82 -23.27 -0.19
C THR A 110 -5.38 -24.68 0.05
N VAL A 111 -5.25 -25.53 -0.97
CA VAL A 111 -5.76 -26.89 -0.87
C VAL A 111 -4.96 -27.67 0.17
N ALA A 112 -5.67 -28.46 0.98
CA ALA A 112 -5.06 -29.28 2.02
C ALA A 112 -5.60 -30.70 1.92
N ALA A 113 -4.70 -31.68 1.90
CA ALA A 113 -5.11 -33.07 1.80
C ALA A 113 -5.67 -33.54 3.15
N PRO A 114 -6.76 -34.30 3.14
CA PRO A 114 -7.31 -34.81 4.41
C PRO A 114 -6.33 -35.76 5.09
N SER A 115 -6.37 -35.75 6.43
CA SER A 115 -5.62 -36.69 7.24
C SER A 115 -6.59 -37.78 7.67
N VAL A 116 -6.68 -38.83 6.85
CA VAL A 116 -7.70 -39.86 7.06
C VAL A 116 -7.34 -40.74 8.23
N PHE A 117 -8.32 -41.02 9.09
CA PHE A 117 -8.16 -41.92 10.22
C PHE A 117 -9.39 -42.81 10.30
N ILE A 118 -9.17 -44.07 10.65
CA ILE A 118 -10.23 -45.07 10.73
C ILE A 118 -10.23 -45.66 12.15
N PHE A 119 -11.42 -45.78 12.73
CA PHE A 119 -11.56 -46.26 14.10
C PHE A 119 -12.45 -47.49 14.12
N PRO A 120 -11.97 -48.62 14.62
CA PRO A 120 -12.82 -49.81 14.72
C PRO A 120 -13.81 -49.65 15.85
N PRO A 121 -14.93 -50.39 15.82
CA PRO A 121 -15.89 -50.31 16.93
C PRO A 121 -15.25 -50.74 18.24
N SER A 122 -15.65 -50.05 19.31
CA SER A 122 -15.13 -50.37 20.64
C SER A 122 -15.70 -51.69 21.12
N ASP A 123 -14.90 -52.42 21.90
CA ASP A 123 -15.36 -53.70 22.45
C ASP A 123 -16.51 -53.50 23.44
N GLU A 124 -16.57 -52.33 24.09
CA GLU A 124 -17.72 -52.03 24.93
C GLU A 124 -18.99 -51.95 24.10
N GLN A 125 -18.90 -51.32 22.93
CA GLN A 125 -20.05 -51.27 22.03
C GLN A 125 -20.36 -52.65 21.45
N LEU A 126 -19.33 -53.49 21.28
CA LEU A 126 -19.54 -54.84 20.75
C LEU A 126 -20.40 -55.67 21.70
N LYS A 127 -20.39 -55.34 22.99
CA LYS A 127 -21.27 -56.04 23.93
C LYS A 127 -22.73 -55.73 23.64
N SER A 128 -23.01 -54.53 23.12
CA SER A 128 -24.38 -54.13 22.79
C SER A 128 -24.78 -54.78 21.47
N GLY A 129 -25.90 -54.32 20.90
CA GLY A 129 -26.39 -54.85 19.65
C GLY A 129 -25.96 -54.12 18.40
N THR A 130 -25.37 -52.93 18.54
CA THR A 130 -24.94 -52.13 17.40
C THR A 130 -23.44 -51.92 17.42
N ALA A 131 -22.86 -51.80 16.22
CA ALA A 131 -21.44 -51.55 16.04
C ALA A 131 -21.27 -50.34 15.14
N SER A 132 -20.39 -49.42 15.53
CA SER A 132 -20.16 -48.18 14.80
C SER A 132 -18.71 -48.09 14.37
N VAL A 133 -18.48 -47.86 13.08
CA VAL A 133 -17.15 -47.63 12.52
C VAL A 133 -17.08 -46.18 12.07
N VAL A 134 -16.07 -45.46 12.53
CA VAL A 134 -15.94 -44.03 12.28
C VAL A 134 -14.66 -43.77 11.49
N CYS A 135 -14.77 -42.92 10.47
CA CYS A 135 -13.62 -42.45 9.70
C CYS A 135 -13.52 -40.94 9.84
N LEU A 136 -12.32 -40.44 10.13
CA LEU A 136 -12.09 -39.04 10.44
C LEU A 136 -11.21 -38.40 9.38
N LEU A 137 -11.62 -37.23 8.90
CA LEU A 137 -10.82 -36.39 8.02
C LEU A 137 -10.46 -35.13 8.81
N ASN A 138 -9.19 -34.97 9.14
CA ASN A 138 -8.80 -33.98 10.14
C ASN A 138 -8.78 -32.57 9.58
N ASN A 139 -7.92 -32.30 8.60
CA ASN A 139 -7.70 -30.94 8.12
C ASN A 139 -7.61 -30.96 6.60
N PHE A 140 -8.69 -30.53 5.94
CA PHE A 140 -8.75 -30.50 4.49
C PHE A 140 -9.47 -29.24 4.03
N TYR A 141 -9.12 -28.79 2.83
CA TYR A 141 -9.72 -27.63 2.19
C TYR A 141 -9.63 -27.87 0.70
N PRO A 142 -10.70 -27.60 -0.07
CA PRO A 142 -11.98 -27.02 0.37
C PRO A 142 -12.91 -28.01 1.06
N ARG A 143 -14.10 -27.54 1.42
CA ARG A 143 -15.05 -28.36 2.16
C ARG A 143 -15.51 -29.56 1.35
N GLU A 144 -15.60 -29.42 0.03
CA GLU A 144 -16.15 -30.47 -0.81
C GLU A 144 -15.30 -31.74 -0.73
N ALA A 145 -15.92 -32.82 -0.25
CA ALA A 145 -15.26 -34.12 -0.16
C ALA A 145 -16.34 -35.19 -0.08
N LYS A 146 -16.07 -36.33 -0.71
CA LYS A 146 -17.01 -37.45 -0.74
C LYS A 146 -16.36 -38.67 -0.09
N VAL A 147 -17.11 -39.35 0.76
CA VAL A 147 -16.63 -40.53 1.48
C VAL A 147 -17.44 -41.73 1.03
N GLN A 148 -16.75 -42.82 0.70
CA GLN A 148 -17.38 -44.06 0.28
C GLN A 148 -17.01 -45.16 1.26
N TRP A 149 -18.01 -45.87 1.76
CA TRP A 149 -17.81 -46.94 2.73
C TRP A 149 -17.88 -48.28 2.01
N LYS A 150 -16.83 -49.09 2.16
CA LYS A 150 -16.74 -50.40 1.55
C LYS A 150 -16.46 -51.44 2.62
N VAL A 151 -17.31 -52.45 2.70
CA VAL A 151 -17.12 -53.58 3.61
C VAL A 151 -16.73 -54.78 2.75
N ASP A 152 -15.66 -55.46 3.15
CA ASP A 152 -14.97 -56.42 2.29
C ASP A 152 -14.57 -55.67 1.02
N ASN A 153 -15.38 -55.79 -0.04
CA ASN A 153 -15.12 -55.03 -1.25
C ASN A 153 -16.41 -54.51 -1.89
N ALA A 154 -17.54 -54.57 -1.18
CA ALA A 154 -18.81 -54.05 -1.68
C ALA A 154 -19.10 -52.70 -1.05
N LEU A 155 -19.55 -51.76 -1.88
CA LEU A 155 -19.80 -50.40 -1.43
C LEU A 155 -21.08 -50.34 -0.61
N GLN A 156 -21.00 -49.76 0.58
CA GLN A 156 -22.16 -49.62 1.45
C GLN A 156 -22.85 -48.28 1.20
N SER A 157 -24.18 -48.31 1.23
CA SER A 157 -24.98 -47.12 0.99
C SER A 157 -26.17 -47.12 1.94
N GLY A 158 -26.47 -45.94 2.49
CA GLY A 158 -27.61 -45.77 3.37
C GLY A 158 -27.38 -46.07 4.83
N ASN A 159 -26.21 -46.59 5.20
CA ASN A 159 -25.89 -46.88 6.58
C ASN A 159 -24.85 -45.93 7.16
N SER A 160 -24.50 -44.87 6.43
CA SER A 160 -23.49 -43.92 6.86
C SER A 160 -24.03 -42.50 6.72
N GLN A 161 -23.78 -41.68 7.74
CA GLN A 161 -24.11 -40.26 7.72
C GLN A 161 -22.92 -39.47 8.24
N GLU A 162 -22.72 -38.28 7.69
CA GLU A 162 -21.54 -37.49 8.00
C GLU A 162 -21.94 -36.05 8.36
N SER A 163 -21.09 -35.44 9.19
CA SER A 163 -21.22 -34.03 9.56
C SER A 163 -19.87 -33.36 9.40
N VAL A 164 -19.89 -32.09 9.04
CA VAL A 164 -18.68 -31.32 8.75
C VAL A 164 -18.64 -30.10 9.67
N THR A 165 -17.47 -29.85 10.24
CA THR A 165 -17.26 -28.68 11.08
C THR A 165 -17.07 -27.44 10.23
N GLU A 166 -17.21 -26.28 10.88
CA GLU A 166 -16.97 -25.01 10.21
C GLU A 166 -15.47 -24.76 10.09
N GLN A 167 -15.11 -23.67 9.42
CA GLN A 167 -13.70 -23.33 9.22
C GLN A 167 -13.01 -23.11 10.55
N ASP A 168 -11.80 -23.66 10.68
CA ASP A 168 -11.02 -23.50 11.89
C ASP A 168 -10.60 -22.05 12.04
N SER A 169 -10.53 -21.60 13.30
CA SER A 169 -10.12 -20.23 13.57
C SER A 169 -8.66 -20.00 13.16
N LYS A 170 -7.80 -20.99 13.41
CA LYS A 170 -6.38 -20.88 13.11
C LYS A 170 -6.01 -21.47 11.75
N ASP A 171 -6.45 -22.70 11.48
CA ASP A 171 -6.07 -23.40 10.26
C ASP A 171 -6.95 -23.08 9.06
N SER A 172 -8.12 -22.46 9.29
CA SER A 172 -9.08 -22.17 8.22
C SER A 172 -9.37 -23.41 7.38
N THR A 173 -9.55 -24.54 8.06
CA THR A 173 -9.75 -25.83 7.42
C THR A 173 -11.02 -26.49 7.97
N TYR A 174 -11.45 -27.54 7.29
CA TYR A 174 -12.67 -28.26 7.64
C TYR A 174 -12.32 -29.67 8.10
N SER A 175 -13.27 -30.29 8.82
CA SER A 175 -13.13 -31.66 9.25
C SER A 175 -14.46 -32.39 9.03
N LEU A 176 -14.37 -33.64 8.59
CA LEU A 176 -15.55 -34.46 8.31
C LEU A 176 -15.39 -35.81 8.99
N SER A 177 -16.49 -36.31 9.56
CA SER A 177 -16.51 -37.62 10.21
C SER A 177 -17.71 -38.41 9.69
N SER A 178 -17.43 -39.58 9.13
CA SER A 178 -18.47 -40.45 8.59
C SER A 178 -18.55 -41.71 9.45
N THR A 179 -19.70 -41.90 10.10
CA THR A 179 -19.91 -43.04 10.98
C THR A 179 -20.72 -44.12 10.26
N LEU A 180 -20.29 -45.36 10.41
CA LEU A 180 -20.95 -46.52 9.82
C LEU A 180 -21.63 -47.32 10.92
N THR A 181 -22.96 -47.27 10.95
CA THR A 181 -23.76 -47.95 11.96
C THR A 181 -24.21 -49.32 11.41
N LEU A 182 -23.85 -50.39 12.12
CA LEU A 182 -24.21 -51.73 11.71
C LEU A 182 -24.58 -52.54 12.96
N SER A 183 -25.37 -53.59 12.75
CA SER A 183 -25.76 -54.44 13.87
C SER A 183 -24.65 -55.42 14.20
N LYS A 184 -24.89 -56.29 15.19
CA LYS A 184 -23.87 -57.25 15.58
C LYS A 184 -23.87 -58.52 14.73
N ALA A 185 -24.84 -58.71 13.84
CA ALA A 185 -24.74 -59.81 12.90
C ALA A 185 -24.16 -59.37 11.56
N ASP A 186 -24.28 -58.09 11.22
CA ASP A 186 -23.56 -57.55 10.07
C ASP A 186 -22.08 -57.35 10.36
N TYR A 187 -21.76 -56.86 11.56
CA TYR A 187 -20.37 -56.58 11.91
C TYR A 187 -19.55 -57.85 12.00
N GLU A 188 -20.11 -58.93 12.55
CA GLU A 188 -19.33 -60.16 12.68
C GLU A 188 -18.98 -60.71 11.31
N LYS A 189 -19.94 -60.71 10.39
CA LYS A 189 -19.62 -61.04 9.01
C LYS A 189 -18.82 -59.89 8.40
N HIS A 190 -18.33 -60.10 7.17
CA HIS A 190 -17.60 -59.06 6.45
C HIS A 190 -16.60 -58.36 7.36
N LYS A 191 -15.57 -59.08 7.81
CA LYS A 191 -14.63 -58.54 8.78
C LYS A 191 -13.59 -57.60 8.17
N VAL A 192 -13.56 -57.46 6.84
CA VAL A 192 -12.63 -56.51 6.21
C VAL A 192 -13.38 -55.20 6.03
N TYR A 193 -13.05 -54.21 6.86
CA TYR A 193 -13.66 -52.90 6.80
C TYR A 193 -12.69 -51.89 6.22
N ALA A 194 -13.13 -51.14 5.21
CA ALA A 194 -12.29 -50.15 4.55
C ALA A 194 -13.09 -48.90 4.26
N CYS A 195 -12.44 -47.75 4.40
CA CYS A 195 -13.04 -46.47 4.05
C CYS A 195 -12.16 -45.76 3.04
N GLU A 196 -12.75 -45.36 1.92
CA GLU A 196 -12.02 -44.71 0.83
C GLU A 196 -12.60 -43.31 0.64
N VAL A 197 -11.72 -42.32 0.52
CA VAL A 197 -12.11 -40.92 0.35
C VAL A 197 -11.38 -40.34 -0.85
N THR A 198 -12.02 -39.37 -1.50
CA THR A 198 -11.46 -38.64 -2.62
C THR A 198 -11.58 -37.14 -2.33
N HIS A 199 -10.50 -36.40 -2.58
CA HIS A 199 -10.48 -34.97 -2.31
C HIS A 199 -9.66 -34.27 -3.40
N GLN A 200 -9.92 -32.96 -3.55
CA GLN A 200 -9.21 -32.18 -4.56
C GLN A 200 -7.74 -32.01 -4.23
N GLY A 201 -7.35 -32.20 -2.97
CA GLY A 201 -5.96 -32.15 -2.57
C GLY A 201 -5.24 -33.48 -2.66
N LEU A 202 -5.89 -34.50 -3.20
CA LEU A 202 -5.31 -35.83 -3.33
C LEU A 202 -5.35 -36.26 -4.78
N SER A 203 -4.20 -36.65 -5.33
CA SER A 203 -4.14 -37.11 -6.71
C SER A 203 -4.94 -38.41 -6.89
N SER A 204 -4.83 -39.32 -5.94
CA SER A 204 -5.57 -40.57 -5.97
C SER A 204 -6.30 -40.78 -4.65
N PRO A 205 -7.43 -41.49 -4.66
CA PRO A 205 -8.15 -41.75 -3.41
C PRO A 205 -7.30 -42.51 -2.41
N VAL A 206 -7.44 -42.14 -1.14
CA VAL A 206 -6.70 -42.74 -0.03
C VAL A 206 -7.66 -43.62 0.76
N THR A 207 -7.27 -44.87 0.97
CA THR A 207 -8.10 -45.84 1.68
C THR A 207 -7.34 -46.36 2.90
N LYS A 208 -8.07 -46.50 4.01
CA LYS A 208 -7.53 -47.06 5.24
C LYS A 208 -8.47 -48.15 5.72
N SER A 209 -7.90 -49.20 6.31
CA SER A 209 -8.69 -50.38 6.62
C SER A 209 -8.16 -51.06 7.88
N PHE A 210 -9.05 -51.85 8.50
CA PHE A 210 -8.69 -52.71 9.61
C PHE A 210 -9.38 -54.07 9.41
N ASN A 211 -8.74 -55.12 9.91
CA ASN A 211 -9.20 -56.48 9.64
C ASN A 211 -9.92 -57.11 10.82
N ARG A 212 -9.61 -56.70 12.05
CA ARG A 212 -10.31 -57.20 13.22
C ARG A 212 -11.79 -56.84 13.20
N GLN B 1 -16.80 -6.69 35.69
CA GLN B 1 -17.03 -7.89 34.89
C GLN B 1 -18.53 -8.17 34.78
N VAL B 2 -19.16 -7.67 33.72
CA VAL B 2 -20.59 -7.90 33.51
C VAL B 2 -20.80 -9.36 33.13
N GLN B 3 -21.56 -10.08 33.95
CA GLN B 3 -21.80 -11.50 33.76
C GLN B 3 -23.29 -11.75 33.60
N LEU B 4 -23.67 -12.46 32.53
CA LEU B 4 -25.04 -12.87 32.30
C LEU B 4 -25.10 -14.39 32.25
N VAL B 5 -25.80 -14.99 33.22
CA VAL B 5 -25.91 -16.43 33.34
C VAL B 5 -27.36 -16.82 33.12
N GLN B 6 -27.59 -17.82 32.27
CA GLN B 6 -28.92 -18.25 31.90
C GLN B 6 -29.21 -19.64 32.48
N SER B 7 -30.48 -20.04 32.37
CA SER B 7 -30.87 -21.36 32.81
C SER B 7 -30.40 -22.43 31.82
N GLY B 8 -30.43 -23.67 32.27
CA GLY B 8 -30.02 -24.78 31.45
C GLY B 8 -31.02 -25.09 30.35
N PRO B 9 -30.66 -25.99 29.45
CA PRO B 9 -31.59 -26.37 28.38
C PRO B 9 -32.86 -26.99 28.95
N ASP B 10 -33.99 -26.69 28.30
CA ASP B 10 -35.29 -27.15 28.77
C ASP B 10 -36.02 -27.84 27.63
N VAL B 11 -36.80 -28.87 27.99
CA VAL B 11 -37.61 -29.61 27.04
C VAL B 11 -39.06 -29.47 27.47
N ARG B 12 -39.87 -28.85 26.61
CA ARG B 12 -41.27 -28.61 26.91
C ARG B 12 -42.13 -29.18 25.80
N LYS B 13 -43.31 -29.69 26.18
CA LYS B 13 -44.23 -30.24 25.21
C LYS B 13 -44.83 -29.12 24.36
N PRO B 14 -45.24 -29.43 23.13
CA PRO B 14 -45.88 -28.41 22.29
C PRO B 14 -47.13 -27.84 22.94
N GLY B 15 -47.32 -26.53 22.80
CA GLY B 15 -48.45 -25.86 23.41
C GLY B 15 -48.27 -25.49 24.86
N ALA B 16 -47.14 -25.83 25.48
CA ALA B 16 -46.89 -25.52 26.87
C ALA B 16 -46.22 -24.15 26.99
N THR B 17 -45.79 -23.81 28.20
CA THR B 17 -45.15 -22.54 28.48
C THR B 17 -43.75 -22.78 29.04
N VAL B 18 -42.78 -22.02 28.54
CA VAL B 18 -41.39 -22.13 28.97
C VAL B 18 -40.95 -20.81 29.58
N LYS B 19 -40.15 -20.90 30.65
CA LYS B 19 -39.62 -19.72 31.33
C LYS B 19 -38.10 -19.81 31.33
N VAL B 20 -37.45 -18.78 30.80
CA VAL B 20 -35.99 -18.71 30.70
C VAL B 20 -35.50 -17.57 31.60
N SER B 21 -34.51 -17.88 32.44
CA SER B 21 -33.95 -16.92 33.38
C SER B 21 -32.63 -16.37 32.87
N CYS B 22 -32.30 -15.16 33.33
CA CYS B 22 -31.04 -14.50 32.96
C CYS B 22 -30.50 -13.78 34.19
N GLN B 23 -29.54 -14.39 34.85
CA GLN B 23 -28.91 -13.80 36.03
C GLN B 23 -27.87 -12.77 35.62
N THR B 24 -27.88 -11.62 36.29
CA THR B 24 -27.00 -10.52 35.96
C THR B 24 -26.17 -10.13 37.17
N SER B 25 -24.90 -9.80 36.92
CA SER B 25 -24.00 -9.37 37.97
C SER B 25 -22.85 -8.60 37.32
N GLY B 26 -22.16 -7.82 38.15
CA GLY B 26 -21.01 -7.05 37.72
C GLY B 26 -21.32 -5.61 37.34
N TYR B 27 -22.59 -5.29 37.13
CA TYR B 27 -23.03 -3.95 36.79
C TYR B 27 -24.26 -3.60 37.63
N ARG B 28 -24.59 -2.31 37.64
CA ARG B 28 -25.73 -1.84 38.43
C ARG B 28 -27.03 -2.27 37.77
N PHE B 29 -27.79 -3.14 38.44
CA PHE B 29 -29.07 -3.56 37.91
C PHE B 29 -30.05 -2.39 37.92
N THR B 30 -31.10 -2.51 37.11
CA THR B 30 -32.11 -1.47 36.94
C THR B 30 -31.52 -0.18 36.37
N ASP B 31 -30.30 -0.26 35.82
CA ASP B 31 -29.65 0.88 35.21
C ASP B 31 -29.47 0.75 33.71
N TYR B 32 -29.57 -0.47 33.19
CA TYR B 32 -29.47 -0.73 31.75
C TYR B 32 -30.60 -1.67 31.35
N GLU B 33 -31.28 -1.35 30.25
CA GLU B 33 -32.35 -2.23 29.78
C GLU B 33 -31.76 -3.53 29.23
N MET B 34 -32.58 -4.56 29.23
CA MET B 34 -32.17 -5.88 28.77
C MET B 34 -33.12 -6.39 27.69
N ASN B 35 -32.57 -7.11 26.72
CA ASN B 35 -33.32 -7.62 25.59
C ASN B 35 -33.13 -9.13 25.49
N TRP B 36 -34.10 -9.77 24.83
CA TRP B 36 -34.07 -11.21 24.58
C TRP B 36 -33.98 -11.45 23.08
N VAL B 37 -33.02 -12.28 22.68
CA VAL B 37 -32.82 -12.63 21.27
C VAL B 37 -32.78 -14.15 21.17
N ARG B 38 -33.55 -14.69 20.23
CA ARG B 38 -33.55 -16.13 19.97
C ARG B 38 -32.93 -16.40 18.60
N GLN B 39 -32.26 -17.55 18.50
CA GLN B 39 -31.62 -17.98 17.27
C GLN B 39 -31.99 -19.42 16.99
N ALA B 40 -32.59 -19.67 15.82
CA ALA B 40 -32.91 -21.02 15.42
C ALA B 40 -31.62 -21.82 15.21
N PRO B 41 -31.70 -23.15 15.27
CA PRO B 41 -30.47 -23.96 15.15
C PRO B 41 -29.63 -23.65 13.94
N GLY B 42 -30.24 -23.29 12.81
CA GLY B 42 -29.47 -22.98 11.62
C GLY B 42 -29.73 -21.60 11.05
N GLN B 43 -30.60 -20.83 11.69
CA GLN B 43 -30.99 -19.52 11.18
C GLN B 43 -30.26 -18.42 11.93
N GLY B 44 -30.63 -17.17 11.64
CA GLY B 44 -29.98 -16.01 12.22
C GLY B 44 -30.64 -15.54 13.50
N LEU B 45 -30.13 -14.42 14.01
CA LEU B 45 -30.64 -13.86 15.26
C LEU B 45 -32.04 -13.29 15.05
N GLU B 46 -32.89 -13.43 16.06
CA GLU B 46 -34.25 -12.90 16.02
C GLU B 46 -34.54 -12.23 17.36
N TRP B 47 -34.93 -10.96 17.30
CA TRP B 47 -35.20 -10.19 18.51
C TRP B 47 -36.61 -10.49 19.01
N ILE B 48 -36.73 -10.74 20.32
CA ILE B 48 -38.01 -11.11 20.91
C ILE B 48 -38.67 -9.91 21.57
N GLY B 49 -37.97 -9.29 22.52
CA GLY B 49 -38.58 -8.22 23.26
C GLY B 49 -37.57 -7.48 24.12
N LEU B 50 -38.11 -6.63 25.00
CA LEU B 50 -37.31 -5.71 25.80
C LEU B 50 -37.93 -5.60 27.19
N ILE B 51 -37.08 -5.32 28.18
CA ILE B 51 -37.53 -5.14 29.55
C ILE B 51 -36.65 -4.08 30.21
N ASN B 52 -37.28 -3.21 30.99
CA ASN B 52 -36.57 -2.20 31.77
C ASN B 52 -36.78 -2.48 33.26
N PRO B 53 -35.78 -3.01 33.96
CA PRO B 53 -35.98 -3.33 35.38
C PRO B 53 -36.35 -2.15 36.25
N HIS B 54 -35.84 -0.95 35.93
CA HIS B 54 -36.13 0.22 36.75
C HIS B 54 -37.62 0.58 36.71
N SER B 55 -38.23 0.53 35.53
CA SER B 55 -39.62 0.93 35.37
C SER B 55 -40.57 -0.26 35.22
N GLY B 56 -40.08 -1.43 34.84
CA GLY B 56 -40.94 -2.55 34.54
C GLY B 56 -41.56 -2.52 33.17
N ASP B 57 -41.26 -1.51 32.35
CA ASP B 57 -41.81 -1.41 31.01
C ASP B 57 -41.28 -2.54 30.13
N THR B 58 -42.16 -3.13 29.35
CA THR B 58 -41.82 -4.22 28.43
C THR B 58 -42.15 -3.80 27.01
N ALA B 59 -41.17 -3.93 26.12
CA ALA B 59 -41.37 -3.66 24.70
C ALA B 59 -41.12 -4.95 23.94
N TYR B 60 -42.16 -5.47 23.29
CA TYR B 60 -42.10 -6.73 22.57
C TYR B 60 -42.15 -6.50 21.07
N ALA B 61 -41.66 -7.48 20.33
CA ALA B 61 -41.77 -7.44 18.89
C ALA B 61 -43.20 -7.70 18.46
N GLN B 62 -43.54 -7.23 17.26
CA GLN B 62 -44.91 -7.36 16.76
C GLN B 62 -45.29 -8.83 16.62
N LYS B 63 -44.35 -9.67 16.16
CA LYS B 63 -44.64 -11.08 15.97
C LYS B 63 -44.94 -11.78 17.29
N PHE B 64 -44.21 -11.43 18.36
CA PHE B 64 -44.31 -12.12 19.64
C PHE B 64 -45.34 -11.52 20.58
N GLN B 65 -46.07 -10.49 20.15
CA GLN B 65 -47.06 -9.86 21.02
C GLN B 65 -48.16 -10.85 21.39
N GLY B 66 -48.48 -10.93 22.67
CA GLY B 66 -49.50 -11.83 23.17
C GLY B 66 -49.01 -13.20 23.60
N ARG B 67 -47.79 -13.58 23.23
CA ARG B 67 -47.25 -14.88 23.59
C ARG B 67 -46.07 -14.81 24.53
N VAL B 68 -45.45 -13.65 24.69
CA VAL B 68 -44.24 -13.49 25.50
C VAL B 68 -44.54 -12.57 26.67
N THR B 69 -44.02 -12.93 27.84
CA THR B 69 -44.13 -12.12 29.05
C THR B 69 -42.76 -12.01 29.69
N MET B 70 -42.35 -10.79 30.03
CA MET B 70 -41.03 -10.54 30.60
C MET B 70 -41.20 -9.95 31.99
N THR B 71 -40.48 -10.52 32.95
CA THR B 71 -40.51 -10.06 34.33
C THR B 71 -39.09 -9.83 34.83
N SER B 72 -38.96 -8.87 35.74
CA SER B 72 -37.67 -8.53 36.34
C SER B 72 -37.79 -8.52 37.86
N ASP B 73 -36.81 -9.10 38.52
CA ASP B 73 -36.76 -9.17 39.98
C ASP B 73 -35.48 -8.48 40.45
N THR B 74 -35.63 -7.28 41.01
CA THR B 74 -34.47 -6.52 41.45
C THR B 74 -33.83 -7.08 42.71
N SER B 75 -34.53 -7.96 43.43
CA SER B 75 -33.96 -8.56 44.63
C SER B 75 -32.76 -9.44 44.29
N ASP B 76 -32.85 -10.22 43.23
CA ASP B 76 -31.76 -11.08 42.78
C ASP B 76 -31.16 -10.64 41.46
N SER B 77 -31.60 -9.51 40.91
CA SER B 77 -31.09 -8.96 39.66
C SER B 77 -31.23 -9.97 38.51
N THR B 78 -32.48 -10.30 38.20
CA THR B 78 -32.79 -11.29 37.17
C THR B 78 -33.83 -10.74 36.21
N VAL B 79 -33.77 -11.24 34.98
CA VAL B 79 -34.74 -10.96 33.94
C VAL B 79 -35.24 -12.30 33.39
N TYR B 80 -36.56 -12.45 33.33
CA TYR B 80 -37.18 -13.71 32.93
C TYR B 80 -37.91 -13.54 31.60
N LEU B 81 -37.84 -14.56 30.76
CA LEU B 81 -38.61 -14.64 29.53
C LEU B 81 -39.59 -15.81 29.64
N GLU B 82 -40.84 -15.57 29.26
CA GLU B 82 -41.90 -16.56 29.36
C GLU B 82 -42.66 -16.60 28.06
N LEU B 83 -42.50 -17.68 27.30
CA LEU B 83 -43.18 -17.85 26.03
C LEU B 83 -44.34 -18.83 26.20
N SER B 84 -45.55 -18.38 25.88
CA SER B 84 -46.76 -19.18 26.00
C SER B 84 -47.13 -19.75 24.64
N GLY B 85 -47.85 -20.88 24.67
CA GLY B 85 -48.27 -21.53 23.44
C GLY B 85 -47.09 -21.93 22.57
N LEU B 86 -46.38 -22.98 22.99
CA LEU B 86 -45.16 -23.40 22.31
C LEU B 86 -45.51 -24.19 21.05
N THR B 87 -45.03 -23.72 19.92
CA THR B 87 -45.16 -24.37 18.62
C THR B 87 -43.83 -24.99 18.23
N PRO B 88 -43.84 -26.01 17.36
CA PRO B 88 -42.56 -26.66 16.99
C PRO B 88 -41.53 -25.73 16.39
N ASP B 89 -41.93 -24.61 15.79
CA ASP B 89 -40.96 -23.66 15.27
C ASP B 89 -40.22 -22.89 16.35
N ASP B 90 -40.68 -22.96 17.60
CA ASP B 90 -40.07 -22.18 18.68
C ASP B 90 -38.80 -22.82 19.25
N THR B 91 -38.47 -24.05 18.85
CA THR B 91 -37.25 -24.67 19.36
C THR B 91 -36.03 -23.90 18.86
N ALA B 92 -35.30 -23.30 19.81
CA ALA B 92 -34.17 -22.45 19.47
C ALA B 92 -33.38 -22.17 20.74
N VAL B 93 -32.18 -21.63 20.57
CA VAL B 93 -31.38 -21.16 21.69
C VAL B 93 -31.76 -19.71 21.96
N TYR B 94 -32.07 -19.42 23.22
CA TYR B 94 -32.59 -18.11 23.62
C TYR B 94 -31.52 -17.36 24.38
N TYR B 95 -31.12 -16.20 23.86
CA TYR B 95 -30.09 -15.37 24.45
C TYR B 95 -30.70 -14.17 25.15
N CYS B 96 -30.08 -13.78 26.26
CA CYS B 96 -30.38 -12.53 26.94
C CYS B 96 -29.19 -11.59 26.78
N ALA B 97 -29.45 -10.37 26.34
CA ALA B 97 -28.40 -9.39 26.05
C ALA B 97 -28.62 -8.13 26.86
N ARG B 98 -27.53 -7.61 27.43
CA ARG B 98 -27.56 -6.35 28.16
C ARG B 98 -27.31 -5.21 27.19
N SER B 99 -28.15 -4.18 27.25
CA SER B 99 -28.10 -3.06 26.31
C SER B 99 -27.42 -1.87 26.96
N GLN B 100 -26.41 -1.33 26.28
CA GLN B 100 -25.70 -0.12 26.71
C GLN B 100 -25.89 0.95 25.66
N GLY B 101 -26.61 2.01 26.01
CA GLY B 101 -26.80 3.11 25.08
C GLY B 101 -27.68 4.18 25.69
N THR B 102 -27.62 5.37 25.08
CA THR B 102 -28.44 6.50 25.50
C THR B 102 -29.01 7.18 24.25
N PHE B 103 -30.31 7.45 24.27
CA PHE B 103 -31.02 8.10 23.16
C PHE B 103 -30.93 7.21 21.93
N GLU B 104 -30.34 7.65 20.81
CA GLU B 104 -30.42 6.88 19.58
C GLU B 104 -29.57 5.62 19.62
N VAL B 105 -28.40 5.68 20.28
CA VAL B 105 -27.52 4.51 20.30
C VAL B 105 -28.13 3.43 21.18
N TYR B 106 -28.25 2.22 20.62
CA TYR B 106 -28.80 1.08 21.36
C TYR B 106 -28.14 -0.17 20.80
N TYR B 107 -27.29 -0.80 21.62
CA TYR B 107 -26.58 -1.99 21.20
C TYR B 107 -26.31 -2.87 22.42
N PHE B 108 -25.96 -4.13 22.14
CA PHE B 108 -25.76 -5.13 23.16
C PHE B 108 -24.26 -5.35 23.35
N VAL B 109 -23.81 -5.39 24.60
CA VAL B 109 -22.38 -5.46 24.89
C VAL B 109 -22.04 -6.72 25.67
N SER B 110 -23.00 -7.26 26.42
CA SER B 110 -22.78 -8.44 27.27
C SER B 110 -23.88 -9.47 27.00
N TRP B 111 -23.70 -10.25 25.94
CA TRP B 111 -24.64 -11.33 25.62
C TRP B 111 -24.57 -12.43 26.67
N GLY B 112 -25.69 -13.13 26.85
CA GLY B 112 -25.75 -14.27 27.72
C GLY B 112 -25.24 -15.54 27.06
N GLN B 113 -25.14 -16.61 27.86
CA GLN B 113 -24.64 -17.88 27.34
C GLN B 113 -25.65 -18.54 26.40
N GLY B 114 -26.94 -18.30 26.59
CA GLY B 114 -27.96 -18.89 25.76
C GLY B 114 -28.57 -20.12 26.39
N SER B 115 -29.87 -20.32 26.16
CA SER B 115 -30.61 -21.45 26.67
C SER B 115 -31.29 -22.16 25.50
N LEU B 116 -30.91 -23.42 25.26
CA LEU B 116 -31.45 -24.19 24.15
C LEU B 116 -32.69 -24.93 24.63
N VAL B 117 -33.84 -24.29 24.46
CA VAL B 117 -35.13 -24.91 24.78
C VAL B 117 -35.60 -25.69 23.56
N THR B 118 -35.98 -26.94 23.77
CA THR B 118 -36.48 -27.81 22.71
C THR B 118 -37.94 -28.12 22.96
N VAL B 119 -38.79 -27.73 22.01
CA VAL B 119 -40.23 -27.98 22.11
C VAL B 119 -40.52 -29.27 21.34
N SER B 120 -40.85 -30.33 22.08
CA SER B 120 -41.14 -31.63 21.48
C SER B 120 -41.98 -32.44 22.44
N SER B 121 -42.79 -33.33 21.87
CA SER B 121 -43.62 -34.24 22.64
C SER B 121 -42.90 -35.53 23.01
N ALA B 122 -41.69 -35.75 22.49
CA ALA B 122 -40.96 -36.97 22.74
C ALA B 122 -40.26 -36.94 24.10
N SER B 123 -39.84 -38.11 24.56
CA SER B 123 -39.16 -38.26 25.84
C SER B 123 -37.66 -38.15 25.65
N THR B 124 -37.01 -37.48 26.61
CA THR B 124 -35.56 -37.32 26.57
C THR B 124 -34.86 -38.66 26.80
N LYS B 125 -33.83 -38.93 26.00
CA LYS B 125 -33.07 -40.17 26.07
C LYS B 125 -31.59 -39.84 26.25
N GLY B 126 -30.96 -40.49 27.22
CA GLY B 126 -29.57 -40.26 27.51
C GLY B 126 -28.63 -40.86 26.49
N PRO B 127 -27.43 -40.30 26.35
CA PRO B 127 -26.46 -40.81 25.38
C PRO B 127 -25.72 -42.03 25.91
N SER B 128 -25.08 -42.72 24.96
CA SER B 128 -24.17 -43.82 25.25
C SER B 128 -22.80 -43.49 24.67
N VAL B 129 -21.76 -43.62 25.49
CA VAL B 129 -20.41 -43.20 25.12
C VAL B 129 -19.59 -44.44 24.82
N PHE B 130 -19.01 -44.48 23.61
CA PHE B 130 -18.14 -45.58 23.19
C PHE B 130 -16.79 -45.01 22.76
N PRO B 131 -15.68 -45.46 23.34
CA PRO B 131 -14.38 -44.89 22.98
C PRO B 131 -13.94 -45.26 21.58
N LEU B 132 -13.16 -44.39 20.96
CA LEU B 132 -12.52 -44.63 19.67
C LEU B 132 -11.02 -44.76 19.93
N ALA B 133 -10.52 -45.99 19.94
CA ALA B 133 -9.13 -46.22 20.31
C ALA B 133 -8.19 -45.75 19.20
N PRO B 134 -7.10 -45.08 19.55
CA PRO B 134 -6.12 -44.65 18.54
C PRO B 134 -5.23 -45.82 18.09
N SER B 135 -4.47 -45.56 17.03
CA SER B 135 -3.55 -46.52 16.47
C SER B 135 -2.12 -45.99 16.62
N SER B 136 -1.16 -46.89 16.45
CA SER B 136 0.25 -46.59 16.66
C SER B 136 0.97 -46.53 15.32
N LYS B 137 1.61 -45.41 15.04
CA LYS B 137 2.42 -45.25 13.84
C LYS B 137 3.32 -44.01 13.96
N SER B 140 1.92 -42.78 5.74
CA SER B 140 1.46 -41.53 6.33
C SER B 140 1.38 -41.64 7.86
N GLY B 141 0.16 -41.75 8.37
CA GLY B 141 -0.05 -41.84 9.80
C GLY B 141 0.40 -40.60 10.56
N GLY B 142 0.15 -39.42 9.99
CA GLY B 142 0.51 -38.18 10.66
C GLY B 142 -0.22 -37.98 11.96
N THR B 143 0.52 -37.62 13.01
CA THR B 143 -0.04 -37.38 14.35
C THR B 143 -0.71 -38.66 14.85
N ALA B 144 -1.61 -38.52 15.83
CA ALA B 144 -2.28 -39.68 16.44
C ALA B 144 -3.67 -39.23 16.88
N ALA B 145 -4.65 -39.37 15.99
CA ALA B 145 -6.00 -38.91 16.28
C ALA B 145 -6.78 -39.96 17.07
N LEU B 146 -7.65 -39.46 17.95
CA LEU B 146 -8.51 -40.31 18.77
C LEU B 146 -9.70 -39.47 19.20
N GLY B 147 -10.74 -40.13 19.69
CA GLY B 147 -11.92 -39.41 20.10
C GLY B 147 -12.95 -40.30 20.78
N CYS B 148 -14.11 -39.70 21.04
CA CYS B 148 -15.24 -40.37 21.66
C CYS B 148 -16.45 -40.36 20.73
N LEU B 149 -17.38 -41.28 20.99
CA LEU B 149 -18.60 -41.39 20.21
C LEU B 149 -19.79 -41.44 21.17
N VAL B 150 -20.60 -40.40 21.17
CA VAL B 150 -21.86 -40.37 21.91
C VAL B 150 -23.00 -40.61 20.93
N LYS B 151 -23.86 -41.58 21.24
CA LYS B 151 -24.85 -42.05 20.30
C LYS B 151 -26.19 -42.21 21.00
N ASP B 152 -27.26 -42.06 20.22
CA ASP B 152 -28.64 -42.31 20.67
C ASP B 152 -28.99 -41.42 21.86
N TYR B 153 -29.01 -40.11 21.61
CA TYR B 153 -29.36 -39.13 22.64
C TYR B 153 -30.37 -38.14 22.09
N PHE B 154 -31.17 -37.58 23.00
CA PHE B 154 -32.19 -36.59 22.67
C PHE B 154 -32.51 -35.82 23.94
N PRO B 155 -32.66 -34.48 23.87
CA PRO B 155 -32.57 -33.63 22.69
C PRO B 155 -31.15 -33.17 22.33
N GLU B 156 -31.06 -32.10 21.55
CA GLU B 156 -29.81 -31.69 20.93
C GLU B 156 -28.69 -31.34 21.92
N PRO B 157 -28.91 -30.49 22.95
CA PRO B 157 -27.76 -29.92 23.67
C PRO B 157 -26.90 -30.94 24.41
N VAL B 158 -25.66 -31.13 23.92
CA VAL B 158 -24.66 -31.97 24.57
C VAL B 158 -23.32 -31.26 24.47
N THR B 159 -22.56 -31.28 25.56
CA THR B 159 -21.26 -30.63 25.64
C THR B 159 -20.18 -31.69 25.87
N VAL B 160 -19.11 -31.61 25.07
CA VAL B 160 -17.98 -32.52 25.17
C VAL B 160 -16.71 -31.70 25.37
N SER B 161 -15.96 -32.02 26.42
CA SER B 161 -14.68 -31.40 26.69
C SER B 161 -13.65 -32.49 26.97
N TRP B 162 -12.38 -32.17 26.73
CA TRP B 162 -11.30 -33.13 26.86
C TRP B 162 -10.39 -32.77 28.03
N ASN B 163 -10.18 -33.74 28.93
CA ASN B 163 -9.33 -33.57 30.10
C ASN B 163 -9.78 -32.38 30.95
N SER B 164 -11.09 -32.22 31.08
CA SER B 164 -11.70 -31.13 31.86
C SER B 164 -11.19 -29.77 31.36
N GLY B 165 -11.10 -29.61 30.05
CA GLY B 165 -10.65 -28.37 29.44
C GLY B 165 -9.15 -28.24 29.27
N ALA B 166 -8.37 -29.20 29.76
CA ALA B 166 -6.92 -29.13 29.58
C ALA B 166 -6.54 -29.28 28.11
N LEU B 167 -7.23 -30.16 27.39
CA LEU B 167 -6.93 -30.41 25.98
C LEU B 167 -7.96 -29.67 25.13
N THR B 168 -7.52 -28.54 24.54
CA THR B 168 -8.36 -27.76 23.66
C THR B 168 -7.76 -27.57 22.28
N SER B 169 -6.53 -28.04 22.05
CA SER B 169 -5.88 -27.90 20.76
C SER B 169 -6.12 -29.16 19.94
N GLY B 170 -6.61 -28.98 18.71
CA GLY B 170 -6.90 -30.10 17.86
C GLY B 170 -8.21 -30.79 18.12
N VAL B 171 -9.03 -30.27 19.03
CA VAL B 171 -10.32 -30.88 19.35
C VAL B 171 -11.31 -30.54 18.24
N HIS B 172 -12.06 -31.54 17.80
CA HIS B 172 -13.10 -31.36 16.78
C HIS B 172 -14.36 -32.07 17.27
N THR B 173 -15.30 -31.32 17.82
CA THR B 173 -16.59 -31.86 18.23
C THR B 173 -17.56 -31.64 17.07
N PHE B 174 -17.82 -32.71 16.31
CA PHE B 174 -18.62 -32.59 15.11
C PHE B 174 -20.08 -32.27 15.45
N PRO B 175 -20.77 -31.51 14.60
CA PRO B 175 -22.19 -31.25 14.83
C PRO B 175 -22.99 -32.53 14.81
N ALA B 176 -24.04 -32.56 15.63
CA ALA B 176 -24.87 -33.75 15.75
C ALA B 176 -25.58 -34.04 14.42
N VAL B 177 -25.69 -35.34 14.11
CA VAL B 177 -26.35 -35.80 12.90
C VAL B 177 -27.56 -36.62 13.29
N LEU B 178 -28.65 -36.48 12.54
CA LEU B 178 -29.90 -37.16 12.85
C LEU B 178 -29.85 -38.59 12.32
N GLN B 179 -30.12 -39.54 13.21
CA GLN B 179 -30.08 -40.95 12.86
C GLN B 179 -31.45 -41.43 12.37
N SER B 180 -31.48 -42.67 11.88
CA SER B 180 -32.73 -43.24 11.39
C SER B 180 -33.74 -43.41 12.50
N SER B 181 -33.29 -43.75 13.71
CA SER B 181 -34.19 -43.93 14.84
C SER B 181 -34.78 -42.62 15.34
N GLY B 182 -34.29 -41.48 14.86
CA GLY B 182 -34.75 -40.20 15.37
C GLY B 182 -33.99 -39.67 16.55
N LEU B 183 -32.81 -40.22 16.84
CA LEU B 183 -32.00 -39.83 17.98
C LEU B 183 -30.71 -39.21 17.49
N TYR B 184 -30.31 -38.10 18.11
CA TYR B 184 -29.07 -37.43 17.73
C TYR B 184 -27.86 -38.27 18.12
N SER B 185 -26.77 -38.05 17.39
CA SER B 185 -25.51 -38.74 17.67
C SER B 185 -24.37 -37.93 17.06
N LEU B 186 -23.36 -37.63 17.86
CA LEU B 186 -22.19 -36.89 17.40
C LEU B 186 -20.92 -37.57 17.92
N SER B 187 -19.80 -37.24 17.27
CA SER B 187 -18.50 -37.75 17.65
C SER B 187 -17.53 -36.59 17.81
N SER B 188 -16.77 -36.60 18.90
CA SER B 188 -15.74 -35.59 19.16
C SER B 188 -14.37 -36.26 19.08
N VAL B 189 -13.46 -35.64 18.33
CA VAL B 189 -12.13 -36.20 18.08
C VAL B 189 -11.08 -35.17 18.42
N VAL B 190 -9.86 -35.65 18.66
CA VAL B 190 -8.72 -34.79 18.96
C VAL B 190 -7.46 -35.43 18.39
N THR B 191 -6.54 -34.60 17.93
CA THR B 191 -5.24 -35.04 17.44
C THR B 191 -4.17 -34.75 18.49
N VAL B 192 -3.40 -35.77 18.83
CA VAL B 192 -2.38 -35.66 19.86
C VAL B 192 -1.09 -36.29 19.33
N PRO B 193 0.06 -35.90 19.87
CA PRO B 193 1.32 -36.50 19.43
C PRO B 193 1.32 -38.01 19.64
N SER B 194 2.05 -38.72 18.77
CA SER B 194 2.00 -40.17 18.76
C SER B 194 2.45 -40.77 20.09
N SER B 195 3.39 -40.11 20.78
CA SER B 195 3.87 -40.60 22.07
C SER B 195 2.79 -40.33 23.11
N SER B 196 1.82 -41.24 23.18
CA SER B 196 0.74 -41.12 24.15
C SER B 196 1.08 -41.71 25.51
N LEU B 197 2.18 -42.45 25.60
CA LEU B 197 2.61 -43.01 26.88
C LEU B 197 3.02 -41.90 27.85
N GLY B 198 3.70 -40.87 27.33
CA GLY B 198 4.15 -39.79 28.20
C GLY B 198 3.00 -39.03 28.84
N THR B 199 1.95 -38.78 28.08
CA THR B 199 0.80 -38.07 28.63
C THR B 199 -0.01 -39.01 29.50
N GLN B 200 -0.76 -38.42 30.45
CA GLN B 200 -1.41 -39.24 31.47
C GLN B 200 -2.61 -39.98 30.94
N THR B 201 -3.67 -39.26 30.59
CA THR B 201 -4.90 -39.89 30.11
C THR B 201 -5.70 -38.87 29.31
N TYR B 202 -6.66 -39.38 28.54
CA TYR B 202 -7.58 -38.56 27.78
C TYR B 202 -8.98 -39.02 28.14
N ILE B 203 -9.86 -38.08 28.45
CA ILE B 203 -11.17 -38.37 29.00
C ILE B 203 -12.25 -37.73 28.14
N CYS B 204 -13.36 -38.45 27.95
CA CYS B 204 -14.45 -37.97 27.12
C CYS B 204 -15.14 -36.76 27.76
N ASN B 205 -15.41 -36.83 29.06
CA ASN B 205 -16.07 -35.77 29.83
C ASN B 205 -17.31 -35.23 29.11
N VAL B 206 -18.20 -36.15 28.72
CA VAL B 206 -19.45 -35.74 28.07
C VAL B 206 -20.45 -35.33 29.14
N ASN B 207 -21.36 -34.44 28.77
CA ASN B 207 -22.39 -33.96 29.67
C ASN B 207 -23.67 -33.73 28.88
N HIS B 208 -24.74 -34.44 29.27
CA HIS B 208 -26.07 -34.24 28.69
C HIS B 208 -26.96 -33.71 29.81
N LYS B 209 -27.23 -32.40 29.78
CA LYS B 209 -28.01 -31.78 30.84
C LYS B 209 -29.41 -32.36 30.96
N PRO B 210 -30.18 -32.56 29.88
CA PRO B 210 -31.40 -33.34 30.00
C PRO B 210 -31.07 -34.78 30.39
N SER B 211 -31.94 -35.37 31.20
CA SER B 211 -31.80 -36.72 31.76
C SER B 211 -30.62 -36.84 32.72
N ASN B 212 -29.87 -35.76 32.96
CA ASN B 212 -28.79 -35.73 33.95
C ASN B 212 -27.75 -36.82 33.67
N THR B 213 -27.30 -36.90 32.42
CA THR B 213 -26.31 -37.89 32.02
C THR B 213 -24.94 -37.22 31.97
N LYS B 214 -24.10 -37.56 32.93
CA LYS B 214 -22.71 -37.08 32.99
C LYS B 214 -21.80 -38.30 32.98
N VAL B 215 -21.04 -38.47 31.89
CA VAL B 215 -20.19 -39.64 31.72
C VAL B 215 -18.78 -39.17 31.40
N ASP B 216 -17.80 -39.70 32.14
CA ASP B 216 -16.38 -39.48 31.89
C ASP B 216 -15.77 -40.82 31.49
N LYS B 217 -15.32 -40.92 30.24
CA LYS B 217 -14.77 -42.16 29.71
C LYS B 217 -13.37 -41.91 29.17
N LYS B 218 -12.45 -42.80 29.51
CA LYS B 218 -11.09 -42.73 29.02
C LYS B 218 -10.95 -43.49 27.69
N VAL B 219 -9.95 -43.12 26.91
CA VAL B 219 -9.67 -43.75 25.64
C VAL B 219 -8.27 -44.33 25.69
N GLU B 220 -8.15 -45.63 25.42
CA GLU B 220 -6.88 -46.34 25.43
C GLU B 220 -6.88 -47.38 24.32
N PRO B 221 -5.70 -47.71 23.77
CA PRO B 221 -5.57 -48.74 22.74
C PRO B 221 -6.05 -50.10 23.21
N SER C 1 20.70 -12.85 19.13
CA SER C 1 19.41 -12.23 18.87
C SER C 1 19.53 -10.72 18.71
N TYR C 2 20.31 -10.30 17.71
CA TYR C 2 20.50 -8.89 17.43
C TYR C 2 19.34 -8.37 16.60
N VAL C 3 18.59 -7.42 17.14
CA VAL C 3 17.37 -6.92 16.50
C VAL C 3 17.69 -5.58 15.84
N LEU C 4 17.36 -5.49 14.56
CA LEU C 4 17.50 -4.25 13.79
C LEU C 4 16.09 -3.74 13.46
N THR C 5 15.80 -2.51 13.87
CA THR C 5 14.47 -1.94 13.72
C THR C 5 14.45 -0.98 12.54
N GLN C 6 13.49 -1.19 11.64
CA GLN C 6 13.29 -0.36 10.47
C GLN C 6 11.83 0.04 10.36
N PRO C 7 11.54 1.21 9.80
CA PRO C 7 10.14 1.60 9.58
C PRO C 7 9.45 0.63 8.64
N PRO C 8 8.20 0.25 8.94
CA PRO C 8 7.50 -0.70 8.05
C PRO C 8 7.33 -0.19 6.64
N SER C 9 7.09 1.11 6.47
CA SER C 9 6.85 1.68 5.16
C SER C 9 7.29 3.14 5.16
N MET C 10 7.55 3.66 3.97
CA MET C 10 7.94 5.06 3.81
C MET C 10 7.46 5.58 2.47
N SER C 11 6.98 6.81 2.46
CA SER C 11 6.57 7.50 1.24
C SER C 11 7.44 8.73 1.06
N VAL C 12 8.03 8.87 -0.13
CA VAL C 12 8.96 9.96 -0.42
C VAL C 12 8.50 10.67 -1.67
N ALA C 13 8.43 11.99 -1.62
CA ALA C 13 8.09 12.78 -2.79
C ALA C 13 9.21 12.71 -3.83
N PRO C 14 8.88 12.70 -5.11
CA PRO C 14 9.92 12.66 -6.15
C PRO C 14 10.81 13.88 -6.09
N GLY C 15 12.11 13.66 -6.32
CA GLY C 15 13.08 14.74 -6.32
C GLY C 15 13.60 15.15 -4.95
N THR C 16 13.07 14.59 -3.88
CA THR C 16 13.52 14.91 -2.53
C THR C 16 14.53 13.89 -2.05
N THR C 17 15.01 14.08 -0.82
CA THR C 17 15.96 13.17 -0.20
C THR C 17 15.24 12.22 0.75
N ALA C 18 15.67 10.96 0.76
CA ALA C 18 15.10 9.93 1.60
C ALA C 18 16.13 9.45 2.61
N SER C 19 15.67 9.16 3.82
CA SER C 19 16.53 8.65 4.89
C SER C 19 15.82 7.48 5.57
N ILE C 20 16.40 6.29 5.47
CA ILE C 20 15.83 5.09 6.05
C ILE C 20 16.65 4.72 7.28
N PRO C 21 16.12 4.89 8.49
CA PRO C 21 16.89 4.54 9.69
C PRO C 21 16.98 3.04 9.90
N CYS C 22 18.03 2.63 10.62
CA CYS C 22 18.22 1.24 11.02
C CYS C 22 18.80 1.27 12.42
N GLY C 23 17.95 1.02 13.42
CA GLY C 23 18.31 1.19 14.82
C GLY C 23 18.47 -0.09 15.62
N ALA C 24 19.64 -0.27 16.22
CA ALA C 24 19.81 -1.40 17.15
C ALA C 24 20.38 -0.97 18.49
N ASN C 25 21.37 -0.07 18.50
CA ASN C 25 22.02 0.51 19.67
C ASN C 25 23.40 1.04 19.27
N ASN C 26 24.39 0.16 19.30
CA ASN C 26 25.76 0.48 18.89
C ASN C 26 26.04 0.00 17.49
N ILE C 27 25.06 0.11 16.60
CA ILE C 27 25.22 -0.32 15.22
C ILE C 27 26.24 0.54 14.48
N ALA C 28 26.50 1.77 14.98
CA ALA C 28 27.49 2.62 14.35
C ALA C 28 28.89 2.02 14.44
N LYS C 29 29.22 1.40 15.57
CA LYS C 29 30.50 0.73 15.71
C LYS C 29 30.63 -0.46 14.77
N LYS C 30 29.51 -1.01 14.33
CA LYS C 30 29.48 -2.13 13.40
C LYS C 30 29.39 -1.62 11.96
N ARG C 31 29.52 -2.54 11.01
CA ARG C 31 29.44 -2.22 9.60
C ARG C 31 28.04 -2.51 9.09
N VAL C 32 27.41 -1.50 8.49
CA VAL C 32 26.03 -1.57 8.05
C VAL C 32 26.01 -1.63 6.53
N HIS C 33 25.28 -2.60 5.99
CA HIS C 33 25.11 -2.75 4.55
C HIS C 33 23.63 -2.76 4.22
N TRP C 34 23.27 -2.12 3.12
CA TRP C 34 21.88 -1.97 2.71
C TRP C 34 21.62 -2.72 1.42
N TYR C 35 20.51 -3.45 1.37
CA TYR C 35 20.09 -4.20 0.21
C TYR C 35 18.75 -3.67 -0.27
N ARG C 36 18.60 -3.55 -1.59
CA ARG C 36 17.34 -3.16 -2.21
C ARG C 36 16.79 -4.35 -2.97
N GLN C 37 15.55 -4.74 -2.65
CA GLN C 37 14.91 -5.89 -3.27
C GLN C 37 13.66 -5.42 -4.01
N LYS C 38 13.71 -5.49 -5.34
CA LYS C 38 12.52 -5.27 -6.13
C LYS C 38 11.57 -6.45 -5.97
N PRO C 39 10.26 -6.22 -6.05
CA PRO C 39 9.31 -7.34 -5.92
C PRO C 39 9.54 -8.41 -6.98
N GLY C 40 9.53 -9.67 -6.54
CA GLY C 40 9.76 -10.77 -7.44
C GLY C 40 11.21 -10.97 -7.86
N GLN C 41 12.15 -10.30 -7.21
CA GLN C 41 13.55 -10.39 -7.57
C GLN C 41 14.40 -10.57 -6.32
N ALA C 42 15.61 -11.09 -6.51
CA ALA C 42 16.55 -11.21 -5.41
C ALA C 42 17.04 -9.83 -4.99
N PRO C 43 17.33 -9.63 -3.70
CA PRO C 43 17.82 -8.33 -3.25
C PRO C 43 19.18 -8.00 -3.86
N VAL C 44 19.41 -6.71 -4.05
CA VAL C 44 20.65 -6.20 -4.65
C VAL C 44 21.26 -5.20 -3.68
N VAL C 45 22.56 -5.34 -3.43
CA VAL C 45 23.26 -4.44 -2.53
C VAL C 45 23.45 -3.08 -3.21
N VAL C 46 23.12 -2.01 -2.49
CA VAL C 46 23.28 -0.66 -3.01
C VAL C 46 24.48 0.04 -2.39
N VAL C 47 24.73 -0.17 -1.10
CA VAL C 47 25.88 0.39 -0.42
C VAL C 47 26.50 -0.67 0.48
N SER C 48 27.83 -0.62 0.61
CA SER C 48 28.56 -1.54 1.45
C SER C 48 29.69 -0.79 2.15
N ASP C 49 30.20 -1.38 3.22
CA ASP C 49 31.25 -0.79 4.04
C ASP C 49 32.62 -1.37 3.73
N ASP C 50 32.88 -1.68 2.46
CA ASP C 50 34.17 -2.20 2.04
C ASP C 50 35.22 -1.11 1.81
N GLU C 51 34.93 0.12 2.21
CA GLU C 51 35.86 1.24 2.08
C GLU C 51 36.27 1.44 0.62
N ASP C 52 35.27 1.46 -0.27
CA ASP C 52 35.55 1.61 -1.70
C ASP C 52 36.12 2.98 -2.01
N ARG C 53 35.53 4.04 -1.45
CA ARG C 53 35.96 5.42 -1.70
C ARG C 53 36.01 5.75 -3.19
N VAL C 56 34.22 2.90 -8.50
CA VAL C 56 33.35 2.66 -7.35
C VAL C 56 31.91 3.04 -7.69
N ILE C 57 31.75 3.72 -8.83
CA ILE C 57 30.44 4.15 -9.32
C ILE C 57 29.69 4.93 -8.24
N PRO C 58 30.09 6.18 -7.95
CA PRO C 58 29.32 6.97 -6.99
C PRO C 58 27.88 7.15 -7.45
N ASP C 59 26.95 7.09 -6.50
CA ASP C 59 25.53 7.09 -6.82
C ASP C 59 24.77 7.84 -5.73
N ARG C 60 23.46 7.97 -5.93
CA ARG C 60 22.60 8.66 -4.97
C ARG C 60 22.48 7.91 -3.65
N PHE C 61 22.85 6.62 -3.62
CA PHE C 61 22.71 5.82 -2.41
C PHE C 61 23.98 5.90 -1.58
N SER C 62 23.82 6.20 -0.30
CA SER C 62 24.93 6.27 0.64
C SER C 62 24.41 5.92 2.03
N GLY C 63 25.33 5.51 2.90
CA GLY C 63 24.94 5.14 4.24
C GLY C 63 25.80 5.73 5.34
N SER C 64 25.16 6.27 6.37
CA SER C 64 25.85 6.85 7.52
C SER C 64 25.70 5.91 8.72
N LYS C 65 26.81 5.66 9.41
CA LYS C 65 26.78 4.84 10.62
C LYS C 65 26.62 5.72 11.86
N ASP C 68 23.04 6.10 17.23
CA ASP C 68 22.14 5.04 17.67
C ASP C 68 21.43 4.40 16.47
N THR C 69 21.31 5.19 15.40
CA THR C 69 20.61 4.77 14.19
C THR C 69 21.55 4.85 13.00
N ALA C 70 21.40 3.91 12.07
CA ALA C 70 22.13 3.93 10.81
C ALA C 70 21.12 4.24 9.69
N THR C 71 21.46 5.23 8.87
CA THR C 71 20.54 5.76 7.87
C THR C 71 21.10 5.58 6.46
N LEU C 72 20.25 5.09 5.56
CA LEU C 72 20.57 5.01 4.15
C LEU C 72 19.95 6.22 3.45
N THR C 73 20.76 6.96 2.70
CA THR C 73 20.35 8.22 2.09
C THR C 73 20.24 8.08 0.58
N ILE C 74 19.10 8.50 0.04
CA ILE C 74 18.87 8.59 -1.39
C ILE C 74 18.72 10.07 -1.72
N SER C 75 19.70 10.62 -2.43
CA SER C 75 19.73 12.07 -2.66
C SER C 75 18.62 12.51 -3.61
N ARG C 76 18.46 11.80 -4.73
CA ARG C 76 17.47 12.15 -5.74
C ARG C 76 16.58 10.93 -5.98
N VAL C 77 15.58 10.76 -5.10
CA VAL C 77 14.64 9.64 -5.23
C VAL C 77 13.94 9.73 -6.57
N GLU C 78 14.01 8.67 -7.36
CA GLU C 78 13.39 8.59 -8.67
C GLU C 78 12.35 7.47 -8.67
N ALA C 79 11.65 7.33 -9.79
CA ALA C 79 10.59 6.32 -9.88
C ALA C 79 11.13 4.91 -9.72
N GLY C 80 12.37 4.68 -10.14
CA GLY C 80 12.98 3.36 -10.06
C GLY C 80 13.50 2.97 -8.70
N ASP C 81 13.43 3.86 -7.72
CA ASP C 81 13.94 3.59 -6.38
C ASP C 81 12.94 2.88 -5.49
N GLU C 82 11.73 2.61 -5.98
CA GLU C 82 10.72 1.92 -5.19
C GLU C 82 11.15 0.48 -4.90
N GLY C 83 10.72 -0.02 -3.75
CA GLY C 83 11.01 -1.38 -3.35
C GLY C 83 11.21 -1.46 -1.86
N ASP C 84 11.61 -2.65 -1.40
CA ASP C 84 11.88 -2.92 0.00
C ASP C 84 13.38 -2.81 0.26
N TYR C 85 13.76 -2.07 1.29
CA TYR C 85 15.15 -1.85 1.65
C TYR C 85 15.45 -2.52 2.99
N TYR C 86 16.53 -3.28 3.03
CA TYR C 86 16.94 -4.02 4.22
C TYR C 86 18.33 -3.58 4.65
N CYS C 87 18.52 -3.41 5.95
CA CYS C 87 19.84 -3.16 6.52
C CYS C 87 20.33 -4.44 7.17
N GLN C 88 21.58 -4.80 6.88
CA GLN C 88 22.18 -6.03 7.39
C GLN C 88 23.57 -5.74 7.94
N VAL C 89 23.89 -6.41 9.04
CA VAL C 89 25.20 -6.32 9.69
C VAL C 89 25.63 -7.73 10.08
N TRP C 90 26.91 -7.86 10.44
CA TRP C 90 27.44 -9.11 10.96
C TRP C 90 27.60 -8.94 12.46
N ASP C 91 26.76 -9.64 13.21
CA ASP C 91 26.78 -9.54 14.67
C ASP C 91 28.04 -10.13 15.26
N SER C 92 28.59 -9.46 16.27
CA SER C 92 29.76 -9.94 17.00
C SER C 92 29.32 -10.78 18.19
N LYS C 93 30.29 -11.56 18.72
CA LYS C 93 30.10 -12.47 19.84
C LYS C 93 29.28 -13.68 19.41
N THR C 94 28.69 -13.61 18.22
CA THR C 94 27.93 -14.71 17.65
C THR C 94 28.23 -14.80 16.16
N ASP C 95 28.11 -16.00 15.61
CA ASP C 95 28.32 -16.24 14.19
C ASP C 95 27.02 -16.09 13.40
N HIS C 96 26.31 -14.98 13.62
CA HIS C 96 24.98 -14.79 13.05
C HIS C 96 24.94 -13.56 12.16
N VAL C 97 24.26 -13.69 11.03
CA VAL C 97 23.93 -12.58 10.14
C VAL C 97 22.48 -12.18 10.42
N VAL C 98 22.27 -10.90 10.72
CA VAL C 98 20.95 -10.41 11.09
C VAL C 98 20.50 -9.37 10.07
N PHE C 99 19.23 -9.48 9.67
CA PHE C 99 18.61 -8.56 8.71
C PHE C 99 17.55 -7.72 9.41
N GLY C 100 17.46 -6.46 9.01
CA GLY C 100 16.44 -5.58 9.55
C GLY C 100 15.08 -5.82 8.93
N GLY C 101 14.08 -5.13 9.49
CA GLY C 101 12.73 -5.24 8.97
C GLY C 101 12.58 -4.61 7.60
N GLY C 102 11.55 -5.05 6.89
CA GLY C 102 11.30 -4.52 5.55
C GLY C 102 10.83 -3.08 5.61
N THR C 103 11.43 -2.24 4.77
CA THR C 103 11.03 -0.85 4.63
C THR C 103 10.54 -0.64 3.20
N LYS C 104 9.22 -0.57 3.03
CA LYS C 104 8.62 -0.36 1.72
C LYS C 104 8.67 1.12 1.36
N VAL C 105 9.40 1.45 0.30
CA VAL C 105 9.54 2.82 -0.17
C VAL C 105 8.62 3.01 -1.37
N THR C 106 7.71 3.97 -1.28
CA THR C 106 6.77 4.29 -2.34
C THR C 106 7.01 5.70 -2.81
N VAL C 107 7.17 5.89 -4.12
CA VAL C 107 7.40 7.20 -4.70
C VAL C 107 6.06 7.85 -5.00
N LEU C 108 5.86 9.06 -4.48
CA LEU C 108 4.62 9.78 -4.70
C LEU C 108 4.48 10.19 -6.16
N ARG C 109 3.23 10.26 -6.62
CA ARG C 109 2.94 10.51 -8.02
C ARG C 109 1.66 11.33 -8.13
N THR C 110 1.50 11.98 -9.28
CA THR C 110 0.26 12.67 -9.57
C THR C 110 -0.83 11.66 -9.95
N VAL C 111 -2.08 12.12 -9.91
CA VAL C 111 -3.21 11.26 -10.22
C VAL C 111 -3.16 10.89 -11.70
N ALA C 112 -3.47 9.62 -11.99
CA ALA C 112 -3.49 9.11 -13.36
C ALA C 112 -4.79 8.35 -13.59
N ALA C 113 -5.46 8.66 -14.69
CA ALA C 113 -6.73 8.01 -14.97
C ALA C 113 -6.50 6.57 -15.45
N PRO C 114 -7.30 5.62 -14.98
CA PRO C 114 -7.15 4.23 -15.43
C PRO C 114 -7.48 4.06 -16.90
N SER C 115 -6.78 3.11 -17.52
CA SER C 115 -7.07 2.69 -18.89
C SER C 115 -7.89 1.40 -18.81
N VAL C 116 -9.21 1.54 -18.79
CA VAL C 116 -10.12 0.42 -18.55
C VAL C 116 -10.19 -0.46 -19.79
N PHE C 117 -10.11 -1.78 -19.59
CA PHE C 117 -10.24 -2.75 -20.66
C PHE C 117 -11.07 -3.92 -20.17
N ILE C 118 -11.92 -4.46 -21.05
CA ILE C 118 -12.82 -5.57 -20.72
C ILE C 118 -12.54 -6.72 -21.68
N PHE C 119 -12.44 -7.93 -21.14
CA PHE C 119 -12.13 -9.12 -21.92
C PHE C 119 -13.23 -10.16 -21.75
N PRO C 120 -13.87 -10.61 -22.82
CA PRO C 120 -14.89 -11.66 -22.69
C PRO C 120 -14.25 -13.01 -22.40
N PRO C 121 -15.01 -13.93 -21.81
CA PRO C 121 -14.47 -15.28 -21.56
C PRO C 121 -14.08 -15.97 -22.84
N SER C 122 -12.99 -16.73 -22.78
CA SER C 122 -12.53 -17.49 -23.93
C SER C 122 -13.47 -18.67 -24.19
N ASP C 123 -13.65 -18.99 -25.48
CA ASP C 123 -14.51 -20.10 -25.85
C ASP C 123 -13.94 -21.45 -25.38
N GLU C 124 -12.62 -21.54 -25.25
CA GLU C 124 -12.02 -22.77 -24.71
C GLU C 124 -12.44 -23.00 -23.26
N GLN C 125 -12.50 -21.93 -22.46
CA GLN C 125 -12.94 -22.06 -21.08
C GLN C 125 -14.42 -22.45 -20.99
N LEU C 126 -15.24 -21.98 -21.92
CA LEU C 126 -16.67 -22.31 -21.88
C LEU C 126 -16.90 -23.81 -22.03
N LYS C 127 -16.00 -24.51 -22.71
CA LYS C 127 -16.13 -25.97 -22.82
C LYS C 127 -15.94 -26.66 -21.47
N SER C 128 -15.12 -26.07 -20.59
CA SER C 128 -14.84 -26.67 -19.29
C SER C 128 -15.98 -26.48 -18.29
N GLY C 129 -16.98 -25.66 -18.59
CA GLY C 129 -18.09 -25.44 -17.72
C GLY C 129 -18.03 -24.17 -16.90
N THR C 130 -16.89 -23.50 -16.85
CA THR C 130 -16.71 -22.28 -16.08
C THR C 130 -16.35 -21.14 -17.02
N ALA C 131 -16.80 -19.93 -16.67
CA ALA C 131 -16.54 -18.73 -17.45
C ALA C 131 -15.92 -17.67 -16.55
N SER C 132 -14.85 -17.03 -17.04
CA SER C 132 -14.14 -16.00 -16.31
C SER C 132 -14.17 -14.71 -17.11
N VAL C 133 -14.65 -13.64 -16.49
CA VAL C 133 -14.66 -12.31 -17.08
C VAL C 133 -13.69 -11.44 -16.28
N VAL C 134 -12.75 -10.82 -16.98
CA VAL C 134 -11.68 -10.05 -16.33
C VAL C 134 -11.81 -8.59 -16.76
N CYS C 135 -11.63 -7.69 -15.80
CA CYS C 135 -11.62 -6.25 -16.02
C CYS C 135 -10.24 -5.71 -15.66
N LEU C 136 -9.68 -4.89 -16.53
CA LEU C 136 -8.29 -4.45 -16.41
C LEU C 136 -8.24 -2.95 -16.17
N LEU C 137 -7.47 -2.55 -15.16
CA LEU C 137 -7.13 -1.15 -14.92
C LEU C 137 -5.61 -1.03 -15.14
N ASN C 138 -5.22 -0.34 -16.20
CA ASN C 138 -3.84 -0.45 -16.67
C ASN C 138 -2.87 0.38 -15.83
N ASN C 139 -3.03 1.70 -15.81
CA ASN C 139 -2.07 2.59 -15.17
C ASN C 139 -2.86 3.67 -14.43
N PHE C 140 -2.96 3.54 -13.11
CA PHE C 140 -3.71 4.50 -12.31
C PHE C 140 -2.99 4.75 -11.00
N TYR C 141 -3.22 5.94 -10.43
CA TYR C 141 -2.67 6.35 -9.16
C TYR C 141 -3.65 7.35 -8.56
N PRO C 142 -3.96 7.25 -7.25
CA PRO C 142 -3.39 6.28 -6.31
C PRO C 142 -3.97 4.87 -6.43
N ARG C 143 -3.48 3.97 -5.57
CA ARG C 143 -3.89 2.57 -5.64
C ARG C 143 -5.37 2.39 -5.34
N GLU C 144 -5.94 3.23 -4.47
CA GLU C 144 -7.32 3.07 -4.05
C GLU C 144 -8.27 3.24 -5.24
N ALA C 145 -9.02 2.19 -5.55
CA ALA C 145 -9.99 2.22 -6.63
C ALA C 145 -11.00 1.11 -6.40
N LYS C 146 -12.25 1.37 -6.76
CA LYS C 146 -13.34 0.41 -6.59
C LYS C 146 -13.92 0.07 -7.96
N VAL C 147 -14.14 -1.22 -8.21
CA VAL C 147 -14.65 -1.72 -9.47
C VAL C 147 -16.02 -2.34 -9.22
N GLN C 148 -16.99 -2.01 -10.07
CA GLN C 148 -18.35 -2.51 -9.97
C GLN C 148 -18.69 -3.34 -11.19
N TRP C 149 -19.20 -4.55 -10.96
CA TRP C 149 -19.58 -5.47 -12.02
C TRP C 149 -21.08 -5.40 -12.24
N LYS C 150 -21.49 -5.13 -13.47
CA LYS C 150 -22.90 -5.08 -13.84
C LYS C 150 -23.13 -6.03 -15.00
N VAL C 151 -23.96 -7.05 -14.78
CA VAL C 151 -24.35 -7.98 -15.83
C VAL C 151 -25.85 -7.84 -16.07
N ASP C 152 -26.22 -7.58 -17.32
CA ASP C 152 -27.60 -7.26 -17.68
C ASP C 152 -28.15 -6.13 -16.81
N ASN C 153 -27.31 -5.13 -16.57
CA ASN C 153 -27.61 -3.95 -15.77
C ASN C 153 -27.90 -4.28 -14.31
N ALA C 154 -27.65 -5.51 -13.88
CA ALA C 154 -27.82 -5.92 -12.49
C ALA C 154 -26.45 -6.03 -11.84
N LEU C 155 -26.31 -5.49 -10.63
CA LEU C 155 -25.03 -5.47 -9.96
C LEU C 155 -24.75 -6.84 -9.32
N GLN C 156 -23.60 -7.41 -9.64
CA GLN C 156 -23.16 -8.68 -9.06
C GLN C 156 -22.23 -8.42 -7.87
N SER C 157 -22.39 -9.23 -6.83
CA SER C 157 -21.59 -9.09 -5.62
C SER C 157 -21.19 -10.46 -5.10
N GLY C 158 -19.94 -10.57 -4.67
CA GLY C 158 -19.42 -11.79 -4.08
C GLY C 158 -18.85 -12.81 -5.05
N ASN C 159 -18.97 -12.57 -6.36
CA ASN C 159 -18.45 -13.47 -7.37
C ASN C 159 -17.22 -12.91 -8.08
N SER C 160 -16.62 -11.84 -7.55
CA SER C 160 -15.49 -11.19 -8.19
C SER C 160 -14.32 -11.07 -7.21
N GLN C 161 -13.12 -11.30 -7.71
CA GLN C 161 -11.89 -11.14 -6.95
C GLN C 161 -10.92 -10.30 -7.76
N GLU C 162 -10.12 -9.50 -7.06
CA GLU C 162 -9.20 -8.57 -7.70
C GLU C 162 -7.80 -8.71 -7.12
N SER C 163 -6.81 -8.42 -7.96
CA SER C 163 -5.42 -8.37 -7.54
C SER C 163 -4.79 -7.08 -8.08
N VAL C 164 -3.87 -6.52 -7.31
CA VAL C 164 -3.23 -5.26 -7.65
C VAL C 164 -1.72 -5.46 -7.70
N THR C 165 -1.08 -4.91 -8.73
CA THR C 165 0.36 -4.98 -8.85
C THR C 165 1.02 -3.95 -7.94
N GLU C 166 2.32 -4.13 -7.71
CA GLU C 166 3.09 -3.18 -6.93
C GLU C 166 3.40 -1.95 -7.77
N GLN C 167 4.02 -0.96 -7.15
CA GLN C 167 4.34 0.29 -7.86
C GLN C 167 5.28 0.01 -9.02
N ASP C 168 4.98 0.61 -10.17
CA ASP C 168 5.80 0.42 -11.36
C ASP C 168 7.16 1.07 -11.20
N SER C 169 8.18 0.43 -11.76
CA SER C 169 9.53 0.98 -11.71
C SER C 169 9.65 2.26 -12.51
N LYS C 170 8.99 2.33 -13.67
CA LYS C 170 9.09 3.50 -14.54
C LYS C 170 7.97 4.50 -14.32
N ASP C 171 6.72 4.04 -14.33
CA ASP C 171 5.57 4.93 -14.23
C ASP C 171 5.18 5.25 -12.79
N SER C 172 5.70 4.50 -11.81
CA SER C 172 5.31 4.65 -10.39
C SER C 172 3.79 4.61 -10.24
N THR C 173 3.16 3.68 -10.94
CA THR C 173 1.71 3.55 -10.97
C THR C 173 1.32 2.12 -10.64
N TYR C 174 0.03 1.92 -10.41
CA TYR C 174 -0.52 0.61 -10.05
C TYR C 174 -1.42 0.08 -11.16
N SER C 175 -1.65 -1.23 -11.12
CA SER C 175 -2.56 -1.90 -12.04
C SER C 175 -3.40 -2.90 -11.26
N LEU C 176 -4.68 -2.99 -11.62
CA LEU C 176 -5.61 -3.87 -10.95
C LEU C 176 -6.37 -4.70 -11.97
N SER C 177 -6.56 -5.98 -11.65
CA SER C 177 -7.32 -6.90 -12.50
C SER C 177 -8.37 -7.60 -11.65
N SER C 178 -9.63 -7.45 -12.02
CA SER C 178 -10.75 -8.05 -11.30
C SER C 178 -11.38 -9.13 -12.17
N THR C 179 -11.33 -10.38 -11.70
CA THR C 179 -11.86 -11.52 -12.43
C THR C 179 -13.24 -11.87 -11.88
N LEU C 180 -14.18 -12.12 -12.79
CA LEU C 180 -15.55 -12.48 -12.44
C LEU C 180 -15.76 -13.95 -12.79
N THR C 181 -15.89 -14.79 -11.77
CA THR C 181 -16.04 -16.22 -11.96
C THR C 181 -17.52 -16.58 -11.98
N LEU C 182 -17.97 -17.21 -13.07
CA LEU C 182 -19.35 -17.60 -13.23
C LEU C 182 -19.38 -18.96 -13.93
N SER C 183 -20.48 -19.69 -13.74
CA SER C 183 -20.61 -20.98 -14.38
C SER C 183 -21.03 -20.81 -15.84
N LYS C 184 -21.21 -21.92 -16.55
CA LYS C 184 -21.57 -21.85 -17.95
C LYS C 184 -23.08 -21.69 -18.18
N ALA C 185 -23.90 -21.78 -17.13
CA ALA C 185 -25.30 -21.45 -17.27
C ALA C 185 -25.64 -20.02 -16.88
N ASP C 186 -24.79 -19.38 -16.09
CA ASP C 186 -24.96 -17.96 -15.80
C ASP C 186 -24.59 -17.10 -17.00
N TYR C 187 -23.50 -17.44 -17.68
CA TYR C 187 -23.01 -16.61 -18.79
C TYR C 187 -24.00 -16.57 -19.95
N GLU C 188 -24.56 -17.73 -20.30
CA GLU C 188 -25.54 -17.78 -21.39
C GLU C 188 -26.86 -17.12 -20.99
N LYS C 189 -27.26 -17.26 -19.73
CA LYS C 189 -28.54 -16.74 -19.27
C LYS C 189 -28.61 -15.21 -19.34
N HIS C 190 -27.54 -14.53 -18.95
CA HIS C 190 -27.52 -13.07 -18.97
C HIS C 190 -26.59 -12.56 -20.08
N LYS C 191 -27.16 -11.81 -21.02
CA LYS C 191 -26.40 -11.20 -22.09
C LYS C 191 -25.75 -9.90 -21.60
N VAL C 192 -25.01 -9.25 -22.50
CA VAL C 192 -24.32 -7.97 -22.32
C VAL C 192 -23.65 -7.82 -20.95
N TYR C 193 -22.33 -7.93 -20.94
CA TYR C 193 -21.53 -7.80 -19.73
C TYR C 193 -20.81 -6.46 -19.75
N ALA C 194 -20.86 -5.74 -18.63
CA ALA C 194 -20.27 -4.42 -18.53
C ALA C 194 -19.49 -4.31 -17.22
N CYS C 195 -18.37 -3.59 -17.27
CA CYS C 195 -17.54 -3.32 -16.11
C CYS C 195 -17.44 -1.82 -15.90
N GLU C 196 -17.80 -1.36 -14.71
CA GLU C 196 -17.80 0.05 -14.36
C GLU C 196 -16.84 0.29 -13.21
N VAL C 197 -16.00 1.31 -13.34
CA VAL C 197 -15.01 1.65 -12.32
C VAL C 197 -15.11 3.15 -12.03
N THR C 198 -14.74 3.51 -10.81
CA THR C 198 -14.69 4.91 -10.40
C THR C 198 -13.32 5.21 -9.81
N HIS C 199 -12.72 6.32 -10.24
CA HIS C 199 -11.40 6.70 -9.79
C HIS C 199 -11.31 8.22 -9.70
N GLN C 200 -10.34 8.70 -8.91
CA GLN C 200 -10.16 10.13 -8.74
C GLN C 200 -9.65 10.81 -10.00
N GLY C 201 -9.11 10.04 -10.95
CA GLY C 201 -8.65 10.59 -12.22
C GLY C 201 -9.71 10.64 -13.30
N LEU C 202 -10.96 10.33 -12.98
CA LEU C 202 -12.05 10.34 -13.95
C LEU C 202 -13.16 11.25 -13.45
N SER C 203 -13.56 12.21 -14.30
CA SER C 203 -14.66 13.10 -13.94
C SER C 203 -15.96 12.33 -13.75
N SER C 204 -16.21 11.37 -14.62
CA SER C 204 -17.38 10.49 -14.56
C SER C 204 -16.92 9.05 -14.63
N PRO C 205 -17.68 8.12 -14.03
CA PRO C 205 -17.31 6.71 -14.10
C PRO C 205 -17.22 6.22 -15.54
N VAL C 206 -16.23 5.37 -15.80
CA VAL C 206 -15.97 4.83 -17.13
C VAL C 206 -16.41 3.38 -17.16
N THR C 207 -17.24 3.04 -18.13
CA THR C 207 -17.77 1.69 -18.29
C THR C 207 -17.41 1.14 -19.67
N LYS C 208 -17.05 -0.14 -19.72
CA LYS C 208 -16.76 -0.83 -20.96
C LYS C 208 -17.55 -2.13 -20.99
N SER C 209 -18.01 -2.52 -22.18
CA SER C 209 -18.94 -3.63 -22.28
C SER C 209 -18.76 -4.37 -23.59
N PHE C 210 -19.25 -5.61 -23.60
CA PHE C 210 -19.37 -6.44 -24.80
C PHE C 210 -20.74 -7.12 -24.77
N ASN C 211 -21.28 -7.36 -25.96
CA ASN C 211 -22.66 -7.81 -26.08
C ASN C 211 -22.78 -9.31 -26.41
N ARG C 212 -21.74 -10.08 -26.14
CA ARG C 212 -21.84 -11.53 -26.31
C ARG C 212 -21.67 -12.27 -24.98
N GLN D 1 31.15 -11.48 -13.76
CA GLN D 1 30.45 -12.61 -14.37
C GLN D 1 30.34 -13.78 -13.39
N VAL D 2 29.78 -13.50 -12.22
CA VAL D 2 29.55 -14.51 -11.19
C VAL D 2 28.10 -14.95 -11.28
N GLN D 3 27.88 -16.25 -11.50
CA GLN D 3 26.56 -16.81 -11.69
C GLN D 3 26.27 -17.82 -10.60
N LEU D 4 25.12 -17.66 -9.94
CA LEU D 4 24.63 -18.61 -8.94
C LEU D 4 23.29 -19.14 -9.41
N VAL D 5 23.24 -20.45 -9.67
CA VAL D 5 22.04 -21.10 -10.17
C VAL D 5 21.53 -22.08 -9.12
N GLN D 6 20.23 -22.02 -8.85
CA GLN D 6 19.60 -22.84 -7.82
C GLN D 6 18.69 -23.88 -8.47
N SER D 7 18.24 -24.82 -7.63
CA SER D 7 17.30 -25.83 -8.10
C SER D 7 15.90 -25.22 -8.24
N GLY D 8 15.04 -25.95 -8.94
CA GLY D 8 13.68 -25.51 -9.15
C GLY D 8 12.86 -25.62 -7.89
N PRO D 9 11.64 -25.07 -7.92
CA PRO D 9 10.77 -25.17 -6.75
C PRO D 9 10.42 -26.62 -6.45
N ASP D 10 10.31 -26.93 -5.15
CA ASP D 10 10.03 -28.28 -4.69
C ASP D 10 8.83 -28.26 -3.76
N VAL D 11 8.05 -29.34 -3.81
CA VAL D 11 6.88 -29.51 -2.96
C VAL D 11 7.08 -30.77 -2.13
N ARG D 12 7.14 -30.61 -0.81
CA ARG D 12 7.35 -31.73 0.10
C ARG D 12 6.23 -31.74 1.14
N LYS D 13 5.84 -32.95 1.55
CA LYS D 13 4.80 -33.08 2.55
C LYS D 13 5.30 -32.59 3.90
N PRO D 14 4.39 -32.15 4.78
CA PRO D 14 4.81 -31.70 6.11
C PRO D 14 5.53 -32.81 6.87
N GLY D 15 6.58 -32.41 7.59
CA GLY D 15 7.40 -33.36 8.32
C GLY D 15 8.47 -34.06 7.50
N ALA D 16 8.54 -33.80 6.20
CA ALA D 16 9.51 -34.43 5.34
C ALA D 16 10.79 -33.59 5.28
N THR D 17 11.73 -33.97 4.42
CA THR D 17 13.00 -33.29 4.28
C THR D 17 13.16 -32.76 2.87
N VAL D 18 13.63 -31.52 2.75
CA VAL D 18 13.83 -30.85 1.47
C VAL D 18 15.31 -30.52 1.31
N LYS D 19 15.82 -30.69 0.09
CA LYS D 19 17.21 -30.39 -0.24
C LYS D 19 17.24 -29.36 -1.36
N VAL D 20 17.92 -28.25 -1.13
CA VAL D 20 18.03 -27.16 -2.09
C VAL D 20 19.48 -27.05 -2.55
N SER D 21 19.69 -27.05 -3.86
CA SER D 21 21.02 -26.95 -4.44
C SER D 21 21.29 -25.54 -4.94
N CYS D 22 22.57 -25.19 -5.01
CA CYS D 22 23.00 -23.88 -5.50
C CYS D 22 24.30 -24.07 -6.28
N GLN D 23 24.18 -24.09 -7.61
CA GLN D 23 25.35 -24.22 -8.47
C GLN D 23 26.04 -22.87 -8.60
N THR D 24 27.37 -22.86 -8.43
CA THR D 24 28.14 -21.63 -8.45
C THR D 24 29.25 -21.74 -9.49
N SER D 25 29.52 -20.64 -10.19
CA SER D 25 30.57 -20.61 -11.20
C SER D 25 31.01 -19.18 -11.44
N GLY D 26 32.18 -19.05 -12.08
CA GLY D 26 32.72 -17.76 -12.47
C GLY D 26 33.78 -17.20 -11.54
N TYR D 27 33.90 -17.74 -10.32
CA TYR D 27 34.91 -17.28 -9.38
C TYR D 27 35.58 -18.51 -8.75
N ARG D 28 36.68 -18.26 -8.06
CA ARG D 28 37.45 -19.34 -7.45
C ARG D 28 36.69 -19.90 -6.25
N PHE D 29 36.28 -21.16 -6.36
CA PHE D 29 35.57 -21.83 -5.28
C PHE D 29 36.49 -22.06 -4.09
N THR D 30 35.87 -22.30 -2.93
CA THR D 30 36.56 -22.51 -1.65
C THR D 30 37.35 -21.28 -1.21
N ASP D 31 37.09 -20.12 -1.81
CA ASP D 31 37.73 -18.88 -1.41
C ASP D 31 36.78 -17.87 -0.79
N TYR D 32 35.47 -18.04 -0.98
CA TYR D 32 34.47 -17.16 -0.39
C TYR D 32 33.38 -18.02 0.22
N GLU D 33 32.98 -17.69 1.46
CA GLU D 33 31.91 -18.41 2.11
C GLU D 33 30.57 -18.08 1.45
N MET D 34 29.62 -19.00 1.62
CA MET D 34 28.29 -18.85 1.04
C MET D 34 27.25 -18.99 2.14
N ASN D 35 26.18 -18.19 2.03
CA ASN D 35 25.12 -18.15 3.02
C ASN D 35 23.78 -18.42 2.36
N TRP D 36 22.82 -18.86 3.17
CA TRP D 36 21.46 -19.13 2.72
C TRP D 36 20.51 -18.18 3.42
N VAL D 37 19.66 -17.51 2.64
CA VAL D 37 18.67 -16.57 3.16
C VAL D 37 17.31 -16.94 2.59
N ARG D 38 16.32 -17.05 3.46
CA ARG D 38 14.95 -17.34 3.07
C ARG D 38 14.06 -16.12 3.33
N GLN D 39 13.06 -15.95 2.48
CA GLN D 39 12.12 -14.84 2.59
C GLN D 39 10.70 -15.37 2.49
N ALA D 40 9.88 -15.11 3.50
CA ALA D 40 8.49 -15.50 3.47
C ALA D 40 7.75 -14.72 2.38
N PRO D 41 6.60 -15.24 1.92
CA PRO D 41 5.89 -14.58 0.81
C PRO D 41 5.62 -13.11 1.04
N GLY D 42 5.35 -12.68 2.27
CA GLY D 42 5.08 -11.29 2.53
C GLY D 42 6.00 -10.65 3.56
N GLN D 43 6.93 -11.42 4.10
CA GLN D 43 7.81 -10.94 5.16
C GLN D 43 9.19 -10.61 4.59
N GLY D 44 10.11 -10.26 5.48
CA GLY D 44 11.45 -9.85 5.09
C GLY D 44 12.43 -11.01 5.03
N LEU D 45 13.69 -10.65 4.76
CA LEU D 45 14.74 -11.64 4.63
C LEU D 45 15.08 -12.25 5.99
N GLU D 46 15.39 -13.55 5.98
CA GLU D 46 15.77 -14.28 7.18
C GLU D 46 16.99 -15.14 6.89
N TRP D 47 18.04 -14.96 7.68
CA TRP D 47 19.29 -15.69 7.47
C TRP D 47 19.18 -17.08 8.08
N ILE D 48 19.62 -18.08 7.32
CA ILE D 48 19.52 -19.47 7.74
C ILE D 48 20.83 -19.97 8.31
N GLY D 49 21.90 -19.90 7.52
CA GLY D 49 23.16 -20.44 7.97
C GLY D 49 24.30 -20.06 7.03
N LEU D 50 25.45 -20.70 7.28
CA LEU D 50 26.68 -20.36 6.59
C LEU D 50 27.48 -21.64 6.33
N ILE D 51 28.27 -21.62 5.27
CA ILE D 51 29.14 -22.75 4.93
C ILE D 51 30.44 -22.20 4.32
N ASN D 52 31.55 -22.82 4.70
CA ASN D 52 32.86 -22.49 4.13
C ASN D 52 33.40 -23.68 3.36
N PRO D 53 33.39 -23.64 2.03
CA PRO D 53 33.85 -24.82 1.25
C PRO D 53 35.29 -25.21 1.53
N HIS D 54 36.17 -24.25 1.84
CA HIS D 54 37.57 -24.58 2.06
C HIS D 54 37.76 -25.46 3.30
N SER D 55 37.06 -25.13 4.39
CA SER D 55 37.22 -25.86 5.63
C SER D 55 36.08 -26.82 5.92
N GLY D 56 34.91 -26.62 5.31
CA GLY D 56 33.74 -27.41 5.64
C GLY D 56 33.00 -26.99 6.87
N ASP D 57 33.44 -25.93 7.55
CA ASP D 57 32.77 -25.46 8.75
C ASP D 57 31.39 -24.91 8.42
N THR D 58 30.41 -25.25 9.25
CA THR D 58 29.04 -24.81 9.07
C THR D 58 28.58 -24.02 10.29
N ALA D 59 28.07 -22.82 10.06
CA ALA D 59 27.53 -21.97 11.12
C ALA D 59 26.05 -21.74 10.83
N TYR D 60 25.20 -22.22 11.73
CA TYR D 60 23.75 -22.14 11.56
C TYR D 60 23.16 -21.13 12.54
N ALA D 61 21.98 -20.61 12.17
CA ALA D 61 21.26 -19.72 13.06
C ALA D 61 20.65 -20.49 14.22
N GLN D 62 20.37 -19.76 15.30
CA GLN D 62 19.85 -20.38 16.52
C GLN D 62 18.48 -21.02 16.27
N LYS D 63 17.63 -20.37 15.48
CA LYS D 63 16.31 -20.90 15.21
C LYS D 63 16.39 -22.22 14.44
N PHE D 64 17.32 -22.30 13.48
CA PHE D 64 17.42 -23.46 12.61
C PHE D 64 18.36 -24.54 13.13
N GLN D 65 18.92 -24.37 14.34
CA GLN D 65 19.84 -25.36 14.88
C GLN D 65 19.12 -26.68 15.09
N GLY D 66 19.74 -27.76 14.62
CA GLY D 66 19.18 -29.08 14.74
C GLY D 66 18.30 -29.51 13.58
N ARG D 67 17.88 -28.58 12.73
CA ARG D 67 17.02 -28.90 11.60
C ARG D 67 17.68 -28.69 10.24
N VAL D 68 18.80 -27.98 10.17
CA VAL D 68 19.44 -27.64 8.90
C VAL D 68 20.81 -28.30 8.84
N THR D 69 21.14 -28.86 7.67
CA THR D 69 22.45 -29.44 7.41
C THR D 69 22.92 -28.92 6.05
N MET D 70 24.14 -28.41 6.00
CA MET D 70 24.70 -27.81 4.81
C MET D 70 25.93 -28.59 4.35
N THR D 71 25.97 -28.94 3.07
CA THR D 71 27.07 -29.67 2.48
C THR D 71 27.56 -28.93 1.23
N SER D 72 28.85 -29.05 0.96
CA SER D 72 29.46 -28.43 -0.22
C SER D 72 30.25 -29.48 -0.98
N ASP D 73 30.13 -29.44 -2.31
CA ASP D 73 30.83 -30.37 -3.20
C ASP D 73 31.70 -29.57 -4.14
N THR D 74 33.02 -29.58 -3.90
CA THR D 74 33.94 -28.82 -4.72
C THR D 74 34.12 -29.43 -6.11
N SER D 75 33.71 -30.69 -6.31
CA SER D 75 33.84 -31.31 -7.63
C SER D 75 32.98 -30.60 -8.66
N ASP D 76 31.75 -30.25 -8.30
CA ASP D 76 30.84 -29.55 -9.18
C ASP D 76 30.52 -28.13 -8.74
N SER D 77 31.17 -27.65 -7.68
CA SER D 77 30.99 -26.30 -7.16
C SER D 77 29.52 -26.04 -6.81
N THR D 78 29.02 -26.81 -5.85
CA THR D 78 27.64 -26.71 -5.40
C THR D 78 27.59 -26.64 -3.89
N VAL D 79 26.56 -25.97 -3.38
CA VAL D 79 26.29 -25.87 -1.95
C VAL D 79 24.84 -26.30 -1.71
N TYR D 80 24.64 -27.23 -0.78
CA TYR D 80 23.34 -27.81 -0.52
C TYR D 80 22.82 -27.40 0.84
N LEU D 81 21.51 -27.15 0.93
CA LEU D 81 20.82 -26.90 2.18
C LEU D 81 19.81 -28.01 2.40
N GLU D 82 19.74 -28.52 3.62
CA GLU D 82 18.87 -29.65 3.96
C GLU D 82 18.08 -29.34 5.21
N LEU D 83 16.77 -29.15 5.07
CA LEU D 83 15.87 -28.90 6.18
C LEU D 83 15.11 -30.19 6.48
N SER D 84 15.18 -30.65 7.73
CA SER D 84 14.56 -31.91 8.12
C SER D 84 13.18 -31.74 8.73
N GLY D 85 13.01 -30.79 9.64
CA GLY D 85 11.70 -30.60 10.25
C GLY D 85 10.87 -29.57 9.53
N LEU D 86 10.12 -29.99 8.51
CA LEU D 86 9.35 -29.05 7.70
C LEU D 86 8.05 -28.70 8.40
N THR D 87 7.85 -27.42 8.69
CA THR D 87 6.63 -26.87 9.25
C THR D 87 5.92 -26.03 8.18
N PRO D 88 4.60 -25.85 8.28
CA PRO D 88 3.90 -25.04 7.27
C PRO D 88 4.40 -23.61 7.20
N ASP D 89 4.99 -23.09 8.28
CA ASP D 89 5.57 -21.74 8.26
C ASP D 89 6.83 -21.66 7.42
N ASP D 90 7.40 -22.79 7.00
CA ASP D 90 8.65 -22.80 6.24
C ASP D 90 8.46 -22.46 4.77
N THR D 91 7.23 -22.31 4.29
CA THR D 91 7.01 -21.96 2.89
C THR D 91 7.59 -20.60 2.60
N ALA D 92 8.63 -20.55 1.78
CA ALA D 92 9.35 -19.32 1.50
C ALA D 92 10.25 -19.56 0.30
N VAL D 93 10.77 -18.46 -0.26
CA VAL D 93 11.77 -18.54 -1.32
C VAL D 93 13.14 -18.57 -0.66
N TYR D 94 13.96 -19.54 -1.05
CA TYR D 94 15.24 -19.80 -0.41
C TYR D 94 16.35 -19.35 -1.35
N TYR D 95 17.16 -18.39 -0.90
CA TYR D 95 18.25 -17.83 -1.68
C TYR D 95 19.59 -18.35 -1.16
N CYS D 96 20.53 -18.52 -2.08
CA CYS D 96 21.92 -18.77 -1.74
C CYS D 96 22.73 -17.53 -2.14
N ALA D 97 23.52 -17.03 -1.20
CA ALA D 97 24.25 -15.79 -1.41
C ALA D 97 25.74 -16.02 -1.20
N ARG D 98 26.53 -15.44 -2.10
CA ARG D 98 27.99 -15.48 -2.00
C ARG D 98 28.47 -14.27 -1.21
N SER D 99 29.34 -14.52 -0.23
CA SER D 99 29.82 -13.48 0.66
C SER D 99 31.22 -13.03 0.23
N GLN D 100 31.38 -11.73 0.04
CA GLN D 100 32.68 -11.14 -0.31
C GLN D 100 33.08 -10.19 0.82
N GLY D 101 34.14 -10.56 1.53
CA GLY D 101 34.63 -9.72 2.61
C GLY D 101 35.84 -10.38 3.26
N THR D 102 36.55 -9.58 4.04
CA THR D 102 37.72 -10.05 4.79
C THR D 102 37.61 -9.56 6.21
N PHE D 103 37.81 -10.47 7.16
CA PHE D 103 37.75 -10.18 8.60
C PHE D 103 36.35 -9.67 8.93
N GLU D 104 36.20 -8.44 9.44
CA GLU D 104 34.90 -7.96 9.89
C GLU D 104 33.95 -7.70 8.73
N VAL D 105 34.48 -7.30 7.57
CA VAL D 105 33.62 -6.95 6.44
C VAL D 105 32.89 -8.20 5.95
N TYR D 106 31.57 -8.11 5.85
CA TYR D 106 30.76 -9.24 5.41
C TYR D 106 29.50 -8.72 4.72
N TYR D 107 29.40 -8.95 3.41
CA TYR D 107 28.23 -8.54 2.64
C TYR D 107 28.04 -9.56 1.52
N PHE D 108 26.82 -9.59 0.98
CA PHE D 108 26.43 -10.60 0.00
C PHE D 108 26.37 -9.99 -1.40
N VAL D 109 27.02 -10.64 -2.35
CA VAL D 109 27.06 -10.21 -3.74
C VAL D 109 26.58 -11.37 -4.61
N SER D 110 26.02 -11.04 -5.77
CA SER D 110 25.49 -12.02 -6.72
C SER D 110 24.55 -13.01 -6.03
N TRP D 111 23.38 -12.50 -5.69
CA TRP D 111 22.35 -13.34 -5.09
C TRP D 111 21.85 -14.37 -6.09
N GLY D 112 21.38 -15.50 -5.58
CA GLY D 112 20.83 -16.53 -6.43
C GLY D 112 19.39 -16.24 -6.85
N GLN D 113 18.89 -17.09 -7.74
CA GLN D 113 17.53 -16.90 -8.25
C GLN D 113 16.48 -17.16 -7.18
N GLY D 114 16.76 -18.06 -6.25
CA GLY D 114 15.81 -18.38 -5.21
C GLY D 114 15.00 -19.61 -5.54
N SER D 115 14.65 -20.37 -4.51
CA SER D 115 13.86 -21.58 -4.64
C SER D 115 12.64 -21.47 -3.75
N LEU D 116 11.46 -21.44 -4.37
CA LEU D 116 10.20 -21.33 -3.64
C LEU D 116 9.72 -22.73 -3.32
N VAL D 117 10.15 -23.23 -2.17
CA VAL D 117 9.70 -24.54 -1.70
C VAL D 117 8.41 -24.37 -0.90
N THR D 118 7.40 -25.14 -1.26
CA THR D 118 6.10 -25.12 -0.59
C THR D 118 5.89 -26.46 0.11
N VAL D 119 5.74 -26.42 1.43
CA VAL D 119 5.52 -27.63 2.21
C VAL D 119 4.01 -27.75 2.42
N SER D 120 3.42 -28.76 1.78
CA SER D 120 1.98 -28.97 1.85
C SER D 120 1.69 -30.44 1.52
N SER D 121 0.58 -30.93 2.06
CA SER D 121 0.15 -32.30 1.81
C SER D 121 -0.69 -32.45 0.55
N ALA D 122 -1.04 -31.34 -0.11
CA ALA D 122 -1.88 -31.41 -1.29
C ALA D 122 -1.06 -31.78 -2.52
N SER D 123 -1.77 -32.20 -3.57
CA SER D 123 -1.13 -32.61 -4.81
C SER D 123 -1.00 -31.43 -5.77
N THR D 124 0.14 -31.35 -6.44
CA THR D 124 0.37 -30.29 -7.40
C THR D 124 -0.52 -30.46 -8.63
N LYS D 125 -1.11 -29.35 -9.07
CA LYS D 125 -1.99 -29.36 -10.23
C LYS D 125 -1.51 -28.31 -11.23
N GLY D 126 -1.40 -28.69 -12.50
CA GLY D 126 -0.94 -27.79 -13.53
C GLY D 126 -1.97 -26.76 -13.91
N PRO D 127 -1.51 -25.62 -14.43
CA PRO D 127 -2.44 -24.56 -14.82
C PRO D 127 -3.09 -24.81 -16.17
N SER D 128 -4.17 -24.06 -16.41
CA SER D 128 -4.84 -24.03 -17.70
C SER D 128 -4.81 -22.59 -18.22
N VAL D 129 -4.42 -22.44 -19.48
CA VAL D 129 -4.20 -21.12 -20.08
C VAL D 129 -5.35 -20.82 -21.02
N PHE D 130 -6.01 -19.69 -20.79
CA PHE D 130 -7.09 -19.22 -21.64
C PHE D 130 -6.76 -17.82 -22.13
N PRO D 131 -6.74 -17.57 -23.43
CA PRO D 131 -6.36 -16.24 -23.93
C PRO D 131 -7.42 -15.20 -23.63
N LEU D 132 -6.97 -13.96 -23.49
CA LEU D 132 -7.86 -12.81 -23.34
C LEU D 132 -7.78 -12.00 -24.63
N ALA D 133 -8.77 -12.20 -25.50
CA ALA D 133 -8.78 -11.59 -26.82
C ALA D 133 -9.13 -10.11 -26.71
N PRO D 134 -8.47 -9.25 -27.48
CA PRO D 134 -8.82 -7.83 -27.49
C PRO D 134 -10.10 -7.60 -28.29
N SER D 135 -10.64 -6.40 -28.13
CA SER D 135 -11.88 -6.01 -28.80
C SER D 135 -11.62 -4.88 -29.78
N SER D 136 -12.59 -4.67 -30.67
CA SER D 136 -12.51 -3.61 -31.66
C SER D 136 -13.45 -2.46 -31.31
N THR D 143 -3.30 1.16 -26.06
CA THR D 143 -4.65 1.45 -26.52
C THR D 143 -5.38 0.18 -26.93
N ALA D 144 -4.67 -0.95 -26.86
CA ALA D 144 -5.22 -2.25 -27.25
C ALA D 144 -4.58 -3.31 -26.35
N ALA D 145 -5.22 -3.56 -25.21
CA ALA D 145 -4.71 -4.49 -24.23
C ALA D 145 -5.13 -5.92 -24.55
N LEU D 146 -4.27 -6.86 -24.19
CA LEU D 146 -4.53 -8.29 -24.35
C LEU D 146 -3.67 -9.04 -23.36
N GLY D 147 -4.01 -10.30 -23.11
CA GLY D 147 -3.25 -11.07 -22.16
C GLY D 147 -3.68 -12.51 -22.09
N CYS D 148 -3.11 -13.22 -21.13
CA CYS D 148 -3.40 -14.62 -20.87
C CYS D 148 -3.94 -14.78 -19.45
N LEU D 149 -4.64 -15.88 -19.23
CA LEU D 149 -5.21 -16.21 -17.92
C LEU D 149 -4.82 -17.64 -17.57
N VAL D 150 -3.97 -17.80 -16.57
CA VAL D 150 -3.62 -19.11 -16.04
C VAL D 150 -4.38 -19.31 -14.73
N LYS D 151 -5.13 -20.42 -14.66
CA LYS D 151 -6.07 -20.62 -13.57
C LYS D 151 -5.98 -22.06 -13.08
N ASP D 152 -6.34 -22.26 -11.80
CA ASP D 152 -6.43 -23.57 -11.17
C ASP D 152 -5.09 -24.30 -11.22
N TYR D 153 -4.10 -23.73 -10.55
CA TYR D 153 -2.77 -24.29 -10.46
C TYR D 153 -2.29 -24.27 -9.01
N PHE D 154 -1.39 -25.20 -8.69
CA PHE D 154 -0.81 -25.32 -7.36
C PHE D 154 0.51 -26.04 -7.49
N PRO D 155 1.58 -25.59 -6.81
CA PRO D 155 1.62 -24.43 -5.90
C PRO D 155 1.86 -23.10 -6.59
N GLU D 156 2.32 -22.12 -5.81
CA GLU D 156 2.39 -20.73 -6.27
C GLU D 156 3.29 -20.49 -7.48
N PRO D 157 4.54 -20.99 -7.53
CA PRO D 157 5.49 -20.47 -8.54
C PRO D 157 5.07 -20.72 -9.99
N VAL D 158 4.75 -19.63 -10.70
CA VAL D 158 4.44 -19.66 -12.13
C VAL D 158 5.10 -18.46 -12.79
N THR D 159 5.71 -18.69 -13.95
CA THR D 159 6.42 -17.66 -14.70
C THR D 159 5.71 -17.43 -16.02
N VAL D 160 5.46 -16.15 -16.33
CA VAL D 160 4.81 -15.77 -17.59
C VAL D 160 5.71 -14.76 -18.30
N SER D 161 6.02 -15.04 -19.56
CA SER D 161 6.78 -14.14 -20.41
C SER D 161 6.06 -14.00 -21.75
N TRP D 162 6.33 -12.90 -22.44
CA TRP D 162 5.67 -12.60 -23.71
C TRP D 162 6.69 -12.68 -24.84
N ASN D 163 6.38 -13.47 -25.86
CA ASN D 163 7.25 -13.66 -27.02
C ASN D 163 8.63 -14.14 -26.59
N SER D 164 8.66 -15.05 -25.60
CA SER D 164 9.89 -15.60 -25.04
C SER D 164 10.84 -14.50 -24.57
N GLY D 165 10.27 -13.48 -23.92
CA GLY D 165 11.05 -12.38 -23.38
C GLY D 165 11.32 -11.25 -24.34
N ALA D 166 10.92 -11.37 -25.61
CA ALA D 166 11.13 -10.29 -26.56
C ALA D 166 10.28 -9.07 -26.21
N LEU D 167 9.04 -9.29 -25.79
CA LEU D 167 8.11 -8.22 -25.45
C LEU D 167 8.05 -8.10 -23.93
N THR D 168 8.68 -7.06 -23.38
CA THR D 168 8.68 -6.80 -21.96
C THR D 168 8.11 -5.43 -21.59
N SER D 169 7.76 -4.61 -22.58
CA SER D 169 7.24 -3.27 -22.31
C SER D 169 5.71 -3.31 -22.24
N GLY D 170 5.17 -2.79 -21.15
CA GLY D 170 3.74 -2.77 -20.94
C GLY D 170 3.17 -4.06 -20.37
N VAL D 171 4.00 -5.03 -20.03
CA VAL D 171 3.53 -6.29 -19.47
C VAL D 171 3.18 -6.09 -18.00
N HIS D 172 2.04 -6.63 -17.58
CA HIS D 172 1.60 -6.60 -16.20
C HIS D 172 1.14 -7.99 -15.81
N THR D 173 2.00 -8.74 -15.12
CA THR D 173 1.66 -10.06 -14.60
C THR D 173 1.20 -9.87 -13.16
N PHE D 174 -0.12 -9.91 -12.94
CA PHE D 174 -0.67 -9.63 -11.63
C PHE D 174 -0.32 -10.74 -10.64
N PRO D 175 -0.13 -10.39 -9.37
CA PRO D 175 0.13 -11.43 -8.36
C PRO D 175 -1.03 -12.41 -8.26
N ALA D 176 -0.70 -13.66 -7.97
CA ALA D 176 -1.72 -14.71 -7.91
C ALA D 176 -2.70 -14.45 -6.78
N VAL D 177 -3.96 -14.78 -7.02
CA VAL D 177 -5.03 -14.65 -6.04
C VAL D 177 -5.57 -16.04 -5.75
N LEU D 178 -5.89 -16.27 -4.47
CA LEU D 178 -6.35 -17.59 -4.04
C LEU D 178 -7.84 -17.74 -4.32
N GLN D 179 -8.21 -18.81 -5.01
CA GLN D 179 -9.59 -19.03 -5.39
C GLN D 179 -10.34 -19.83 -4.32
N SER D 180 -11.64 -19.97 -4.51
CA SER D 180 -12.47 -20.71 -3.57
C SER D 180 -12.10 -22.17 -3.53
N SER D 181 -11.71 -22.75 -4.67
CA SER D 181 -11.32 -24.15 -4.71
C SER D 181 -9.99 -24.42 -4.02
N GLY D 182 -9.25 -23.38 -3.63
CA GLY D 182 -7.94 -23.55 -3.05
C GLY D 182 -6.81 -23.57 -4.05
N LEU D 183 -7.04 -23.13 -5.28
CA LEU D 183 -6.05 -23.14 -6.33
C LEU D 183 -5.75 -21.71 -6.76
N TYR D 184 -4.45 -21.42 -6.95
CA TYR D 184 -4.04 -20.10 -7.38
C TYR D 184 -4.48 -19.83 -8.82
N SER D 185 -4.66 -18.56 -9.14
CA SER D 185 -5.01 -18.15 -10.50
C SER D 185 -4.60 -16.70 -10.71
N LEU D 186 -3.84 -16.45 -11.77
CA LEU D 186 -3.39 -15.11 -12.09
C LEU D 186 -3.58 -14.87 -13.59
N SER D 187 -3.57 -13.60 -13.96
CA SER D 187 -3.67 -13.19 -15.36
C SER D 187 -2.52 -12.26 -15.68
N SER D 188 -1.86 -12.49 -16.81
CA SER D 188 -0.78 -11.65 -17.29
C SER D 188 -1.26 -10.92 -18.54
N VAL D 189 -1.07 -9.61 -18.58
CA VAL D 189 -1.59 -8.77 -19.65
C VAL D 189 -0.48 -7.89 -20.19
N VAL D 190 -0.70 -7.39 -21.40
CA VAL D 190 0.22 -6.46 -22.04
C VAL D 190 -0.61 -5.51 -22.90
N THR D 191 -0.18 -4.25 -22.95
CA THR D 191 -0.82 -3.23 -23.78
C THR D 191 0.03 -2.99 -25.01
N VAL D 192 -0.60 -3.05 -26.19
CA VAL D 192 0.10 -2.89 -27.46
C VAL D 192 -0.68 -1.90 -28.31
N PRO D 193 -0.03 -1.21 -29.26
CA PRO D 193 -0.77 -0.31 -30.14
C PRO D 193 -1.79 -1.06 -30.98
N SER D 194 -2.91 -0.39 -31.28
CA SER D 194 -3.99 -1.04 -32.00
C SER D 194 -3.57 -1.49 -33.39
N SER D 195 -2.71 -0.71 -34.06
CA SER D 195 -2.27 -1.06 -35.40
C SER D 195 -1.28 -2.21 -35.44
N SER D 196 -0.79 -2.66 -34.27
CA SER D 196 0.15 -3.76 -34.21
C SER D 196 -0.51 -5.13 -34.13
N LEU D 197 -1.84 -5.17 -33.93
CA LEU D 197 -2.52 -6.46 -33.82
C LEU D 197 -2.48 -7.24 -35.13
N GLY D 198 -2.68 -6.55 -36.26
CA GLY D 198 -2.67 -7.24 -37.54
C GLY D 198 -1.29 -7.78 -37.91
N THR D 199 -0.25 -6.98 -37.70
CA THR D 199 1.10 -7.38 -38.07
C THR D 199 1.71 -8.35 -37.06
N GLN D 200 1.87 -7.90 -35.83
CA GLN D 200 2.61 -8.66 -34.82
C GLN D 200 1.79 -9.84 -34.31
N THR D 201 2.34 -10.54 -33.33
CA THR D 201 1.69 -11.70 -32.72
C THR D 201 2.20 -11.81 -31.29
N TYR D 202 1.40 -12.43 -30.42
CA TYR D 202 1.74 -12.56 -29.01
C TYR D 202 1.48 -13.98 -28.54
N ILE D 203 2.44 -14.52 -27.78
CA ILE D 203 2.40 -15.90 -27.31
C ILE D 203 2.49 -15.91 -25.80
N CYS D 204 1.68 -16.76 -25.16
CA CYS D 204 1.66 -16.81 -23.70
C CYS D 204 2.94 -17.42 -23.14
N ASN D 205 3.36 -18.56 -23.68
CA ASN D 205 4.59 -19.27 -23.27
C ASN D 205 4.75 -19.31 -21.75
N VAL D 206 3.71 -19.80 -21.08
CA VAL D 206 3.71 -19.91 -19.63
C VAL D 206 4.48 -21.15 -19.21
N ASN D 207 5.01 -21.12 -17.98
CA ASN D 207 5.78 -22.22 -17.43
C ASN D 207 5.47 -22.37 -15.95
N HIS D 208 4.99 -23.55 -15.57
CA HIS D 208 4.76 -23.91 -14.17
C HIS D 208 5.72 -25.06 -13.86
N LYS D 209 6.79 -24.75 -13.14
CA LYS D 209 7.84 -25.74 -12.88
C LYS D 209 7.32 -26.98 -12.14
N PRO D 210 6.51 -26.87 -11.08
CA PRO D 210 5.86 -28.08 -10.56
C PRO D 210 4.92 -28.66 -11.61
N SER D 211 4.85 -30.00 -11.63
CA SER D 211 4.06 -30.78 -12.58
C SER D 211 4.56 -30.66 -14.01
N ASN D 212 5.63 -29.88 -14.24
CA ASN D 212 6.27 -29.76 -15.56
C ASN D 212 5.27 -29.35 -16.64
N THR D 213 4.51 -28.29 -16.35
CA THR D 213 3.51 -27.76 -17.28
C THR D 213 4.08 -26.56 -18.01
N LYS D 214 4.37 -26.74 -19.30
CA LYS D 214 4.85 -25.67 -20.17
C LYS D 214 3.85 -25.52 -21.31
N VAL D 215 3.16 -24.37 -21.35
CA VAL D 215 2.11 -24.13 -22.32
C VAL D 215 2.42 -22.83 -23.05
N ASP D 216 2.36 -22.87 -24.38
CA ASP D 216 2.49 -21.70 -25.23
C ASP D 216 1.16 -21.47 -25.92
N LYS D 217 0.50 -20.35 -25.61
CA LYS D 217 -0.82 -20.03 -26.15
C LYS D 217 -0.74 -18.72 -26.91
N LYS D 218 -1.31 -18.70 -28.11
CA LYS D 218 -1.37 -17.49 -28.91
C LYS D 218 -2.60 -16.67 -28.55
N VAL D 219 -2.50 -15.36 -28.75
CA VAL D 219 -3.59 -14.42 -28.48
C VAL D 219 -3.85 -13.66 -29.77
N GLU D 220 -5.00 -13.91 -30.38
CA GLU D 220 -5.37 -13.24 -31.64
C GLU D 220 -6.68 -12.49 -31.48
N TYR E 2 26.67 17.89 -28.82
CA TYR E 2 27.58 18.81 -28.15
C TYR E 2 27.11 19.03 -26.71
N VAL E 3 27.91 18.59 -25.75
CA VAL E 3 27.54 18.61 -24.34
C VAL E 3 28.25 19.76 -23.64
N LEU E 4 27.49 20.57 -22.90
CA LEU E 4 28.02 21.62 -22.07
C LEU E 4 27.82 21.24 -20.61
N THR E 5 28.92 21.13 -19.88
CA THR E 5 28.91 20.65 -18.49
C THR E 5 29.11 21.82 -17.53
N GLN E 6 28.23 21.92 -16.54
CA GLN E 6 28.31 22.94 -15.51
C GLN E 6 28.21 22.30 -14.14
N PRO E 7 28.85 22.88 -13.13
CA PRO E 7 28.70 22.36 -11.76
C PRO E 7 27.26 22.47 -11.30
N PRO E 8 26.73 21.44 -10.62
CA PRO E 8 25.33 21.50 -10.18
C PRO E 8 25.05 22.64 -9.22
N SER E 9 25.98 22.99 -8.34
CA SER E 9 25.75 24.03 -7.36
C SER E 9 27.06 24.68 -6.95
N MET E 10 26.95 25.91 -6.43
CA MET E 10 28.10 26.67 -5.97
C MET E 10 27.68 27.57 -4.82
N SER E 11 28.54 27.69 -3.81
CA SER E 11 28.32 28.60 -2.69
C SER E 11 29.43 29.64 -2.67
N VAL E 12 29.05 30.91 -2.64
CA VAL E 12 29.99 32.03 -2.69
C VAL E 12 29.70 32.97 -1.53
N ALA E 13 30.76 33.38 -0.84
CA ALA E 13 30.60 34.34 0.25
C ALA E 13 30.22 35.70 -0.30
N PRO E 14 29.39 36.46 0.41
CA PRO E 14 29.01 37.80 -0.08
C PRO E 14 30.21 38.72 -0.18
N GLY E 15 30.21 39.55 -1.23
CA GLY E 15 31.27 40.50 -1.44
C GLY E 15 32.50 39.95 -2.13
N THR E 16 32.57 38.65 -2.38
CA THR E 16 33.70 38.02 -3.03
C THR E 16 33.41 37.84 -4.51
N THR E 17 34.38 37.25 -5.22
CA THR E 17 34.24 36.98 -6.64
C THR E 17 33.81 35.54 -6.87
N ALA E 18 32.92 35.35 -7.84
CA ALA E 18 32.40 34.04 -8.18
C ALA E 18 32.83 33.65 -9.59
N SER E 19 33.10 32.37 -9.79
CA SER E 19 33.50 31.84 -11.10
C SER E 19 32.71 30.56 -11.35
N ILE E 20 31.86 30.58 -12.37
CA ILE E 20 31.03 29.45 -12.74
C ILE E 20 31.62 28.83 -14.00
N PRO E 21 32.21 27.64 -13.94
CA PRO E 21 32.81 27.04 -15.13
C PRO E 21 31.75 26.51 -16.09
N CYS E 22 32.12 26.45 -17.36
CA CYS E 22 31.29 25.87 -18.42
C CYS E 22 32.23 25.17 -19.40
N GLY E 23 32.28 23.84 -19.33
CA GLY E 23 33.27 23.11 -20.09
C GLY E 23 32.70 22.35 -21.27
N ALA E 24 33.17 22.69 -22.47
CA ALA E 24 32.87 21.96 -23.70
C ALA E 24 34.16 21.75 -24.47
N ASN E 25 34.06 20.99 -25.55
CA ASN E 25 35.22 20.76 -26.42
C ASN E 25 35.47 22.01 -27.25
N ASN E 26 36.60 22.68 -26.99
CA ASN E 26 37.00 23.88 -27.74
C ASN E 26 35.93 24.96 -27.68
N ILE E 27 35.33 25.14 -26.51
CA ILE E 27 34.29 26.14 -26.33
C ILE E 27 34.82 27.55 -26.50
N ALA E 28 36.14 27.75 -26.37
CA ALA E 28 36.71 29.08 -26.56
C ALA E 28 36.49 29.59 -27.97
N LYS E 29 36.63 28.70 -28.96
CA LYS E 29 36.40 29.08 -30.35
C LYS E 29 34.95 29.47 -30.60
N LYS E 30 34.02 29.02 -29.77
CA LYS E 30 32.62 29.36 -29.90
C LYS E 30 32.29 30.59 -29.06
N ARG E 31 31.07 31.09 -29.24
CA ARG E 31 30.58 32.24 -28.48
C ARG E 31 29.75 31.72 -27.31
N VAL E 32 30.10 32.13 -26.09
CA VAL E 32 29.49 31.64 -24.87
C VAL E 32 28.63 32.76 -24.28
N HIS E 33 27.38 32.44 -23.98
CA HIS E 33 26.45 33.38 -23.35
C HIS E 33 25.90 32.77 -22.07
N TRP E 34 25.73 33.60 -21.05
CA TRP E 34 25.27 33.14 -19.75
C TRP E 34 23.89 33.71 -19.44
N TYR E 35 23.01 32.85 -18.93
CA TYR E 35 21.66 33.21 -18.54
C TYR E 35 21.46 32.93 -17.06
N ARG E 36 20.80 33.86 -16.37
CA ARG E 36 20.43 33.70 -14.97
C ARG E 36 18.93 33.55 -14.87
N GLN E 37 18.47 32.49 -14.20
CA GLN E 37 17.06 32.17 -14.09
C GLN E 37 16.62 32.29 -12.64
N LYS E 38 15.80 33.30 -12.36
CA LYS E 38 15.15 33.39 -11.06
C LYS E 38 14.06 32.34 -10.96
N PRO E 39 13.79 31.82 -9.76
CA PRO E 39 12.73 30.82 -9.61
C PRO E 39 11.38 31.40 -10.00
N GLY E 40 10.62 30.63 -10.79
CA GLY E 40 9.32 31.09 -11.24
C GLY E 40 9.33 32.16 -12.29
N GLN E 41 10.48 32.44 -12.90
CA GLN E 41 10.60 33.50 -13.90
C GLN E 41 11.39 33.00 -15.09
N ALA E 42 11.18 33.68 -16.22
CA ALA E 42 11.94 33.36 -17.42
C ALA E 42 13.41 33.77 -17.25
N PRO E 43 14.34 33.02 -17.84
CA PRO E 43 15.75 33.38 -17.73
C PRO E 43 16.05 34.71 -18.42
N VAL E 44 17.04 35.41 -17.89
CA VAL E 44 17.47 36.71 -18.40
C VAL E 44 18.96 36.64 -18.71
N VAL E 45 19.34 37.15 -19.88
CA VAL E 45 20.74 37.14 -20.28
C VAL E 45 21.53 38.13 -19.44
N VAL E 46 22.67 37.69 -18.92
CA VAL E 46 23.54 38.53 -18.10
C VAL E 46 24.77 39.00 -18.87
N VAL E 47 25.31 38.17 -19.76
CA VAL E 47 26.47 38.54 -20.57
C VAL E 47 26.21 38.17 -22.01
N SER E 48 26.77 38.97 -22.92
CA SER E 48 26.63 38.76 -24.36
C SER E 48 27.96 39.10 -25.03
N ASP E 49 28.12 38.64 -26.26
CA ASP E 49 29.36 38.81 -27.00
C ASP E 49 29.23 39.99 -27.97
N ASP E 50 30.03 41.03 -27.72
CA ASP E 50 30.13 42.21 -28.59
C ASP E 50 28.76 42.85 -28.82
N GLU E 51 28.10 43.20 -27.72
CA GLU E 51 26.87 43.99 -27.76
C GLU E 51 26.99 45.10 -26.73
N ASP E 52 26.70 46.33 -27.16
CA ASP E 52 26.84 47.51 -26.30
C ASP E 52 25.97 47.40 -25.05
N ASP E 59 28.47 45.92 -16.72
CA ASP E 59 27.73 45.49 -15.54
C ASP E 59 28.65 44.66 -14.65
N ARG E 60 28.18 44.27 -13.47
CA ARG E 60 29.00 43.47 -12.56
C ARG E 60 29.25 42.07 -13.11
N PHE E 61 28.42 41.60 -14.05
CA PHE E 61 28.56 40.26 -14.61
C PHE E 61 29.37 40.32 -15.90
N SER E 62 30.38 39.46 -15.99
CA SER E 62 31.19 39.36 -17.20
C SER E 62 31.71 37.94 -17.31
N GLY E 63 32.04 37.53 -18.53
CA GLY E 63 32.55 36.18 -18.73
C GLY E 63 33.75 36.08 -19.64
N SER E 64 34.77 35.35 -19.19
CA SER E 64 35.97 35.09 -19.97
C SER E 64 35.98 33.64 -20.41
N LYS E 65 36.41 33.40 -21.65
CA LYS E 65 36.57 32.04 -22.16
C LYS E 65 38.02 31.80 -22.53
N SER E 66 38.49 30.59 -22.27
CA SER E 66 39.88 30.23 -22.54
C SER E 66 39.98 28.70 -22.62
N GLY E 67 40.36 28.19 -23.77
CA GLY E 67 40.51 26.76 -23.95
C GLY E 67 39.20 25.98 -23.89
N ASP E 68 39.13 25.03 -22.97
CA ASP E 68 37.98 24.12 -22.90
C ASP E 68 36.86 24.64 -22.00
N THR E 69 37.15 25.54 -21.07
CA THR E 69 36.14 26.01 -20.12
C THR E 69 35.92 27.51 -20.25
N ALA E 70 34.66 27.92 -20.13
CA ALA E 70 34.26 29.31 -20.09
C ALA E 70 33.73 29.64 -18.69
N THR E 71 34.21 30.75 -18.12
CA THR E 71 33.90 31.10 -16.74
C THR E 71 33.14 32.42 -16.70
N LEU E 72 32.06 32.45 -15.93
CA LEU E 72 31.30 33.67 -15.68
C LEU E 72 31.73 34.26 -14.34
N THR E 73 32.07 35.54 -14.33
CA THR E 73 32.62 36.20 -13.16
C THR E 73 31.62 37.20 -12.58
N ILE E 74 31.37 37.10 -11.28
CA ILE E 74 30.57 38.05 -10.54
C ILE E 74 31.51 38.74 -9.56
N SER E 75 31.78 40.03 -9.78
CA SER E 75 32.80 40.72 -9.00
C SER E 75 32.37 40.93 -7.55
N ARG E 76 31.15 41.41 -7.35
CA ARG E 76 30.62 41.70 -6.00
C ARG E 76 29.35 40.89 -5.79
N VAL E 77 29.51 39.64 -5.37
CA VAL E 77 28.36 38.77 -5.13
C VAL E 77 27.49 39.40 -4.05
N GLU E 78 26.23 39.64 -4.39
CA GLU E 78 25.24 40.21 -3.48
C GLU E 78 24.11 39.22 -3.29
N ALA E 79 23.16 39.58 -2.43
CA ALA E 79 22.06 38.69 -2.10
C ALA E 79 21.20 38.40 -3.33
N GLY E 80 21.10 39.34 -4.26
CA GLY E 80 20.29 39.19 -5.45
C GLY E 80 20.88 38.34 -6.56
N ASP E 81 22.11 37.87 -6.41
CA ASP E 81 22.76 37.07 -7.44
C ASP E 81 22.43 35.59 -7.35
N GLU E 82 21.65 35.17 -6.35
CA GLU E 82 21.29 33.77 -6.22
C GLU E 82 20.39 33.33 -7.38
N GLY E 83 20.50 32.07 -7.74
CA GLY E 83 19.68 31.52 -8.80
C GLY E 83 20.45 30.48 -9.59
N ASP E 84 19.83 30.03 -10.67
CA ASP E 84 20.41 29.05 -11.58
C ASP E 84 21.04 29.77 -12.76
N TYR E 85 22.28 29.41 -13.08
CA TYR E 85 23.02 30.02 -14.18
C TYR E 85 23.26 28.98 -15.27
N TYR E 86 22.97 29.34 -16.51
CA TYR E 86 23.12 28.44 -17.65
C TYR E 86 24.04 29.08 -18.68
N CYS E 87 24.95 28.27 -19.23
CA CYS E 87 25.80 28.68 -20.35
C CYS E 87 25.27 28.02 -21.62
N GLN E 88 25.16 28.80 -22.69
CA GLN E 88 24.64 28.30 -23.95
C GLN E 88 25.54 28.76 -25.10
N VAL E 89 25.71 27.88 -26.09
CA VAL E 89 26.44 28.19 -27.31
C VAL E 89 25.63 27.65 -28.48
N TRP E 90 25.97 28.11 -29.68
CA TRP E 90 25.36 27.63 -30.91
C TRP E 90 26.38 26.78 -31.66
N ASP E 91 26.14 25.47 -31.71
CA ASP E 91 27.03 24.58 -32.45
C ASP E 91 26.87 24.81 -33.95
N SER E 92 28.00 24.84 -34.65
CA SER E 92 27.99 25.00 -36.11
C SER E 92 27.98 23.66 -36.84
N LYS E 93 28.60 22.63 -36.26
CA LYS E 93 28.67 21.33 -36.91
C LYS E 93 27.34 20.59 -36.89
N THR E 94 26.37 21.06 -36.11
CA THR E 94 25.04 20.43 -36.07
C THR E 94 23.90 21.42 -36.10
N ASP E 95 24.17 22.74 -36.16
CA ASP E 95 23.14 23.77 -36.19
C ASP E 95 22.16 23.61 -35.03
N HIS E 96 22.74 23.41 -33.84
CA HIS E 96 21.97 23.14 -32.63
C HIS E 96 22.32 24.16 -31.56
N VAL E 97 21.31 24.57 -30.80
CA VAL E 97 21.49 25.40 -29.62
C VAL E 97 21.49 24.47 -28.42
N VAL E 98 22.56 24.52 -27.63
CA VAL E 98 22.75 23.62 -26.49
C VAL E 98 22.89 24.45 -25.22
N PHE E 99 22.23 24.00 -24.16
CA PHE E 99 22.29 24.64 -22.86
C PHE E 99 23.04 23.74 -21.88
N GLY E 100 23.82 24.35 -20.99
CA GLY E 100 24.52 23.61 -19.98
C GLY E 100 23.63 23.23 -18.82
N GLY E 101 24.19 22.43 -17.91
CA GLY E 101 23.45 22.02 -16.73
C GLY E 101 23.20 23.17 -15.78
N GLY E 102 22.19 22.99 -14.93
CA GLY E 102 21.84 24.03 -13.97
C GLY E 102 22.93 24.19 -12.93
N THR E 103 23.30 25.44 -12.68
CA THR E 103 24.29 25.79 -11.65
C THR E 103 23.57 26.63 -10.59
N LYS E 104 23.29 26.03 -9.45
CA LYS E 104 22.61 26.73 -8.36
C LYS E 104 23.62 27.56 -7.59
N VAL E 105 23.44 28.89 -7.60
CA VAL E 105 24.33 29.80 -6.90
C VAL E 105 23.64 30.21 -5.60
N THR E 106 24.29 29.95 -4.48
CA THR E 106 23.77 30.29 -3.16
C THR E 106 24.71 31.28 -2.49
N VAL E 107 24.16 32.38 -2.01
CA VAL E 107 24.93 33.41 -1.33
C VAL E 107 25.00 33.08 0.16
N LEU E 108 26.22 33.02 0.70
CA LEU E 108 26.39 32.70 2.10
C LEU E 108 25.83 33.81 2.98
N ARG E 109 25.34 33.43 4.16
CA ARG E 109 24.67 34.36 5.05
C ARG E 109 24.97 33.95 6.49
N THR E 110 24.77 34.90 7.40
CA THR E 110 24.88 34.59 8.82
C THR E 110 23.66 33.80 9.28
N VAL E 111 23.80 33.15 10.44
CA VAL E 111 22.72 32.33 10.98
C VAL E 111 21.54 33.21 11.38
N ALA E 112 20.34 32.73 11.06
CA ALA E 112 19.10 33.42 11.41
C ALA E 112 18.15 32.41 12.05
N ALA E 113 17.61 32.77 13.21
CA ALA E 113 16.71 31.87 13.90
C ALA E 113 15.35 31.86 13.20
N PRO E 114 14.73 30.69 13.05
CA PRO E 114 13.41 30.63 12.40
C PRO E 114 12.37 31.39 13.22
N SER E 115 11.39 31.96 12.51
CA SER E 115 10.24 32.59 13.14
C SER E 115 9.09 31.57 13.05
N VAL E 116 8.99 30.74 14.08
CA VAL E 116 8.06 29.62 14.07
C VAL E 116 6.65 30.13 14.31
N PHE E 117 5.71 29.61 13.52
CA PHE E 117 4.29 29.95 13.65
C PHE E 117 3.45 28.69 13.53
N ILE E 118 2.38 28.64 14.32
CA ILE E 118 1.47 27.49 14.34
C ILE E 118 0.07 27.98 14.02
N PHE E 119 -0.62 27.26 13.12
CA PHE E 119 -1.94 27.65 12.66
C PHE E 119 -2.93 26.52 12.93
N PRO E 120 -4.02 26.75 13.64
CA PRO E 120 -5.03 25.71 13.84
C PRO E 120 -5.80 25.45 12.56
N PRO E 121 -6.38 24.26 12.41
CA PRO E 121 -7.19 23.99 11.21
C PRO E 121 -8.38 24.94 11.10
N SER E 122 -8.68 25.35 9.87
CA SER E 122 -9.82 26.21 9.63
C SER E 122 -11.13 25.45 9.80
N ASP E 123 -12.15 26.14 10.31
CA ASP E 123 -13.46 25.51 10.47
C ASP E 123 -14.11 25.19 9.14
N GLU E 124 -13.78 25.95 8.09
CA GLU E 124 -14.30 25.63 6.76
C GLU E 124 -13.74 24.30 6.26
N GLN E 125 -12.45 24.05 6.49
CA GLN E 125 -11.87 22.77 6.10
C GLN E 125 -12.42 21.62 6.93
N LEU E 126 -12.74 21.88 8.20
CA LEU E 126 -13.27 20.82 9.07
C LEU E 126 -14.59 20.28 8.55
N LYS E 127 -15.35 21.09 7.81
CA LYS E 127 -16.60 20.62 7.22
C LYS E 127 -16.36 19.57 6.14
N SER E 128 -15.21 19.64 5.45
CA SER E 128 -14.92 18.71 4.38
C SER E 128 -14.49 17.33 4.87
N GLY E 129 -14.27 17.16 6.17
CA GLY E 129 -13.87 15.89 6.73
C GLY E 129 -12.39 15.76 7.02
N THR E 130 -11.57 16.66 6.51
CA THR E 130 -10.13 16.62 6.72
C THR E 130 -9.68 17.88 7.45
N ALA E 131 -8.64 17.75 8.26
CA ALA E 131 -8.08 18.86 9.01
C ALA E 131 -6.58 18.94 8.74
N SER E 132 -6.09 20.15 8.46
CA SER E 132 -4.68 20.38 8.17
C SER E 132 -4.11 21.35 9.18
N VAL E 133 -3.01 20.94 9.82
CA VAL E 133 -2.27 21.80 10.74
C VAL E 133 -0.92 22.10 10.11
N VAL E 134 -0.59 23.39 10.01
CA VAL E 134 0.61 23.84 9.33
C VAL E 134 1.52 24.53 10.32
N CYS E 135 2.82 24.26 10.21
CA CYS E 135 3.84 24.91 11.02
C CYS E 135 4.77 25.66 10.07
N LEU E 136 5.01 26.94 10.36
CA LEU E 136 5.72 27.84 9.46
C LEU E 136 7.02 28.30 10.10
N LEU E 137 8.11 28.21 9.33
CA LEU E 137 9.40 28.81 9.69
C LEU E 137 9.67 29.91 8.69
N ASN E 138 9.67 31.17 9.15
CA ASN E 138 9.62 32.30 8.24
C ASN E 138 10.97 32.59 7.59
N ASN E 139 11.98 32.92 8.39
CA ASN E 139 13.26 33.38 7.85
C ASN E 139 14.38 32.74 8.67
N PHE E 140 15.01 31.71 8.10
CA PHE E 140 16.09 31.00 8.77
C PHE E 140 17.19 30.65 7.78
N TYR E 141 18.41 30.53 8.30
CA TYR E 141 19.60 30.14 7.55
C TYR E 141 20.51 29.45 8.56
N PRO E 142 21.14 28.33 8.20
CA PRO E 142 21.12 27.66 6.89
C PRO E 142 19.85 26.87 6.60
N ARG E 143 19.84 26.21 5.43
CA ARG E 143 18.66 25.48 4.98
C ARG E 143 18.32 24.32 5.90
N GLU E 144 19.32 23.68 6.51
CA GLU E 144 19.09 22.49 7.31
C GLU E 144 18.25 22.83 8.54
N ALA E 145 17.08 22.19 8.63
CA ALA E 145 16.19 22.36 9.77
C ALA E 145 15.25 21.17 9.84
N LYS E 146 14.94 20.75 11.06
CA LYS E 146 14.07 19.60 11.29
C LYS E 146 12.84 20.02 12.07
N VAL E 147 11.68 19.55 11.63
CA VAL E 147 10.39 19.86 12.27
C VAL E 147 9.80 18.55 12.79
N GLN E 148 9.38 18.55 14.05
CA GLN E 148 8.78 17.38 14.67
C GLN E 148 7.36 17.72 15.10
N TRP E 149 6.40 16.88 14.71
CA TRP E 149 5.00 17.07 15.05
C TRP E 149 4.66 16.16 16.23
N LYS E 150 4.14 16.74 17.30
CA LYS E 150 3.76 15.98 18.49
C LYS E 150 2.31 16.28 18.83
N VAL E 151 1.48 15.24 18.81
CA VAL E 151 0.10 15.32 19.26
C VAL E 151 -0.05 14.45 20.50
N ASP E 152 -0.57 15.04 21.57
CA ASP E 152 -0.58 14.40 22.90
C ASP E 152 0.82 13.95 23.29
N ASN E 153 1.81 14.79 23.00
CA ASN E 153 3.22 14.55 23.31
C ASN E 153 3.77 13.31 22.61
N ALA E 154 3.04 12.75 21.65
CA ALA E 154 3.49 11.61 20.87
C ALA E 154 3.95 12.07 19.50
N LEU E 155 5.09 11.55 19.06
CA LEU E 155 5.69 11.98 17.80
C LEU E 155 4.93 11.39 16.62
N GLN E 156 4.54 12.24 15.68
CA GLN E 156 3.83 11.82 14.48
C GLN E 156 4.81 11.56 13.35
N SER E 157 4.55 10.50 12.58
CA SER E 157 5.40 10.13 11.46
C SER E 157 4.53 9.68 10.29
N GLY E 158 4.87 10.15 9.10
CA GLY E 158 4.18 9.77 7.89
C GLY E 158 2.95 10.58 7.56
N ASN E 159 2.52 11.47 8.46
CA ASN E 159 1.35 12.31 8.24
C ASN E 159 1.71 13.77 8.01
N SER E 160 2.99 14.08 7.82
CA SER E 160 3.44 15.45 7.64
C SER E 160 4.26 15.57 6.37
N GLN E 161 4.04 16.68 5.65
CA GLN E 161 4.82 17.00 4.46
C GLN E 161 5.24 18.46 4.55
N GLU E 162 6.43 18.74 4.03
CA GLU E 162 7.01 20.07 4.13
C GLU E 162 7.50 20.55 2.78
N SER E 163 7.49 21.87 2.59
CA SER E 163 8.05 22.51 1.41
C SER E 163 8.90 23.68 1.85
N VAL E 164 9.99 23.91 1.12
CA VAL E 164 10.94 24.96 1.44
C VAL E 164 11.10 25.88 0.23
N THR E 165 11.12 27.18 0.49
CA THR E 165 11.36 28.16 -0.56
C THR E 165 12.85 28.25 -0.87
N GLU E 166 13.16 28.84 -2.02
CA GLU E 166 14.54 29.09 -2.38
C GLU E 166 15.08 30.30 -1.62
N GLN E 167 16.36 30.60 -1.79
CA GLN E 167 16.96 31.72 -1.09
C GLN E 167 16.30 33.03 -1.50
N ASP E 168 16.01 33.87 -0.51
CA ASP E 168 15.38 35.14 -0.76
C ASP E 168 16.31 36.09 -1.51
N SER E 169 15.73 36.90 -2.39
CA SER E 169 16.52 37.87 -3.15
C SER E 169 17.11 38.93 -2.23
N LYS E 170 16.35 39.36 -1.22
CA LYS E 170 16.81 40.42 -0.33
C LYS E 170 17.46 39.89 0.94
N ASP E 171 16.80 38.98 1.64
CA ASP E 171 17.29 38.48 2.92
C ASP E 171 18.27 37.31 2.79
N SER E 172 18.33 36.67 1.62
CA SER E 172 19.16 35.48 1.41
C SER E 172 18.87 34.42 2.46
N THR E 173 17.59 34.22 2.76
CA THR E 173 17.15 33.31 3.80
C THR E 173 16.11 32.34 3.23
N TYR E 174 15.81 31.31 4.01
CA TYR E 174 14.88 30.27 3.60
C TYR E 174 13.63 30.29 4.46
N SER E 175 12.57 29.66 3.95
CA SER E 175 11.32 29.51 4.67
C SER E 175 10.81 28.08 4.49
N LEU E 176 10.27 27.52 5.55
CA LEU E 176 9.77 26.15 5.53
C LEU E 176 8.35 26.11 6.10
N SER E 177 7.49 25.34 5.44
CA SER E 177 6.12 25.14 5.90
C SER E 177 5.83 23.65 5.89
N SER E 178 5.49 23.10 7.06
CA SER E 178 5.18 21.68 7.21
C SER E 178 3.71 21.55 7.56
N THR E 179 2.95 20.92 6.66
CA THR E 179 1.51 20.75 6.84
C THR E 179 1.22 19.35 7.35
N LEU E 180 0.39 19.26 8.37
CA LEU E 180 -0.03 17.98 8.96
C LEU E 180 -1.49 17.76 8.60
N THR E 181 -1.74 16.83 7.68
CA THR E 181 -3.09 16.52 7.22
C THR E 181 -3.61 15.33 8.00
N LEU E 182 -4.74 15.51 8.69
CA LEU E 182 -5.33 14.45 9.49
C LEU E 182 -6.84 14.46 9.35
N SER E 183 -7.42 13.30 9.60
CA SER E 183 -8.86 13.07 9.56
C SER E 183 -9.50 13.57 10.86
N LYS E 184 -10.76 13.22 11.07
CA LYS E 184 -11.59 13.56 12.23
C LYS E 184 -11.22 12.76 13.46
N ALA E 185 -10.09 12.07 13.33
CA ALA E 185 -9.42 11.37 14.41
C ALA E 185 -8.48 12.29 15.18
N ASP E 186 -8.44 13.58 14.82
CA ASP E 186 -7.69 14.55 15.62
C ASP E 186 -8.20 14.60 17.04
N TYR E 187 -9.53 14.50 17.23
CA TYR E 187 -10.07 14.45 18.58
C TYR E 187 -9.60 13.19 19.29
N GLU E 188 -9.55 12.07 18.55
CA GLU E 188 -9.11 10.81 19.13
C GLU E 188 -7.64 10.87 19.51
N LYS E 189 -6.81 11.51 18.69
CA LYS E 189 -5.40 11.64 19.07
C LYS E 189 -5.33 12.48 20.33
N HIS E 190 -5.66 13.76 20.23
CA HIS E 190 -5.86 14.69 21.34
C HIS E 190 -5.99 16.08 20.75
N LYS E 191 -6.55 16.98 21.54
CA LYS E 191 -6.72 18.38 21.16
C LYS E 191 -5.49 19.23 21.37
N VAL E 192 -4.42 18.71 21.98
CA VAL E 192 -3.18 19.47 22.16
C VAL E 192 -2.26 19.16 20.98
N TYR E 193 -2.11 20.13 20.08
CA TYR E 193 -1.26 20.01 18.91
C TYR E 193 -0.01 20.85 19.13
N ALA E 194 1.15 20.27 18.88
CA ALA E 194 2.41 20.96 19.12
C ALA E 194 3.36 20.74 17.95
N CYS E 195 4.12 21.79 17.63
CA CYS E 195 5.15 21.75 16.60
C CYS E 195 6.48 22.09 17.23
N GLU E 196 7.46 21.21 17.06
CA GLU E 196 8.80 21.39 17.63
C GLU E 196 9.81 21.43 16.49
N VAL E 197 10.72 22.40 16.55
CA VAL E 197 11.72 22.58 15.52
C VAL E 197 13.10 22.67 16.18
N THR E 198 14.11 22.23 15.45
CA THR E 198 15.49 22.32 15.88
C THR E 198 16.31 22.98 14.78
N HIS E 199 17.13 23.96 15.14
CA HIS E 199 17.94 24.67 14.17
C HIS E 199 19.26 25.05 14.81
N GLN E 200 20.27 25.27 13.96
CA GLN E 200 21.58 25.67 14.45
C GLN E 200 21.58 27.09 14.99
N GLY E 201 20.59 27.90 14.64
CA GLY E 201 20.44 29.25 15.13
C GLY E 201 19.66 29.36 16.43
N LEU E 202 19.32 28.24 17.05
CA LEU E 202 18.56 28.22 18.30
C LEU E 202 19.37 27.47 19.35
N SER E 203 19.58 28.11 20.50
CA SER E 203 20.31 27.46 21.59
C SER E 203 19.55 26.24 22.10
N SER E 204 18.24 26.34 22.22
CA SER E 204 17.38 25.25 22.63
C SER E 204 16.25 25.08 21.63
N PRO E 205 15.72 23.87 21.47
CA PRO E 205 14.60 23.67 20.55
C PRO E 205 13.40 24.52 20.95
N VAL E 206 12.73 25.07 19.94
CA VAL E 206 11.57 25.94 20.14
C VAL E 206 10.32 25.17 19.73
N THR E 207 9.34 25.14 20.63
CA THR E 207 8.08 24.44 20.41
C THR E 207 6.92 25.42 20.52
N LYS E 208 5.95 25.27 19.62
CA LYS E 208 4.74 26.09 19.63
C LYS E 208 3.52 25.18 19.58
N SER E 209 2.46 25.59 20.27
CA SER E 209 1.28 24.75 20.42
C SER E 209 0.05 25.63 20.53
N PHE E 210 -1.11 25.03 20.25
CA PHE E 210 -2.40 25.68 20.46
C PHE E 210 -3.37 24.68 21.06
N ASN E 211 -4.27 25.18 21.90
CA ASN E 211 -5.21 24.36 22.65
C ASN E 211 -6.59 24.54 22.02
N ARG E 212 -6.88 23.73 21.01
CA ARG E 212 -8.20 23.76 20.37
C ARG E 212 -8.48 22.46 19.64
N VAL F 2 10.53 45.12 -26.54
CA VAL F 2 10.15 43.85 -27.15
C VAL F 2 9.37 43.01 -26.15
N GLN F 3 8.13 42.68 -26.50
CA GLN F 3 7.24 41.93 -25.62
C GLN F 3 6.84 40.62 -26.29
N LEU F 4 7.03 39.51 -25.57
CA LEU F 4 6.59 38.19 -26.03
C LEU F 4 5.59 37.64 -25.02
N VAL F 5 4.36 37.43 -25.47
CA VAL F 5 3.27 36.94 -24.62
C VAL F 5 2.86 35.57 -25.12
N GLN F 6 2.73 34.63 -24.20
CA GLN F 6 2.40 33.24 -24.52
C GLN F 6 0.99 32.89 -24.05
N SER F 7 0.53 31.73 -24.49
CA SER F 7 -0.79 31.23 -24.10
C SER F 7 -0.75 30.73 -22.66
N GLY F 8 -1.94 30.53 -22.10
CA GLY F 8 -2.08 30.05 -20.74
C GLY F 8 -1.77 28.56 -20.66
N PRO F 9 -1.69 28.04 -19.43
CA PRO F 9 -1.41 26.61 -19.27
C PRO F 9 -2.50 25.75 -19.89
N ASP F 10 -2.09 24.61 -20.45
CA ASP F 10 -2.99 23.69 -21.13
C ASP F 10 -2.79 22.28 -20.59
N VAL F 11 -3.87 21.52 -20.56
CA VAL F 11 -3.84 20.12 -20.11
C VAL F 11 -4.32 19.27 -21.27
N ARG F 12 -3.45 18.39 -21.76
CA ARG F 12 -3.76 17.51 -22.89
C ARG F 12 -3.51 16.07 -22.51
N LYS F 13 -4.34 15.18 -23.04
CA LYS F 13 -4.21 13.76 -22.77
C LYS F 13 -2.94 13.21 -23.42
N PRO F 14 -2.37 12.13 -22.87
CA PRO F 14 -1.18 11.53 -23.50
C PRO F 14 -1.47 11.05 -24.91
N GLY F 15 -0.50 11.25 -25.79
CA GLY F 15 -0.65 10.88 -27.19
C GLY F 15 -1.36 11.89 -28.05
N ALA F 16 -1.83 12.99 -27.47
CA ALA F 16 -2.54 14.02 -28.22
C ALA F 16 -1.56 15.06 -28.75
N THR F 17 -2.08 16.13 -29.33
CA THR F 17 -1.27 17.20 -29.90
C THR F 17 -1.59 18.51 -29.19
N VAL F 18 -0.55 19.26 -28.84
CA VAL F 18 -0.67 20.52 -28.14
C VAL F 18 -0.10 21.62 -29.01
N LYS F 19 -0.76 22.79 -29.01
CA LYS F 19 -0.32 23.95 -29.76
C LYS F 19 -0.12 25.09 -28.78
N VAL F 20 1.09 25.67 -28.78
CA VAL F 20 1.46 26.76 -27.89
C VAL F 20 1.68 28.01 -28.74
N SER F 21 1.05 29.11 -28.33
CA SER F 21 1.14 30.37 -29.06
C SER F 21 2.13 31.30 -28.37
N CYS F 22 2.68 32.22 -29.16
CA CYS F 22 3.64 33.21 -28.67
C CYS F 22 3.33 34.51 -29.41
N GLN F 23 2.64 35.43 -28.74
CA GLN F 23 2.29 36.71 -29.33
C GLN F 23 3.52 37.61 -29.32
N THR F 24 3.78 38.27 -30.46
CA THR F 24 4.98 39.06 -30.65
C THR F 24 4.64 40.50 -30.99
N SER F 25 5.37 41.43 -30.37
CA SER F 25 5.23 42.85 -30.65
C SER F 25 6.49 43.54 -30.15
N GLY F 26 6.72 44.75 -30.65
CA GLY F 26 7.81 45.57 -30.20
C GLY F 26 9.07 45.53 -31.05
N TYR F 27 9.20 44.54 -31.94
CA TYR F 27 10.37 44.43 -32.79
C TYR F 27 9.98 44.19 -34.23
N ARG F 28 10.93 44.41 -35.13
CA ARG F 28 10.71 44.30 -36.56
C ARG F 28 10.61 42.83 -36.97
N PHE F 29 9.44 42.43 -37.46
CA PHE F 29 9.22 41.06 -37.89
C PHE F 29 10.04 40.73 -39.13
N THR F 30 10.25 39.44 -39.34
CA THR F 30 11.03 38.87 -40.45
C THR F 30 12.49 39.30 -40.45
N ASP F 31 12.98 39.91 -39.36
CA ASP F 31 14.37 40.29 -39.24
C ASP F 31 15.13 39.58 -38.14
N TYR F 32 14.43 38.95 -37.19
CA TYR F 32 15.08 38.22 -36.11
C TYR F 32 14.42 36.86 -35.98
N GLU F 33 15.25 35.81 -35.91
CA GLU F 33 14.74 34.47 -35.72
C GLU F 33 14.25 34.28 -34.29
N MET F 34 13.35 33.31 -34.12
CA MET F 34 12.78 33.00 -32.82
C MET F 34 12.99 31.52 -32.52
N ASN F 35 13.26 31.21 -31.26
CA ASN F 35 13.54 29.85 -30.82
C ASN F 35 12.58 29.47 -29.69
N TRP F 36 12.40 28.16 -29.53
CA TRP F 36 11.57 27.60 -28.48
C TRP F 36 12.43 26.78 -27.53
N VAL F 37 12.33 27.05 -26.24
CA VAL F 37 13.07 26.34 -25.21
C VAL F 37 12.08 25.88 -24.14
N ARG F 38 12.14 24.61 -23.78
CA ARG F 38 11.29 24.05 -22.74
C ARG F 38 12.13 23.69 -21.52
N GLN F 39 11.52 23.84 -20.34
CA GLN F 39 12.18 23.55 -19.08
C GLN F 39 11.26 22.68 -18.24
N ALA F 40 11.74 21.52 -17.83
CA ALA F 40 10.98 20.65 -16.95
C ALA F 40 10.79 21.33 -15.59
N PRO F 41 9.77 20.92 -14.82
CA PRO F 41 9.51 21.60 -13.54
C PRO F 41 10.71 21.68 -12.61
N GLY F 42 11.59 20.69 -12.61
CA GLY F 42 12.74 20.73 -11.74
C GLY F 42 14.08 20.62 -12.46
N GLN F 43 14.04 20.47 -13.78
CA GLN F 43 15.24 20.26 -14.57
C GLN F 43 15.66 21.57 -15.26
N GLY F 44 16.69 21.48 -16.11
CA GLY F 44 17.22 22.66 -16.77
C GLY F 44 16.58 22.93 -18.12
N LEU F 45 17.10 23.96 -18.79
CA LEU F 45 16.56 24.37 -20.08
C LEU F 45 16.90 23.35 -21.17
N GLU F 46 15.96 23.17 -22.09
CA GLU F 46 16.15 22.27 -23.22
C GLU F 46 15.66 22.96 -24.49
N TRP F 47 16.53 23.03 -25.50
CA TRP F 47 16.20 23.69 -26.75
C TRP F 47 15.36 22.78 -27.64
N ILE F 48 14.29 23.33 -28.20
CA ILE F 48 13.36 22.54 -29.01
C ILE F 48 13.65 22.73 -30.49
N GLY F 49 13.60 23.96 -30.97
CA GLY F 49 13.76 24.19 -32.38
C GLY F 49 13.88 25.66 -32.71
N LEU F 50 13.80 25.95 -34.01
CA LEU F 50 14.06 27.29 -34.54
C LEU F 50 13.09 27.57 -35.68
N ILE F 51 12.78 28.84 -35.87
CA ILE F 51 11.92 29.27 -36.98
C ILE F 51 12.40 30.64 -37.46
N ASN F 52 12.45 30.82 -38.77
CA ASN F 52 12.79 32.09 -39.39
C ASN F 52 11.59 32.60 -40.16
N PRO F 53 10.87 33.61 -39.65
CA PRO F 53 9.66 34.07 -40.36
C PRO F 53 9.92 34.59 -41.76
N HIS F 54 11.09 35.20 -41.99
CA HIS F 54 11.38 35.77 -43.30
C HIS F 54 11.50 34.68 -44.38
N SER F 55 12.15 33.57 -44.05
CA SER F 55 12.37 32.51 -45.02
C SER F 55 11.45 31.31 -44.83
N GLY F 56 10.91 31.12 -43.62
CA GLY F 56 10.13 29.94 -43.33
C GLY F 56 10.95 28.71 -42.99
N ASP F 57 12.28 28.82 -43.00
CA ASP F 57 13.13 27.68 -42.67
C ASP F 57 13.00 27.31 -41.21
N THR F 58 12.91 26.02 -40.94
CA THR F 58 12.77 25.50 -39.59
C THR F 58 13.94 24.58 -39.26
N ALA F 59 14.60 24.85 -38.14
CA ALA F 59 15.69 24.01 -37.64
C ALA F 59 15.26 23.45 -36.29
N TYR F 60 15.13 22.12 -36.22
CA TYR F 60 14.68 21.44 -35.01
C TYR F 60 15.83 20.69 -34.37
N ALA F 61 15.67 20.43 -33.07
CA ALA F 61 16.64 19.61 -32.35
C ALA F 61 16.49 18.15 -32.77
N GLN F 62 17.57 17.38 -32.57
CA GLN F 62 17.57 15.98 -32.98
C GLN F 62 16.52 15.18 -32.21
N LYS F 63 16.35 15.47 -30.92
CA LYS F 63 15.38 14.73 -30.11
C LYS F 63 13.96 14.98 -30.59
N PHE F 64 13.65 16.22 -30.97
CA PHE F 64 12.29 16.60 -31.33
C PHE F 64 11.99 16.44 -32.81
N GLN F 65 12.92 15.90 -33.60
CA GLN F 65 12.68 15.76 -35.04
C GLN F 65 11.53 14.79 -35.29
N GLY F 66 10.60 15.22 -36.15
CA GLY F 66 9.44 14.41 -36.50
C GLY F 66 8.23 14.63 -35.63
N ARG F 67 8.38 15.29 -34.47
CA ARG F 67 7.27 15.52 -33.56
C ARG F 67 6.89 16.98 -33.41
N VAL F 68 7.73 17.91 -33.83
CA VAL F 68 7.52 19.34 -33.62
C VAL F 68 7.34 20.02 -34.97
N THR F 69 6.37 20.94 -35.03
CA THR F 69 6.12 21.77 -36.21
C THR F 69 5.97 23.21 -35.75
N MET F 70 6.70 24.12 -36.39
CA MET F 70 6.71 25.53 -36.03
C MET F 70 6.17 26.35 -37.18
N THR F 71 5.22 27.24 -36.88
CA THR F 71 4.61 28.10 -37.88
C THR F 71 4.67 29.54 -37.42
N SER F 72 4.76 30.44 -38.40
CA SER F 72 4.78 31.88 -38.15
C SER F 72 3.72 32.55 -39.02
N ASP F 73 2.98 33.48 -38.41
CA ASP F 73 1.92 34.20 -39.10
C ASP F 73 2.23 35.69 -39.05
N THR F 74 2.66 36.24 -40.19
CA THR F 74 3.01 37.66 -40.24
C THR F 74 1.79 38.56 -40.18
N SER F 75 0.59 38.02 -40.42
CA SER F 75 -0.62 38.82 -40.34
C SER F 75 -0.87 39.31 -38.91
N ASP F 76 -0.68 38.43 -37.92
CA ASP F 76 -0.85 38.80 -36.53
C ASP F 76 0.45 38.79 -35.74
N SER F 77 1.58 38.53 -36.40
CA SER F 77 2.90 38.51 -35.75
C SER F 77 2.92 37.53 -34.59
N THR F 78 2.69 36.25 -34.92
CA THR F 78 2.66 35.19 -33.94
C THR F 78 3.51 34.01 -34.41
N VAL F 79 4.06 33.27 -33.45
CA VAL F 79 4.82 32.06 -33.71
C VAL F 79 4.22 30.93 -32.88
N TYR F 80 3.91 29.81 -33.53
CA TYR F 80 3.23 28.69 -32.90
C TYR F 80 4.14 27.49 -32.83
N LEU F 81 4.04 26.74 -31.73
CA LEU F 81 4.73 25.46 -31.55
C LEU F 81 3.69 24.35 -31.46
N GLU F 82 3.93 23.26 -32.17
CA GLU F 82 2.99 22.14 -32.24
C GLU F 82 3.75 20.85 -32.02
N LEU F 83 3.51 20.20 -30.88
CA LEU F 83 4.14 18.94 -30.55
C LEU F 83 3.14 17.80 -30.73
N SER F 84 3.50 16.83 -31.57
CA SER F 84 2.66 15.67 -31.86
C SER F 84 3.11 14.49 -31.02
N GLY F 85 2.16 13.62 -30.69
CA GLY F 85 2.46 12.45 -29.88
C GLY F 85 2.97 12.80 -28.50
N LEU F 86 2.08 13.27 -27.63
CA LEU F 86 2.47 13.75 -26.31
C LEU F 86 2.73 12.58 -25.38
N THR F 87 3.93 12.53 -24.82
CA THR F 87 4.36 11.55 -23.84
C THR F 87 4.45 12.21 -22.46
N PRO F 88 4.31 11.44 -21.38
CA PRO F 88 4.36 12.05 -20.03
C PRO F 88 5.64 12.81 -19.74
N ASP F 89 6.74 12.50 -20.42
CA ASP F 89 7.96 13.27 -20.21
C ASP F 89 7.90 14.67 -20.77
N ASP F 90 6.89 15.00 -21.58
CA ASP F 90 6.80 16.31 -22.21
C ASP F 90 6.22 17.39 -21.30
N THR F 91 5.70 17.04 -20.13
CA THR F 91 5.14 18.06 -19.25
C THR F 91 6.22 19.02 -18.77
N ALA F 92 6.12 20.28 -19.18
CA ALA F 92 7.13 21.29 -18.89
C ALA F 92 6.57 22.65 -19.25
N VAL F 93 7.26 23.69 -18.80
CA VAL F 93 6.94 25.06 -19.19
C VAL F 93 7.71 25.39 -20.46
N TYR F 94 7.00 25.87 -21.48
CA TYR F 94 7.56 26.10 -22.80
C TYR F 94 7.72 27.60 -23.03
N TYR F 95 8.95 28.03 -23.29
CA TYR F 95 9.28 29.43 -23.50
C TYR F 95 9.55 29.68 -24.98
N CYS F 96 9.16 30.87 -25.44
CA CYS F 96 9.55 31.36 -26.76
C CYS F 96 10.51 32.52 -26.58
N ALA F 97 11.67 32.44 -27.24
CA ALA F 97 12.74 33.41 -27.08
C ALA F 97 13.12 34.00 -28.44
N ARG F 98 13.34 35.31 -28.47
CA ARG F 98 13.82 35.99 -29.66
C ARG F 98 15.33 36.00 -29.66
N SER F 99 15.93 35.62 -30.79
CA SER F 99 17.38 35.51 -30.91
C SER F 99 17.93 36.73 -31.62
N GLN F 100 18.92 37.38 -31.01
CA GLN F 100 19.61 38.53 -31.59
C GLN F 100 21.07 38.16 -31.77
N GLY F 101 21.51 38.09 -33.03
CA GLY F 101 22.90 37.78 -33.31
C GLY F 101 23.15 37.77 -34.81
N THR F 102 24.42 37.81 -35.16
CA THR F 102 24.87 37.78 -36.54
C THR F 102 26.01 36.79 -36.68
N PHE F 103 25.93 35.94 -37.70
CA PHE F 103 26.95 34.92 -38.01
C PHE F 103 27.03 33.96 -36.82
N GLU F 104 28.18 33.83 -36.16
CA GLU F 104 28.33 32.81 -35.12
C GLU F 104 27.55 33.17 -33.87
N VAL F 105 27.43 34.46 -33.56
CA VAL F 105 26.77 34.88 -32.33
C VAL F 105 25.29 34.57 -32.41
N TYR F 106 24.77 33.86 -31.42
CA TYR F 106 23.36 33.50 -31.36
C TYR F 106 22.96 33.37 -29.90
N TYR F 107 22.16 34.32 -29.42
CA TYR F 107 21.71 34.30 -28.04
C TYR F 107 20.34 34.97 -27.94
N PHE F 108 19.67 34.71 -26.82
CA PHE F 108 18.28 35.13 -26.60
C PHE F 108 18.22 36.34 -25.68
N VAL F 109 17.38 37.30 -26.04
CA VAL F 109 17.28 38.57 -25.34
C VAL F 109 15.93 38.79 -24.68
N SER F 110 14.84 38.32 -25.31
CA SER F 110 13.48 38.54 -24.81
C SER F 110 12.76 37.20 -24.68
N TRP F 111 13.00 36.51 -23.57
CA TRP F 111 12.30 35.26 -23.30
C TRP F 111 10.81 35.53 -23.03
N GLY F 112 9.98 34.54 -23.37
CA GLY F 112 8.57 34.64 -23.11
C GLY F 112 8.22 34.27 -21.67
N GLN F 113 6.94 34.47 -21.34
CA GLN F 113 6.48 34.18 -19.98
C GLN F 113 6.46 32.68 -19.71
N GLY F 114 6.23 31.87 -20.73
CA GLY F 114 6.21 30.44 -20.58
C GLY F 114 4.79 29.89 -20.45
N SER F 115 4.59 28.70 -20.99
CA SER F 115 3.30 28.01 -20.93
C SER F 115 3.52 26.63 -20.32
N LEU F 116 2.92 26.40 -19.16
CA LEU F 116 3.07 25.13 -18.45
C LEU F 116 1.99 24.17 -18.92
N VAL F 117 2.30 23.39 -19.95
CA VAL F 117 1.41 22.36 -20.43
C VAL F 117 1.67 21.08 -19.65
N THR F 118 0.59 20.47 -19.14
CA THR F 118 0.68 19.24 -18.36
C THR F 118 0.02 18.12 -19.15
N VAL F 119 0.79 17.09 -19.46
CA VAL F 119 0.30 15.94 -20.21
C VAL F 119 -0.09 14.86 -19.21
N SER F 120 -1.39 14.62 -19.07
CA SER F 120 -1.89 13.63 -18.13
C SER F 120 -3.28 13.19 -18.57
N SER F 121 -3.64 11.95 -18.24
CA SER F 121 -4.96 11.43 -18.56
C SER F 121 -6.01 11.76 -17.51
N ALA F 122 -5.61 12.33 -16.38
CA ALA F 122 -6.54 12.63 -15.31
C ALA F 122 -7.29 13.94 -15.60
N SER F 123 -8.38 14.13 -14.87
CA SER F 123 -9.21 15.32 -15.03
C SER F 123 -8.74 16.42 -14.09
N THR F 124 -8.75 17.65 -14.59
CA THR F 124 -8.33 18.79 -13.79
C THR F 124 -9.33 19.05 -12.66
N LYS F 125 -8.80 19.31 -11.47
CA LYS F 125 -9.61 19.56 -10.28
C LYS F 125 -9.22 20.89 -9.67
N GLY F 126 -10.22 21.72 -9.36
CA GLY F 126 -9.99 23.02 -8.79
C GLY F 126 -9.56 22.95 -7.34
N PRO F 127 -8.84 23.98 -6.88
CA PRO F 127 -8.38 24.01 -5.50
C PRO F 127 -9.48 24.42 -4.52
N SER F 128 -9.21 24.16 -3.25
CA SER F 128 -10.04 24.61 -2.15
C SER F 128 -9.20 25.49 -1.25
N VAL F 129 -9.72 26.66 -0.89
CA VAL F 129 -8.95 27.67 -0.15
C VAL F 129 -9.45 27.68 1.29
N PHE F 130 -8.52 27.48 2.23
CA PHE F 130 -8.82 27.49 3.65
C PHE F 130 -7.94 28.53 4.34
N PRO F 131 -8.52 29.49 5.06
CA PRO F 131 -7.69 30.53 5.68
C PRO F 131 -6.84 30.00 6.82
N LEU F 132 -5.72 30.67 7.05
CA LEU F 132 -4.83 30.39 8.17
C LEU F 132 -4.96 31.55 9.15
N ALA F 133 -5.72 31.33 10.21
CA ALA F 133 -6.02 32.42 11.14
C ALA F 133 -4.80 32.76 11.99
N PRO F 134 -4.52 34.05 12.19
CA PRO F 134 -3.41 34.45 13.06
C PRO F 134 -3.77 34.29 14.53
N SER F 135 -2.74 34.40 15.36
CA SER F 135 -2.91 34.29 16.81
C SER F 135 -2.58 35.60 17.51
N THR F 143 6.18 39.79 13.93
CA THR F 143 5.33 38.62 14.05
C THR F 143 3.99 38.83 13.34
N ALA F 144 2.94 38.22 13.89
CA ALA F 144 1.57 38.27 13.36
C ALA F 144 1.55 37.78 11.91
N ALA F 145 1.76 36.47 11.78
CA ALA F 145 1.78 35.80 10.49
C ALA F 145 0.38 35.34 10.11
N LEU F 146 0.11 35.35 8.80
CA LEU F 146 -1.15 34.85 8.28
C LEU F 146 -0.96 34.46 6.83
N GLY F 147 -1.89 33.67 6.33
CA GLY F 147 -1.79 33.22 4.95
C GLY F 147 -3.01 32.43 4.54
N CYS F 148 -2.93 31.85 3.34
CA CYS F 148 -3.98 31.02 2.77
C CYS F 148 -3.45 29.61 2.51
N LEU F 149 -4.37 28.67 2.40
CA LEU F 149 -4.05 27.27 2.13
C LEU F 149 -4.91 26.78 0.98
N VAL F 150 -4.28 26.50 -0.15
CA VAL F 150 -4.95 25.89 -1.29
C VAL F 150 -4.59 24.42 -1.33
N LYS F 151 -5.62 23.56 -1.38
CA LYS F 151 -5.43 22.14 -1.20
C LYS F 151 -6.22 21.37 -2.25
N ASP F 152 -5.71 20.19 -2.60
CA ASP F 152 -6.38 19.24 -3.49
C ASP F 152 -6.69 19.88 -4.85
N TYR F 153 -5.62 20.23 -5.58
CA TYR F 153 -5.76 20.81 -6.90
C TYR F 153 -4.83 20.11 -7.88
N PHE F 154 -5.23 20.12 -9.15
CA PHE F 154 -4.48 19.50 -10.24
C PHE F 154 -4.93 20.17 -11.53
N PRO F 155 -4.02 20.52 -12.44
CA PRO F 155 -2.57 20.30 -12.37
C PRO F 155 -1.79 21.39 -11.62
N GLU F 156 -0.49 21.46 -11.89
CA GLU F 156 0.41 22.30 -11.11
C GLU F 156 0.10 23.79 -11.15
N PRO F 157 -0.10 24.44 -12.32
CA PRO F 157 -0.07 25.91 -12.34
C PRO F 157 -1.18 26.59 -11.53
N VAL F 158 -0.78 27.25 -10.44
CA VAL F 158 -1.68 28.06 -9.63
C VAL F 158 -0.94 29.33 -9.22
N THR F 159 -1.64 30.46 -9.25
CA THR F 159 -1.06 31.76 -8.93
C THR F 159 -1.74 32.34 -7.70
N VAL F 160 -0.93 32.80 -6.75
CA VAL F 160 -1.41 33.43 -5.53
C VAL F 160 -0.76 34.79 -5.40
N SER F 161 -1.58 35.83 -5.23
CA SER F 161 -1.09 37.19 -5.00
C SER F 161 -1.85 37.79 -3.82
N TRP F 162 -1.21 38.76 -3.17
CA TRP F 162 -1.78 39.39 -1.98
C TRP F 162 -2.15 40.84 -2.28
N ASN F 163 -3.39 41.20 -1.97
CA ASN F 163 -3.93 42.54 -2.20
C ASN F 163 -3.79 42.95 -3.67
N SER F 164 -4.00 41.99 -4.57
CA SER F 164 -3.90 42.22 -6.02
C SER F 164 -2.54 42.79 -6.39
N GLY F 165 -1.49 42.27 -5.76
CA GLY F 165 -0.14 42.72 -6.03
C GLY F 165 0.32 43.91 -5.23
N ALA F 166 -0.54 44.53 -4.42
CA ALA F 166 -0.13 45.66 -3.61
C ALA F 166 0.85 45.25 -2.53
N LEU F 167 0.63 44.09 -1.91
CA LEU F 167 1.47 43.59 -0.83
C LEU F 167 2.41 42.52 -1.39
N THR F 168 3.68 42.89 -1.58
CA THR F 168 4.69 41.98 -2.07
C THR F 168 5.86 41.81 -1.12
N SER F 169 5.89 42.54 0.00
CA SER F 169 6.97 42.46 0.96
C SER F 169 6.62 41.45 2.05
N GLY F 170 7.50 40.49 2.28
CA GLY F 170 7.28 39.47 3.27
C GLY F 170 6.40 38.32 2.83
N VAL F 171 5.98 38.28 1.57
CA VAL F 171 5.13 37.20 1.07
C VAL F 171 5.99 35.97 0.80
N HIS F 172 5.49 34.81 1.21
CA HIS F 172 6.16 33.53 0.97
C HIS F 172 5.14 32.54 0.43
N THR F 173 5.11 32.36 -0.88
CA THR F 173 4.25 31.37 -1.52
C THR F 173 5.08 30.11 -1.71
N PHE F 174 4.86 29.12 -0.84
CA PHE F 174 5.68 27.92 -0.85
C PHE F 174 5.40 27.09 -2.11
N PRO F 175 6.42 26.41 -2.63
CA PRO F 175 6.20 25.51 -3.78
C PRO F 175 5.24 24.39 -3.42
N ALA F 176 4.46 23.97 -4.41
CA ALA F 176 3.47 22.93 -4.19
C ALA F 176 4.13 21.61 -3.82
N VAL F 177 3.49 20.86 -2.93
CA VAL F 177 3.96 19.56 -2.48
C VAL F 177 2.96 18.50 -2.92
N LEU F 178 3.47 17.35 -3.33
CA LEU F 178 2.63 16.28 -3.83
C LEU F 178 2.07 15.47 -2.66
N GLN F 179 0.75 15.35 -2.60
CA GLN F 179 0.08 14.65 -1.51
C GLN F 179 -0.08 13.17 -1.84
N SER F 180 -0.54 12.41 -0.85
CA SER F 180 -0.75 10.98 -1.03
C SER F 180 -1.84 10.70 -2.05
N SER F 181 -2.87 11.55 -2.10
CA SER F 181 -3.96 11.39 -3.05
C SER F 181 -3.55 11.67 -4.49
N GLY F 182 -2.36 12.22 -4.71
CA GLY F 182 -1.93 12.60 -6.04
C GLY F 182 -2.33 14.00 -6.46
N LEU F 183 -2.73 14.85 -5.51
CA LEU F 183 -3.15 16.21 -5.79
C LEU F 183 -2.20 17.19 -5.15
N TYR F 184 -1.83 18.23 -5.89
CA TYR F 184 -0.93 19.25 -5.36
C TYR F 184 -1.63 20.07 -4.29
N SER F 185 -0.83 20.61 -3.37
CA SER F 185 -1.34 21.47 -2.31
C SER F 185 -0.21 22.33 -1.78
N LEU F 186 -0.43 23.64 -1.74
CA LEU F 186 0.58 24.57 -1.23
C LEU F 186 -0.08 25.58 -0.31
N SER F 187 0.74 26.24 0.51
CA SER F 187 0.28 27.29 1.40
C SER F 187 1.13 28.52 1.18
N SER F 188 0.49 29.68 1.05
CA SER F 188 1.18 30.95 0.90
C SER F 188 0.94 31.80 2.15
N VAL F 189 2.03 32.34 2.71
CA VAL F 189 1.98 33.09 3.96
C VAL F 189 2.67 34.42 3.77
N VAL F 190 2.34 35.36 4.66
CA VAL F 190 2.95 36.69 4.67
C VAL F 190 3.00 37.17 6.12
N THR F 191 4.06 37.89 6.45
CA THR F 191 4.22 38.49 7.77
C THR F 191 3.92 39.98 7.69
N VAL F 192 3.06 40.46 8.59
CA VAL F 192 2.64 41.86 8.60
C VAL F 192 2.74 42.35 10.03
N PRO F 193 2.95 43.65 10.27
CA PRO F 193 2.97 44.15 11.66
C PRO F 193 1.64 43.92 12.37
N SER F 194 1.74 43.69 13.69
CA SER F 194 0.57 43.38 14.49
C SER F 194 -0.43 44.53 14.55
N SER F 195 0.05 45.77 14.50
CA SER F 195 -0.83 46.92 14.62
C SER F 195 -1.69 47.12 13.37
N SER F 196 -1.22 46.65 12.22
CA SER F 196 -1.99 46.79 10.98
C SER F 196 -2.97 45.66 10.76
N LEU F 197 -2.89 44.59 11.57
CA LEU F 197 -3.82 43.46 11.40
C LEU F 197 -5.24 43.85 11.75
N GLY F 198 -5.43 44.62 12.82
CA GLY F 198 -6.77 44.99 13.23
C GLY F 198 -7.49 45.89 12.25
N THR F 199 -6.77 46.90 11.72
CA THR F 199 -7.40 47.84 10.79
C THR F 199 -7.50 47.26 9.39
N GLN F 200 -6.38 46.92 8.78
CA GLN F 200 -6.33 46.52 7.38
C GLN F 200 -6.85 45.09 7.23
N THR F 201 -6.85 44.59 5.99
CA THR F 201 -7.33 43.26 5.67
C THR F 201 -6.54 42.75 4.46
N TYR F 202 -6.48 41.44 4.32
CA TYR F 202 -5.71 40.78 3.29
C TYR F 202 -6.54 39.71 2.60
N ILE F 203 -6.40 39.60 1.29
CA ILE F 203 -7.23 38.74 0.45
C ILE F 203 -6.34 37.73 -0.24
N CYS F 204 -6.83 36.49 -0.35
CA CYS F 204 -6.03 35.41 -0.92
C CYS F 204 -5.76 35.65 -2.40
N ASN F 205 -6.79 36.04 -3.16
CA ASN F 205 -6.68 36.32 -4.60
C ASN F 205 -5.91 35.21 -5.32
N VAL F 206 -6.34 33.98 -5.11
CA VAL F 206 -5.73 32.83 -5.76
C VAL F 206 -6.29 32.72 -7.17
N ASN F 207 -5.49 32.14 -8.08
CA ASN F 207 -5.91 31.95 -9.46
C ASN F 207 -5.37 30.62 -9.96
N HIS F 208 -6.28 29.73 -10.34
CA HIS F 208 -5.95 28.45 -10.97
C HIS F 208 -6.53 28.49 -12.38
N LYS F 209 -5.65 28.71 -13.37
CA LYS F 209 -6.13 28.85 -14.75
C LYS F 209 -6.87 27.62 -15.25
N PRO F 210 -6.38 26.39 -15.03
CA PRO F 210 -7.23 25.22 -15.30
C PRO F 210 -8.45 25.22 -14.38
N SER F 211 -9.57 24.74 -14.92
CA SER F 211 -10.88 24.67 -14.27
C SER F 211 -11.49 26.03 -13.97
N ASN F 212 -10.80 27.13 -14.29
CA ASN F 212 -11.35 28.49 -14.15
C ASN F 212 -11.85 28.76 -12.74
N THR F 213 -11.01 28.49 -11.75
CA THR F 213 -11.33 28.69 -10.35
C THR F 213 -10.70 30.00 -9.88
N LYS F 214 -11.54 31.01 -9.62
CA LYS F 214 -11.11 32.30 -9.11
C LYS F 214 -11.73 32.48 -7.73
N VAL F 215 -10.91 32.46 -6.69
CA VAL F 215 -11.37 32.53 -5.31
C VAL F 215 -10.62 33.64 -4.59
N ASP F 216 -11.35 34.52 -3.92
CA ASP F 216 -10.77 35.55 -3.07
C ASP F 216 -11.15 35.24 -1.62
N LYS F 217 -10.15 34.92 -0.80
CA LYS F 217 -10.35 34.54 0.60
C LYS F 217 -11.34 33.37 0.72
N SER G 2 -50.12 8.13 32.58
CA SER G 2 -49.28 7.88 31.42
C SER G 2 -48.23 8.98 31.28
N CYS G 3 -47.22 8.73 30.45
CA CYS G 3 -46.18 9.73 30.22
C CYS G 3 -46.74 10.98 29.57
N GLU G 4 -47.62 10.81 28.58
CA GLU G 4 -48.19 11.97 27.91
C GLU G 4 -49.25 12.67 28.75
N ARG G 5 -49.85 11.96 29.72
CA ARG G 5 -50.81 12.61 30.60
C ARG G 5 -50.12 13.52 31.60
N GLN G 6 -49.02 13.05 32.20
CA GLN G 6 -48.31 13.84 33.20
C GLN G 6 -47.38 14.89 32.61
N VAL G 7 -47.08 14.81 31.31
CA VAL G 7 -46.24 15.83 30.69
C VAL G 7 -46.96 17.16 30.57
N ASP G 8 -48.30 17.15 30.56
CA ASP G 8 -49.06 18.40 30.51
C ASP G 8 -49.06 19.11 31.86
N ARG G 9 -49.12 18.34 32.95
CA ARG G 9 -49.15 18.95 34.28
C ARG G 9 -47.84 19.67 34.59
N VAL G 10 -46.70 19.08 34.24
CA VAL G 10 -45.41 19.68 34.55
C VAL G 10 -45.16 20.86 33.62
N ASN G 11 -44.79 22.00 34.19
CA ASN G 11 -44.44 23.19 33.42
C ASN G 11 -42.96 23.10 33.06
N LEU G 12 -42.68 22.73 31.82
CA LEU G 12 -41.31 22.60 31.34
C LEU G 12 -40.69 23.94 30.97
N LYS G 13 -41.46 25.03 31.02
CA LYS G 13 -40.96 26.33 30.59
C LYS G 13 -39.64 26.74 31.26
N PRO G 14 -39.43 26.54 32.57
CA PRO G 14 -38.09 26.84 33.12
C PRO G 14 -36.98 26.04 32.46
N CYS G 15 -37.26 24.80 32.03
CA CYS G 15 -36.24 24.01 31.34
C CYS G 15 -35.98 24.56 29.94
N GLU G 16 -37.01 25.06 29.26
CA GLU G 16 -36.80 25.71 27.96
C GLU G 16 -36.01 26.99 28.09
N GLN G 17 -36.01 27.63 29.27
CA GLN G 17 -35.25 28.86 29.46
C GLN G 17 -33.75 28.63 29.40
N HIS G 18 -33.30 27.37 29.53
CA HIS G 18 -31.87 27.07 29.56
C HIS G 18 -31.21 27.23 28.20
N ILE G 19 -31.98 27.45 27.13
CA ILE G 19 -31.38 27.65 25.81
C ILE G 19 -30.58 28.95 25.82
N MET G 20 -29.36 28.89 25.29
CA MET G 20 -28.39 29.99 25.20
C MET G 20 -27.86 30.44 26.54
N GLN G 21 -28.35 29.89 27.66
CA GLN G 21 -27.75 30.20 28.95
C GLN G 21 -26.36 29.60 29.07
N ARG G 22 -26.16 28.38 28.57
CA ARG G 22 -24.87 27.73 28.54
C ARG G 22 -24.23 27.75 27.16
N ILE G 23 -24.95 28.20 26.14
CA ILE G 23 -24.41 28.26 24.78
C ILE G 23 -24.15 29.70 24.38
N GLN G 44 -31.57 27.30 36.44
CA GLN G 44 -30.91 26.81 37.64
C GLN G 44 -31.58 25.54 38.15
N GLN G 45 -31.79 25.48 39.47
CA GLN G 45 -32.45 24.34 40.07
C GLN G 45 -33.95 24.29 39.78
N ARG G 46 -34.50 25.34 39.17
CA ARG G 46 -35.94 25.38 38.90
C ARG G 46 -36.35 24.28 37.93
N CYS G 47 -35.51 24.01 36.93
CA CYS G 47 -35.84 22.96 35.96
C CYS G 47 -35.90 21.59 36.62
N CYS G 48 -34.92 21.27 37.47
CA CYS G 48 -34.93 19.99 38.17
C CYS G 48 -36.06 19.92 39.19
N ASP G 49 -36.41 21.06 39.80
CA ASP G 49 -37.53 21.07 40.74
C ASP G 49 -38.83 20.69 40.06
N GLU G 50 -39.07 21.22 38.87
CA GLU G 50 -40.27 20.85 38.12
C GLU G 50 -40.13 19.47 37.49
N LEU G 51 -38.91 19.01 37.26
CA LEU G 51 -38.69 17.75 36.54
C LEU G 51 -39.01 16.54 37.42
N ASN G 52 -38.87 16.67 38.74
CA ASN G 52 -39.08 15.52 39.61
C ASN G 52 -40.52 15.03 39.54
N GLU G 53 -41.48 15.95 39.52
CA GLU G 53 -42.88 15.56 39.36
C GLU G 53 -43.22 15.38 37.89
N MET G 54 -43.99 14.34 37.58
CA MET G 54 -44.44 13.36 38.58
C MET G 54 -44.21 11.95 38.08
N GLU G 55 -43.82 11.05 39.00
CA GLU G 55 -43.45 9.67 38.67
C GLU G 55 -42.35 9.62 37.62
N ASN G 56 -41.42 10.56 37.70
CA ASN G 56 -40.28 10.61 36.77
C ASN G 56 -39.06 9.91 37.36
N THR G 57 -39.24 8.62 37.67
CA THR G 57 -38.15 7.78 38.18
C THR G 57 -37.35 7.26 36.98
N GLN G 58 -36.66 8.20 36.31
CA GLN G 58 -35.98 7.96 35.05
C GLN G 58 -36.93 7.45 33.97
N GLY G 59 -38.23 7.63 34.18
CA GLY G 59 -39.23 7.26 33.19
C GLY G 59 -40.01 8.48 32.77
N CYS G 60 -40.55 8.44 31.55
CA CYS G 60 -41.26 9.55 30.93
C CYS G 60 -40.34 10.75 30.72
N MET G 61 -39.04 10.58 31.02
CA MET G 61 -38.09 11.64 30.75
C MET G 61 -37.84 11.78 29.24
N CYS G 62 -37.99 10.68 28.50
CA CYS G 62 -37.93 10.75 27.04
C CYS G 62 -39.03 11.67 26.50
N GLU G 63 -40.24 11.56 27.05
CA GLU G 63 -41.32 12.46 26.64
C GLU G 63 -41.00 13.89 27.05
N ALA G 64 -40.47 14.09 28.26
CA ALA G 64 -40.12 15.43 28.71
C ALA G 64 -39.00 16.04 27.86
N LEU G 65 -37.97 15.25 27.55
CA LEU G 65 -36.89 15.74 26.72
C LEU G 65 -37.35 15.99 25.29
N GLN G 66 -38.24 15.13 24.78
CA GLN G 66 -38.79 15.33 23.45
C GLN G 66 -39.66 16.58 23.39
N GLN G 67 -40.40 16.87 24.47
CA GLN G 67 -41.25 18.05 24.48
C GLN G 67 -40.43 19.33 24.41
N ILE G 68 -39.27 19.35 25.07
CA ILE G 68 -38.41 20.53 25.02
C ILE G 68 -37.94 20.79 23.59
N MET G 69 -37.55 19.72 22.89
CA MET G 69 -37.16 19.88 21.49
C MET G 69 -38.34 20.34 20.63
N GLU G 70 -39.54 19.80 20.91
CA GLU G 70 -40.72 20.20 20.14
C GLU G 70 -41.06 21.67 20.38
N ASN G 71 -40.96 22.13 21.62
CA ASN G 71 -41.35 23.50 21.94
C ASN G 71 -40.39 24.51 21.32
N GLN G 72 -39.09 24.29 21.47
CA GLN G 72 -38.08 25.24 21.01
C GLN G 72 -37.26 24.60 19.90
N CYS G 73 -37.20 25.28 18.75
CA CYS G 73 -36.38 24.87 17.61
C CYS G 73 -36.73 23.44 17.17
N ASP G 74 -37.97 23.29 16.71
CA ASP G 74 -38.43 22.00 16.22
C ASP G 74 -37.66 21.61 14.97
N ARG G 75 -37.42 20.30 14.82
CA ARG G 75 -36.68 19.73 13.70
C ARG G 75 -35.25 20.25 13.66
N LEU G 76 -34.52 19.89 12.60
CA LEU G 76 -33.12 20.30 12.47
C LEU G 76 -33.00 21.62 11.71
N ARG G 79 -29.44 23.90 11.53
CA ARG G 79 -29.19 25.31 11.83
C ARG G 79 -27.94 25.44 12.70
N GLN G 80 -27.39 24.30 13.09
CA GLN G 80 -26.11 24.18 13.80
C GLN G 80 -26.24 24.65 15.24
N MET G 81 -27.37 25.24 15.60
CA MET G 81 -27.62 25.67 16.97
C MET G 81 -28.61 24.77 17.70
N VAL G 82 -29.54 24.15 16.99
CA VAL G 82 -30.36 23.10 17.60
C VAL G 82 -29.51 21.88 17.92
N GLN G 83 -28.46 21.64 17.13
CA GLN G 83 -27.53 20.55 17.43
C GLN G 83 -26.81 20.80 18.74
N GLN G 84 -26.38 22.04 18.99
CA GLN G 84 -25.79 22.38 20.27
C GLN G 84 -26.81 22.24 21.39
N PHE G 85 -28.07 22.60 21.11
CA PHE G 85 -29.13 22.43 22.10
C PHE G 85 -29.40 20.95 22.38
N LYS G 86 -29.23 20.09 21.37
CA LYS G 86 -29.43 18.66 21.57
C LYS G 86 -28.43 18.10 22.57
N ARG G 87 -27.17 18.50 22.48
CA ARG G 87 -26.14 17.98 23.38
C ARG G 87 -26.42 18.38 24.82
N GLU G 88 -26.87 19.61 25.04
CA GLU G 88 -27.17 20.06 26.39
C GLU G 88 -28.41 19.37 26.94
N LEU G 89 -29.39 19.07 26.08
CA LEU G 89 -30.59 18.37 26.54
C LEU G 89 -30.26 16.97 27.03
N MET G 90 -29.33 16.28 26.36
CA MET G 90 -28.93 14.95 26.80
C MET G 90 -28.24 14.99 28.15
N SER G 91 -27.55 16.08 28.46
CA SER G 91 -26.90 16.25 29.76
C SER G 91 -27.83 16.80 30.82
N LEU G 92 -29.06 17.16 30.45
CA LEU G 92 -30.01 17.69 31.44
C LEU G 92 -30.32 16.70 32.56
N PRO G 93 -30.59 15.41 32.29
CA PRO G 93 -30.80 14.48 33.41
C PRO G 93 -29.61 14.36 34.34
N GLN G 94 -28.38 14.46 33.81
CA GLN G 94 -27.20 14.29 34.64
C GLN G 94 -27.09 15.37 35.71
N GLN G 95 -27.34 16.63 35.33
CA GLN G 95 -27.26 17.72 36.29
C GLN G 95 -28.47 17.76 37.22
N CYS G 96 -29.55 17.06 36.90
CA CYS G 96 -30.71 16.95 37.78
C CYS G 96 -30.70 15.63 38.56
N ASN G 97 -29.55 14.96 38.63
CA ASN G 97 -29.39 13.68 39.33
C ASN G 97 -30.34 12.62 38.78
N PHE G 98 -30.30 12.44 37.46
CA PHE G 98 -31.09 11.44 36.78
C PHE G 98 -30.28 10.82 35.65
N ARG G 99 -30.67 9.62 35.25
CA ARG G 99 -30.04 8.93 34.13
C ARG G 99 -30.73 9.30 32.83
N ALA G 100 -29.92 9.52 31.79
CA ALA G 100 -30.46 9.86 30.49
C ALA G 100 -31.28 8.70 29.93
N PRO G 101 -32.33 8.98 29.16
CA PRO G 101 -33.17 7.90 28.61
C PRO G 101 -32.35 6.99 27.70
N GLN G 102 -32.61 5.69 27.83
CA GLN G 102 -31.91 4.70 27.01
C GLN G 102 -32.42 4.68 25.58
N ARG G 103 -33.73 4.77 25.39
CA ARG G 103 -34.37 4.73 24.08
C ARG G 103 -35.11 6.05 23.89
N CYS G 104 -34.53 6.94 23.07
CA CYS G 104 -35.10 8.26 22.87
C CYS G 104 -34.66 8.78 21.50
N ASP G 105 -35.63 9.28 20.73
CA ASP G 105 -35.36 9.85 19.41
C ASP G 105 -35.79 11.32 19.44
N LEU G 106 -34.82 12.21 19.68
CA LEU G 106 -35.13 13.63 19.75
C LEU G 106 -35.48 14.22 18.40
N ASP G 107 -34.88 13.70 17.33
CA ASP G 107 -35.05 14.25 15.99
C ASP G 107 -35.99 13.39 15.17
N VAL G 108 -37.01 14.01 14.60
CA VAL G 108 -37.93 13.36 13.67
C VAL G 108 -37.89 14.16 12.37
N SER G 109 -37.34 13.55 11.32
CA SER G 109 -37.24 14.25 10.04
C SER G 109 -38.61 14.40 9.39
N GLY G 110 -39.46 13.38 9.48
CA GLY G 110 -40.77 13.43 8.86
C GLY G 110 -40.73 13.50 7.35
N GLY G 111 -39.83 12.75 6.73
CA GLY G 111 -39.71 12.74 5.29
C GLY G 111 -38.30 12.45 4.80
N SER H 2 17.01 24.58 -51.70
CA SER H 2 18.24 24.31 -52.44
C SER H 2 19.06 25.58 -52.63
N CYS H 3 20.30 25.55 -52.16
CA CYS H 3 21.18 26.71 -52.27
C CYS H 3 22.50 26.37 -52.93
N GLU H 4 22.96 25.13 -52.76
CA GLU H 4 24.23 24.73 -53.37
C GLU H 4 24.14 24.72 -54.90
N ARG H 5 22.94 24.54 -55.46
CA ARG H 5 22.80 24.54 -56.90
C ARG H 5 23.00 25.93 -57.50
N GLN H 6 22.41 26.96 -56.89
CA GLN H 6 22.50 28.30 -57.43
C GLN H 6 23.88 28.93 -57.18
N VAL H 7 24.57 28.50 -56.13
CA VAL H 7 25.85 29.10 -55.78
C VAL H 7 26.89 28.85 -56.86
N ASP H 8 26.94 27.64 -57.40
CA ASP H 8 27.95 27.30 -58.40
C ASP H 8 27.81 28.13 -59.67
N ARG H 9 26.56 28.45 -60.06
CA ARG H 9 26.35 29.16 -61.32
C ARG H 9 26.92 30.57 -61.28
N VAL H 10 26.75 31.28 -60.16
CA VAL H 10 27.16 32.67 -60.10
C VAL H 10 28.69 32.78 -60.04
N ASN H 11 29.21 33.85 -60.62
CA ASN H 11 30.65 34.11 -60.63
C ASN H 11 31.03 34.86 -59.35
N LEU H 12 31.94 34.29 -58.57
CA LEU H 12 32.34 34.87 -57.30
C LEU H 12 33.63 35.67 -57.37
N LYS H 13 34.28 35.74 -58.54
CA LYS H 13 35.56 36.43 -58.63
C LYS H 13 35.51 37.92 -58.29
N PRO H 14 34.52 38.72 -58.73
CA PRO H 14 34.59 40.16 -58.43
C PRO H 14 34.60 40.46 -56.93
N CYS H 15 33.95 39.63 -56.12
CA CYS H 15 33.83 39.92 -54.70
C CYS H 15 35.14 39.70 -53.97
N GLU H 16 35.92 38.69 -54.38
CA GLU H 16 37.19 38.42 -53.69
C GLU H 16 38.14 39.61 -53.84
N GLN H 17 38.20 40.21 -55.03
CA GLN H 17 39.06 41.37 -55.20
C GLN H 17 38.48 42.60 -54.52
N HIS H 18 37.16 42.64 -54.34
CA HIS H 18 36.54 43.76 -53.63
C HIS H 18 37.03 43.84 -52.19
N ILE H 19 37.02 42.71 -51.48
CA ILE H 19 37.54 42.67 -50.12
C ILE H 19 39.06 42.79 -50.12
N MET H 20 39.71 42.24 -51.15
CA MET H 20 41.17 42.22 -51.20
C MET H 20 41.75 43.63 -51.23
N GLN H 21 41.10 44.55 -51.95
CA GLN H 21 41.63 45.90 -52.04
C GLN H 21 41.43 46.70 -50.76
N ARG H 22 40.46 46.34 -49.92
CA ARG H 22 40.25 47.02 -48.64
C ARG H 22 40.85 46.26 -47.46
N ILE H 23 41.52 45.14 -47.71
CA ILE H 23 42.09 44.34 -46.63
C ILE H 23 43.18 45.11 -45.90
N GLN H 43 34.46 49.38 -56.67
CA GLN H 43 33.66 48.33 -57.30
C GLN H 43 32.73 47.66 -56.29
N GLN H 44 32.21 48.44 -55.35
CA GLN H 44 31.27 47.90 -54.37
C GLN H 44 29.98 47.46 -55.04
N GLN H 45 29.57 48.18 -56.09
CA GLN H 45 28.42 47.74 -56.88
C GLN H 45 28.72 46.48 -57.67
N ARG H 46 29.99 46.23 -57.99
CA ARG H 46 30.35 45.06 -58.79
C ARG H 46 30.06 43.77 -58.04
N CYS H 47 30.35 43.74 -56.73
CA CYS H 47 30.03 42.56 -55.93
C CYS H 47 28.56 42.54 -55.55
N CYS H 48 27.92 43.70 -55.50
CA CYS H 48 26.53 43.85 -55.13
C CYS H 48 25.57 43.37 -56.22
N ASP H 49 26.08 42.99 -57.38
CA ASP H 49 25.27 42.70 -58.55
C ASP H 49 24.52 41.36 -58.43
N GLU H 50 23.77 41.21 -57.35
CA GLU H 50 22.98 40.01 -57.11
C GLU H 50 21.70 40.40 -56.38
N LEU H 51 20.65 39.62 -56.58
CA LEU H 51 19.39 39.86 -55.89
C LEU H 51 19.38 39.09 -54.57
N GLU H 55 20.84 32.64 -55.26
CA GLU H 55 20.93 34.07 -55.47
C GLU H 55 19.54 34.70 -55.63
N ASN H 56 18.70 34.05 -56.42
CA ASN H 56 17.36 34.56 -56.67
C ASN H 56 16.46 34.35 -55.46
N THR H 57 16.76 33.35 -54.64
CA THR H 57 16.07 33.18 -53.37
C THR H 57 16.24 34.44 -52.53
N GLN H 58 15.21 34.75 -51.73
CA GLN H 58 15.19 35.97 -50.94
C GLN H 58 16.46 36.14 -50.11
N GLY H 59 16.96 35.07 -49.52
CA GLY H 59 18.21 35.13 -48.80
C GLY H 59 19.23 34.09 -49.22
N CYS H 60 19.62 33.24 -48.27
CA CYS H 60 20.68 32.26 -48.45
C CYS H 60 21.97 32.95 -48.92
N MET H 61 22.41 33.92 -48.11
CA MET H 61 23.67 34.59 -48.30
C MET H 61 24.80 33.88 -47.59
N CYS H 62 24.46 33.02 -46.62
CA CYS H 62 25.47 32.30 -45.86
C CYS H 62 26.27 31.37 -46.77
N GLU H 63 25.59 30.64 -47.66
CA GLU H 63 26.30 29.75 -48.57
C GLU H 63 27.17 30.53 -49.55
N ALA H 64 26.66 31.67 -50.03
CA ALA H 64 27.45 32.51 -50.94
C ALA H 64 28.67 33.09 -50.25
N LEU H 65 28.51 33.57 -49.01
CA LEU H 65 29.65 34.14 -48.28
C LEU H 65 30.64 33.07 -47.86
N GLN H 66 30.17 31.86 -47.54
CA GLN H 66 31.10 30.79 -47.19
C GLN H 66 31.93 30.34 -48.38
N GLN H 67 31.37 30.41 -49.58
CA GLN H 67 32.10 30.00 -50.77
C GLN H 67 33.17 31.02 -51.17
N ILE H 68 33.06 32.26 -50.70
CA ILE H 68 34.07 33.27 -51.03
C ILE H 68 35.42 32.88 -50.44
N MET H 69 35.43 32.42 -49.20
CA MET H 69 36.65 31.97 -48.55
C MET H 69 37.14 30.66 -49.16
N GLN H 80 46.52 35.24 -39.55
CA GLN H 80 46.27 36.65 -39.34
C GLN H 80 45.61 37.28 -40.58
N MET H 81 45.93 36.72 -41.75
CA MET H 81 45.34 37.22 -42.99
C MET H 81 43.84 37.00 -43.01
N VAL H 82 43.38 35.85 -42.50
CA VAL H 82 41.96 35.53 -42.52
C VAL H 82 41.15 36.45 -41.62
N GLN H 83 41.79 37.10 -40.65
CA GLN H 83 41.05 37.96 -39.73
C GLN H 83 40.45 39.17 -40.44
N GLN H 84 41.27 39.88 -41.22
CA GLN H 84 40.76 41.03 -41.96
C GLN H 84 39.88 40.60 -43.12
N PHE H 85 40.10 39.38 -43.65
CA PHE H 85 39.25 38.87 -44.71
C PHE H 85 37.80 38.77 -44.25
N LYS H 86 37.59 38.23 -43.04
CA LYS H 86 36.25 38.08 -42.50
C LYS H 86 35.64 39.39 -42.01
N ARG H 87 36.48 40.38 -41.68
CA ARG H 87 35.97 41.61 -41.06
C ARG H 87 35.02 42.35 -41.99
N GLU H 88 35.49 42.74 -43.18
CA GLU H 88 34.61 43.40 -44.15
C GLU H 88 33.66 42.45 -44.83
N LEU H 89 33.99 41.14 -44.89
CA LEU H 89 33.08 40.17 -45.49
C LEU H 89 31.77 40.09 -44.71
N MET H 90 31.84 40.14 -43.38
CA MET H 90 30.61 40.17 -42.58
C MET H 90 29.83 41.45 -42.81
N SER H 91 30.50 42.55 -43.18
CA SER H 91 29.82 43.79 -43.49
C SER H 91 29.31 43.87 -44.93
N LEU H 92 29.67 42.89 -45.77
CA LEU H 92 29.17 42.87 -47.14
C LEU H 92 27.65 42.81 -47.23
N PRO H 93 26.93 42.00 -46.46
CA PRO H 93 25.46 42.07 -46.51
C PRO H 93 24.89 43.44 -46.16
N GLN H 94 25.55 44.17 -45.26
CA GLN H 94 25.04 45.49 -44.88
C GLN H 94 25.16 46.50 -46.02
N GLN H 95 26.24 46.44 -46.79
CA GLN H 95 26.47 47.38 -47.88
C GLN H 95 25.79 46.97 -49.17
N CYS H 96 25.08 45.84 -49.19
CA CYS H 96 24.37 45.37 -50.38
C CYS H 96 22.86 45.56 -50.26
N ASN H 97 22.41 46.45 -49.37
CA ASN H 97 20.98 46.67 -49.10
C ASN H 97 20.31 45.37 -48.67
N PHE H 98 21.01 44.58 -47.87
CA PHE H 98 20.51 43.31 -47.36
C PHE H 98 20.62 43.30 -45.84
N ARG H 99 20.26 42.17 -45.24
CA ARG H 99 20.34 41.97 -43.80
C ARG H 99 21.37 40.89 -43.50
N ALA H 100 22.15 41.10 -42.45
CA ALA H 100 23.21 40.17 -42.11
C ALA H 100 22.63 38.81 -41.74
N PRO H 101 23.28 37.71 -42.12
CA PRO H 101 22.77 36.38 -41.76
C PRO H 101 22.86 36.13 -40.27
N GLN H 102 22.14 35.09 -39.82
CA GLN H 102 21.95 34.84 -38.39
C GLN H 102 22.74 33.65 -37.86
N ARG H 103 22.90 32.57 -38.64
CA ARG H 103 23.64 31.38 -38.20
C ARG H 103 24.68 31.01 -39.25
N CYS H 104 25.82 31.70 -39.24
CA CYS H 104 26.92 31.42 -40.15
C CYS H 104 28.23 31.20 -39.41
N ASP H 105 29.02 30.27 -39.94
CA ASP H 105 30.38 30.03 -39.46
C ASP H 105 31.26 29.88 -40.69
N LEU H 106 32.22 30.79 -40.85
CA LEU H 106 33.12 30.79 -41.98
C LEU H 106 34.38 29.96 -41.75
N ASP H 107 34.61 29.49 -40.53
CA ASP H 107 35.81 28.72 -40.21
C ASP H 107 35.51 27.23 -40.15
N CYS I 3 40.94 -27.70 17.37
CA CYS I 3 41.74 -26.82 16.52
C CYS I 3 42.46 -25.78 17.37
N GLU I 4 41.84 -25.42 18.50
CA GLU I 4 42.43 -24.46 19.42
C GLU I 4 43.72 -24.97 20.04
N ARG I 5 43.91 -26.30 20.06
CA ARG I 5 45.13 -26.87 20.63
C ARG I 5 46.36 -26.47 19.82
N GLN I 6 46.25 -26.47 18.49
CA GLN I 6 47.41 -26.17 17.66
C GLN I 6 47.78 -24.69 17.75
N VAL I 7 46.81 -23.82 17.99
CA VAL I 7 47.11 -22.39 18.06
C VAL I 7 47.96 -22.08 19.29
N ASP I 8 47.57 -22.62 20.44
CA ASP I 8 48.32 -22.37 21.67
C ASP I 8 49.70 -23.00 21.62
N ARG I 9 49.81 -24.20 21.03
CA ARG I 9 51.07 -24.92 21.01
C ARG I 9 52.11 -24.20 20.16
N VAL I 10 51.69 -23.59 19.05
CA VAL I 10 52.63 -23.00 18.11
C VAL I 10 53.28 -21.77 18.74
N ASN I 11 54.50 -21.47 18.30
CA ASN I 11 55.27 -20.36 18.86
C ASN I 11 54.85 -19.05 18.21
N LEU I 12 54.41 -18.11 19.04
CA LEU I 12 53.90 -16.83 18.58
C LEU I 12 54.91 -15.69 18.67
N LYS I 13 56.12 -15.96 19.19
CA LYS I 13 57.11 -14.90 19.35
C LYS I 13 57.55 -14.25 18.04
N PRO I 14 57.90 -14.99 16.98
CA PRO I 14 58.44 -14.32 15.78
C PRO I 14 57.48 -13.36 15.10
N CYS I 15 56.17 -13.63 15.13
CA CYS I 15 55.25 -12.83 14.34
C CYS I 15 54.98 -11.46 14.95
N GLU I 16 54.89 -11.36 16.27
CA GLU I 16 54.63 -10.07 16.90
C GLU I 16 55.75 -9.08 16.66
N GLN I 17 57.01 -9.54 16.77
CA GLN I 17 58.14 -8.64 16.56
C GLN I 17 58.31 -8.30 15.08
N HIS I 18 57.88 -9.19 14.18
CA HIS I 18 57.98 -8.91 12.75
C HIS I 18 57.12 -7.70 12.37
N ILE I 19 55.86 -7.70 12.81
CA ILE I 19 54.99 -6.55 12.53
C ILE I 19 55.41 -5.32 13.32
N MET I 20 55.91 -5.51 14.54
CA MET I 20 56.26 -4.36 15.38
C MET I 20 57.37 -3.53 14.74
N GLN I 21 58.37 -4.18 14.16
CA GLN I 21 59.45 -3.47 13.48
C GLN I 21 59.03 -2.94 12.12
N ARG I 22 57.93 -3.45 11.56
CA ARG I 22 57.41 -3.01 10.27
C ARG I 22 56.35 -1.93 10.39
N ILE I 23 56.06 -1.46 11.61
CA ILE I 23 55.05 -0.43 11.82
C ILE I 23 55.48 0.87 11.16
N GLN I 44 60.71 -12.26 6.92
CA GLN I 44 59.30 -12.63 6.85
C GLN I 44 59.15 -14.15 6.94
N GLN I 45 60.22 -14.86 6.61
CA GLN I 45 60.20 -16.32 6.66
C GLN I 45 60.04 -16.86 8.08
N ARG I 46 60.41 -16.08 9.09
CA ARG I 46 60.36 -16.59 10.47
C ARG I 46 58.95 -16.94 10.88
N CYS I 47 57.98 -16.09 10.56
CA CYS I 47 56.59 -16.37 10.89
C CYS I 47 55.91 -17.26 9.86
N CYS I 48 56.34 -17.23 8.60
CA CYS I 48 55.65 -17.99 7.58
C CYS I 48 55.96 -19.49 7.61
N ASP I 49 57.08 -19.89 8.22
CA ASP I 49 57.42 -21.31 8.26
C ASP I 49 56.67 -22.02 9.38
N GLU I 50 56.52 -21.36 10.52
CA GLU I 50 55.84 -21.92 11.68
C GLU I 50 54.32 -21.86 11.58
N LEU I 51 53.77 -21.09 10.64
CA LEU I 51 52.33 -21.04 10.45
C LEU I 51 51.82 -22.09 9.49
N ASN I 52 52.69 -22.71 8.69
CA ASN I 52 52.29 -23.78 7.80
C ASN I 52 52.22 -25.13 8.48
N GLU I 53 52.63 -25.20 9.75
CA GLU I 53 52.72 -26.48 10.45
C GLU I 53 51.36 -27.01 10.87
N MET I 54 50.41 -26.14 11.17
CA MET I 54 49.13 -26.59 11.71
C MET I 54 48.35 -27.41 10.69
N GLU I 55 48.17 -26.88 9.49
CA GLU I 55 47.37 -27.54 8.46
C GLU I 55 47.60 -26.82 7.13
N ASN I 56 47.54 -27.60 6.04
CA ASN I 56 47.80 -27.03 4.73
C ASN I 56 46.63 -26.19 4.22
N THR I 57 45.40 -26.56 4.56
CA THR I 57 44.27 -25.68 4.30
C THR I 57 44.41 -24.41 5.12
N GLN I 58 43.89 -23.30 4.58
CA GLN I 58 43.96 -22.03 5.31
C GLN I 58 43.39 -22.19 6.71
N GLY I 59 42.23 -22.85 6.81
CA GLY I 59 41.64 -23.27 8.07
C GLY I 59 41.71 -22.35 9.26
N CYS I 60 42.37 -22.82 10.32
CA CYS I 60 42.41 -22.16 11.63
C CYS I 60 43.37 -20.96 11.60
N MET I 61 43.10 -20.02 10.69
CA MET I 61 43.91 -18.81 10.66
C MET I 61 43.34 -17.67 11.48
N CYS I 62 42.03 -17.62 11.69
CA CYS I 62 41.45 -16.56 12.50
C CYS I 62 41.87 -16.69 13.96
N GLU I 63 41.85 -17.91 14.49
CA GLU I 63 42.23 -18.12 15.89
C GLU I 63 43.70 -17.79 16.12
N ALA I 64 44.56 -18.11 15.15
CA ALA I 64 45.97 -17.77 15.29
C ALA I 64 46.16 -16.26 15.37
N LEU I 65 45.45 -15.50 14.55
CA LEU I 65 45.51 -14.05 14.63
C LEU I 65 44.84 -13.55 15.91
N GLN I 66 43.83 -14.27 16.39
CA GLN I 66 43.17 -13.91 17.64
C GLN I 66 44.10 -14.08 18.84
N GLN I 67 45.09 -14.97 18.72
CA GLN I 67 46.02 -15.22 19.82
C GLN I 67 46.92 -14.03 20.11
N ILE I 68 47.03 -13.10 19.17
CA ILE I 68 47.85 -11.90 19.40
C ILE I 68 47.29 -11.09 20.55
N MET I 69 45.97 -10.93 20.60
CA MET I 69 45.32 -10.21 21.69
C MET I 69 45.39 -11.01 22.99
N GLN I 84 45.94 0.12 15.59
CA GLN I 84 46.90 0.99 14.90
C GLN I 84 47.68 0.21 13.84
N PHE I 85 48.17 -0.96 14.22
CA PHE I 85 48.93 -1.81 13.32
C PHE I 85 48.08 -2.96 12.76
N LYS I 86 46.76 -2.82 12.78
CA LYS I 86 45.89 -3.86 12.27
C LYS I 86 45.95 -3.97 10.76
N ARG I 87 46.32 -2.89 10.07
CA ARG I 87 46.36 -2.91 8.61
C ARG I 87 47.38 -3.93 8.12
N GLU I 88 48.62 -3.85 8.61
CA GLU I 88 49.62 -4.85 8.24
C GLU I 88 49.34 -6.19 8.92
N LEU I 89 48.65 -6.17 10.06
CA LEU I 89 48.23 -7.42 10.69
C LEU I 89 47.23 -8.15 9.81
N MET I 90 46.29 -7.40 9.21
CA MET I 90 45.38 -8.01 8.24
C MET I 90 46.12 -8.45 6.99
N SER I 91 47.24 -7.82 6.69
CA SER I 91 48.08 -8.21 5.55
C SER I 91 49.04 -9.34 5.90
N LEU I 92 49.10 -9.73 7.17
CA LEU I 92 49.95 -10.87 7.55
C LEU I 92 49.57 -12.15 6.83
N PRO I 93 48.30 -12.52 6.67
CA PRO I 93 47.99 -13.69 5.83
C PRO I 93 48.52 -13.58 4.42
N GLN I 94 48.53 -12.38 3.85
CA GLN I 94 49.10 -12.16 2.53
C GLN I 94 50.62 -12.28 2.58
N GLN I 95 51.25 -12.16 1.41
CA GLN I 95 52.69 -12.26 1.25
C GLN I 95 53.23 -13.65 1.59
N CYS I 96 52.33 -14.58 1.91
CA CYS I 96 52.74 -15.95 2.25
C CYS I 96 52.42 -16.90 1.10
N ALA I 100 43.18 -14.58 3.26
CA ALA I 100 42.84 -14.02 4.57
C ALA I 100 41.60 -14.71 5.14
N PRO I 101 41.59 -14.94 6.45
CA PRO I 101 40.43 -15.59 7.07
C PRO I 101 39.21 -14.68 7.08
N GLN I 102 38.05 -15.30 7.26
CA GLN I 102 36.76 -14.62 7.19
C GLN I 102 36.11 -14.54 8.57
N ARG I 103 35.37 -13.45 8.79
CA ARG I 103 34.61 -13.22 10.01
C ARG I 103 35.51 -13.25 11.26
N CYS I 104 36.33 -12.22 11.38
CA CYS I 104 37.15 -12.00 12.55
C CYS I 104 36.86 -10.61 13.09
N ASP I 105 36.78 -10.50 14.42
CA ASP I 105 36.48 -9.24 15.09
C ASP I 105 37.39 -9.05 16.29
N LEU I 106 38.07 -7.91 16.35
CA LEU I 106 38.96 -7.60 17.46
C LEU I 106 38.17 -7.05 18.65
#